data_1MHS
#
_entry.id   1MHS
#
_cell.length_a   167.000
_cell.length_b   167.000
_cell.length_c   250.000
_cell.angle_alpha   90.00
_cell.angle_beta   90.00
_cell.angle_gamma   120.00
#
_symmetry.space_group_name_H-M   'P 3 2 1'
#
_entity_poly.entity_id   1
_entity_poly.type   'polypeptide(L)'
_entity_poly.pdbx_seq_one_letter_code
;MADHSASGAPALSTNIESGKFDEKAAEAAAYQPKPKVEDDEDEDIDALIEDLESHDGHDAEEEEEEATPGGGRVVPEDML
QTDTRVGLTSEEVVQRRRKYGLNQMKEEKENHFLKFLGFFVGPIQFVMEGAAVLAAGLEDWVDFGVICGLLLLNAVVGFV
QEFQAGSIVDELKKTLALKAVVLRDGTLKEIEAPEVVPGDILQVEEGTIIPADGRIVTDDAFLQVDQSALTGESLAVDKH
KGDQVFASSAVKRGEAFVVITATGDNTFVGRAAALVNAASGGSGHFTEVLNGIGTILLILVIFTLLIVWVSSFYRSNPIV
QILEFTLAITIIGVPVGLPAVVTTTMAVGAAYLAKKKAIVQKLSAIESLAGVEILCSDKTGTLTKNKLSLHDPYTVAGVD
PEDLMLTACLAASRKKKGIDAIDKAFLKSLKYYPRAKSVLSKYKVLQFHPFDPVSKKVVAVVESPQGERITCVKGAPLFV
LKTVEEDHPIPEEVDQAYKNKVAEFATRGFRSLGVARKRGEGSWEILGIMPCMDPPRHDTYKTVCEAKTLGLSIKMLTGD
AVGIARETSRQLGLGTNIYNAERLGLGGGGDMPGSEVYDFVEAADGFAEVFPQHKYNVVEILQQRGYLVAMTGDGVNDAP
SLKKADTGIAVEGSSDAARSAADIVFLAPGLGAIIDALKTSRQIFHRMYAYVVYRIALSIHLEIFLGLWIAILNRSLNIE
LVVFIAIFADVATLAIAYDNAPYSQTPVKWNLPKLWGMSVLLGVVLAVGTWITVTTMYAQGENGGIVQNFGNMDEVLFLQ
ISLTENWLIFITRANGPFWSSIPSWQLSGAIFLVDILATCFTIWGWFEHSDTSIVAVVRIWIFSFGIFCIMGGVYYILQD
SVGFDNLMHGKSPKGNQKQRSLEDFVVSLQRVSTQHEKSQ
;
_entity_poly.pdbx_strand_id   A,B
#
# COMPACT_ATOMS: atom_id res chain seq x y z
N MET A 1 -20.56 6.24 -43.43
CA MET A 1 -20.00 7.28 -44.30
C MET A 1 -20.55 8.68 -43.93
N ALA A 2 -21.40 9.19 -44.79
CA ALA A 2 -21.92 10.57 -44.71
C ALA A 2 -22.32 10.99 -43.29
N ASP A 3 -22.22 10.06 -42.37
CA ASP A 3 -22.57 10.32 -40.97
C ASP A 3 -21.45 11.07 -40.28
N HIS A 4 -20.36 10.35 -40.26
CA HIS A 4 -19.10 10.73 -39.64
C HIS A 4 -18.46 11.97 -40.27
N SER A 5 -18.29 11.91 -41.58
CA SER A 5 -17.66 13.00 -42.34
C SER A 5 -18.13 14.35 -41.80
N ALA A 6 -19.39 14.29 -41.41
CA ALA A 6 -20.14 15.43 -40.89
C ALA A 6 -19.86 15.64 -39.40
N SER A 7 -19.35 14.60 -38.78
CA SER A 7 -19.01 14.63 -37.35
C SER A 7 -17.60 15.17 -37.17
N GLY A 8 -16.74 14.66 -38.04
CA GLY A 8 -15.33 15.03 -38.07
C GLY A 8 -15.17 16.52 -38.37
N ALA A 9 -15.85 16.94 -39.41
CA ALA A 9 -15.83 18.34 -39.85
C ALA A 9 -16.12 19.25 -38.65
N PRO A 10 -17.31 19.11 -38.08
CA PRO A 10 -17.78 19.94 -36.98
C PRO A 10 -17.03 19.82 -35.65
N ALA A 11 -15.92 19.11 -35.54
CA ALA A 11 -15.26 19.00 -34.21
C ALA A 11 -13.73 19.07 -34.29
N LEU A 12 -13.14 18.78 -33.14
CA LEU A 12 -11.68 18.71 -32.95
C LEU A 12 -11.06 20.09 -32.61
N SER A 13 -10.43 20.06 -31.44
CA SER A 13 -9.69 21.16 -30.79
C SER A 13 -8.89 20.54 -29.62
N THR A 14 -7.77 19.95 -30.00
CA THR A 14 -6.88 19.15 -29.13
C THR A 14 -6.45 19.83 -27.82
N ASN A 15 -5.94 21.02 -27.89
CA ASN A 15 -5.43 21.68 -26.68
C ASN A 15 -6.28 22.86 -26.25
N ILE A 16 -7.06 22.54 -25.22
CA ILE A 16 -7.94 23.52 -24.57
C ILE A 16 -7.42 24.90 -24.85
N GLU A 17 -6.10 24.93 -24.91
CA GLU A 17 -5.32 26.14 -25.15
C GLU A 17 -4.33 26.37 -24.02
N SER A 18 -3.07 26.13 -24.33
CA SER A 18 -1.97 26.35 -23.38
C SER A 18 -1.75 27.87 -23.21
N GLY A 19 -2.62 28.48 -22.41
CA GLY A 19 -2.60 29.96 -22.16
C GLY A 19 -2.49 30.29 -20.65
N LYS A 20 -1.26 30.64 -20.31
CA LYS A 20 -0.74 30.90 -18.95
C LYS A 20 -1.56 31.85 -18.05
N PHE A 21 -1.16 31.73 -16.78
CA PHE A 21 -1.67 32.46 -15.62
C PHE A 21 -1.07 33.87 -15.58
N ASP A 22 -0.79 34.35 -16.78
CA ASP A 22 -0.17 35.68 -16.97
C ASP A 22 -1.23 36.78 -17.08
N GLU A 23 -1.78 36.90 -18.27
CA GLU A 23 -2.81 37.93 -18.58
C GLU A 23 -3.54 38.35 -17.31
N LYS A 24 -3.61 37.41 -16.38
CA LYS A 24 -4.29 37.60 -15.09
C LYS A 24 -3.52 38.58 -14.20
N ALA A 25 -2.21 38.37 -14.18
CA ALA A 25 -1.28 39.18 -13.38
C ALA A 25 -1.37 40.66 -13.77
N ALA A 26 -1.39 40.88 -15.08
CA ALA A 26 -1.44 42.23 -15.67
C ALA A 26 -2.81 42.89 -15.44
N GLU A 27 -3.84 42.11 -15.66
CA GLU A 27 -5.25 42.57 -15.58
C GLU A 27 -5.59 42.94 -14.13
N ALA A 28 -5.31 42.03 -13.23
CA ALA A 28 -5.63 42.15 -11.80
C ALA A 28 -4.96 43.38 -11.12
N ALA A 29 -3.89 43.85 -11.72
CA ALA A 29 -3.14 44.99 -11.16
C ALA A 29 -3.66 46.33 -11.74
N ALA A 30 -4.98 46.47 -11.64
CA ALA A 30 -5.71 47.66 -12.10
C ALA A 30 -7.25 47.44 -11.98
N TYR A 31 -7.61 46.28 -11.40
CA TYR A 31 -9.04 45.80 -11.27
C TYR A 31 -9.73 46.24 -9.95
N GLN A 32 -11.02 46.47 -10.15
CA GLN A 32 -11.97 46.99 -9.15
C GLN A 32 -12.11 48.51 -9.43
N PRO A 33 -10.99 49.26 -9.29
CA PRO A 33 -10.88 50.75 -9.50
C PRO A 33 -10.76 51.25 -10.92
N LYS A 34 -10.24 52.53 -10.95
CA LYS A 34 -9.65 53.31 -12.04
C LYS A 34 -10.75 54.04 -12.79
N PRO A 35 -10.91 53.75 -14.17
CA PRO A 35 -11.61 54.50 -15.18
C PRO A 35 -13.05 54.60 -14.81
N LYS A 36 -13.92 53.84 -15.63
CA LYS A 36 -15.39 53.79 -15.49
C LYS A 36 -15.92 55.16 -14.99
N VAL A 37 -16.13 56.05 -15.98
CA VAL A 37 -16.56 57.47 -15.78
C VAL A 37 -18.04 57.58 -15.36
N GLU A 38 -18.28 57.16 -14.16
CA GLU A 38 -19.59 57.18 -13.51
C GLU A 38 -19.45 56.51 -12.15
N ASP A 39 -19.63 57.32 -11.14
CA ASP A 39 -19.49 56.87 -9.74
C ASP A 39 -20.69 57.32 -8.90
N ASP A 40 -21.84 56.89 -9.35
CA ASP A 40 -23.11 57.18 -8.66
C ASP A 40 -23.22 56.30 -7.44
N GLU A 41 -24.26 56.57 -6.67
CA GLU A 41 -24.55 55.80 -5.47
C GLU A 41 -24.96 54.41 -5.88
N ASP A 42 -24.55 53.51 -5.07
CA ASP A 42 -24.82 52.12 -5.32
C ASP A 42 -26.32 51.90 -5.53
N GLU A 43 -27.12 52.73 -4.88
CA GLU A 43 -28.58 52.64 -4.94
C GLU A 43 -29.08 52.74 -6.38
N ASP A 44 -28.65 53.80 -7.03
CA ASP A 44 -29.03 54.12 -8.42
C ASP A 44 -28.57 53.01 -9.38
N ILE A 45 -27.48 52.35 -9.00
CA ILE A 45 -26.90 51.27 -9.82
C ILE A 45 -27.88 50.10 -9.96
N ASP A 46 -28.38 49.65 -8.82
CA ASP A 46 -29.33 48.53 -8.78
C ASP A 46 -30.60 48.87 -9.55
N ALA A 47 -31.12 50.05 -9.26
CA ALA A 47 -32.34 50.56 -9.89
C ALA A 47 -32.16 50.61 -11.41
N LEU A 48 -30.95 50.96 -11.79
CA LEU A 48 -30.56 51.09 -13.21
C LEU A 48 -30.68 49.75 -13.94
N ILE A 49 -30.37 48.70 -13.21
CA ILE A 49 -30.40 47.32 -13.74
C ILE A 49 -31.84 46.90 -14.02
N GLU A 50 -32.68 47.14 -13.03
CA GLU A 50 -34.11 46.78 -13.09
C GLU A 50 -34.87 47.73 -14.03
N ASP A 51 -34.20 48.82 -14.36
CA ASP A 51 -34.75 49.86 -15.23
C ASP A 51 -34.27 49.68 -16.67
N LEU A 52 -33.20 48.93 -16.79
CA LEU A 52 -32.56 48.66 -18.09
C LEU A 52 -33.22 47.44 -18.74
N GLU A 53 -33.30 46.38 -17.96
CA GLU A 53 -33.87 45.10 -18.39
C GLU A 53 -35.31 45.27 -18.85
N SER A 54 -35.43 45.55 -20.12
CA SER A 54 -36.74 45.74 -20.74
C SER A 54 -36.92 47.19 -21.21
N HIS A 55 -37.31 47.96 -20.24
CA HIS A 55 -37.64 49.40 -20.28
C HIS A 55 -37.15 50.19 -21.53
N ASP A 56 -38.04 51.16 -21.86
CA ASP A 56 -37.92 52.14 -22.98
C ASP A 56 -36.46 52.63 -23.09
N GLY A 57 -36.15 53.57 -23.98
CA GLY A 57 -34.70 53.87 -24.21
C GLY A 57 -34.28 55.35 -24.19
N HIS A 58 -33.78 55.74 -23.03
CA HIS A 58 -33.25 57.09 -22.80
C HIS A 58 -31.78 57.13 -23.24
N ASP A 59 -31.35 58.35 -23.53
CA ASP A 59 -29.98 58.63 -24.00
C ASP A 59 -29.00 58.65 -22.83
N ALA A 60 -27.85 58.04 -23.08
CA ALA A 60 -26.79 57.91 -22.08
C ALA A 60 -25.47 58.54 -22.57
N GLU A 61 -25.45 58.89 -23.83
CA GLU A 61 -24.28 59.52 -24.47
C GLU A 61 -23.10 58.55 -24.53
N GLU A 62 -23.43 57.29 -24.65
CA GLU A 62 -22.42 56.23 -24.74
C GLU A 62 -22.83 55.14 -25.72
N GLU A 63 -21.80 54.54 -26.28
CA GLU A 63 -21.97 53.36 -27.12
C GLU A 63 -22.30 52.19 -26.17
N GLU A 64 -23.31 51.40 -26.52
CA GLU A 64 -23.73 50.25 -25.69
C GLU A 64 -25.21 49.93 -25.86
N GLU A 65 -25.80 49.91 -24.69
CA GLU A 65 -27.22 49.70 -24.36
C GLU A 65 -28.09 48.93 -25.36
N GLU A 66 -27.58 47.85 -25.87
CA GLU A 66 -28.39 46.99 -26.71
C GLU A 66 -28.19 45.57 -26.18
N ALA A 67 -29.15 45.21 -25.39
CA ALA A 67 -29.22 43.94 -24.69
C ALA A 67 -30.50 43.96 -23.91
N THR A 68 -30.85 45.20 -23.60
CA THR A 68 -32.09 45.51 -22.89
C THR A 68 -33.25 45.08 -23.76
N PRO A 69 -33.21 45.39 -25.07
CA PRO A 69 -34.29 45.03 -25.99
C PRO A 69 -34.48 43.54 -26.07
N GLY A 70 -33.51 42.81 -25.55
CA GLY A 70 -33.51 41.33 -25.59
C GLY A 70 -34.53 40.71 -24.61
N GLY A 71 -34.59 41.28 -23.42
CA GLY A 71 -35.47 40.76 -22.36
C GLY A 71 -36.67 41.69 -22.10
N GLY A 72 -36.85 42.65 -22.98
CA GLY A 72 -37.97 43.62 -22.86
C GLY A 72 -39.01 43.39 -23.94
N ARG A 73 -38.54 42.82 -25.02
CA ARG A 73 -39.35 42.51 -26.20
C ARG A 73 -38.72 41.35 -26.94
N VAL A 74 -39.48 40.73 -27.80
CA VAL A 74 -38.97 39.63 -28.60
C VAL A 74 -37.54 39.87 -28.92
N VAL A 75 -37.41 40.74 -29.85
CA VAL A 75 -36.14 41.08 -30.39
C VAL A 75 -35.91 40.21 -31.62
N PRO A 76 -36.95 39.51 -32.09
CA PRO A 76 -36.84 38.68 -33.28
C PRO A 76 -36.55 39.55 -34.47
N GLU A 77 -37.64 40.09 -34.99
CA GLU A 77 -37.62 41.03 -36.11
C GLU A 77 -36.39 41.98 -35.89
N ASP A 78 -36.47 42.82 -34.83
CA ASP A 78 -35.36 43.75 -34.42
C ASP A 78 -34.36 42.91 -33.60
N MET A 79 -33.24 42.76 -34.21
CA MET A 79 -32.07 42.01 -33.71
C MET A 79 -31.09 42.22 -34.83
N LEU A 80 -31.75 42.22 -36.00
CA LEU A 80 -31.18 42.55 -37.29
C LEU A 80 -31.25 44.07 -37.37
N GLN A 81 -32.18 44.52 -36.52
CA GLN A 81 -32.44 45.93 -36.26
C GLN A 81 -31.22 46.47 -35.54
N THR A 82 -31.22 46.35 -34.21
CA THR A 82 -30.02 46.76 -33.48
C THR A 82 -28.87 46.72 -34.51
N ASP A 83 -28.71 45.55 -35.14
CA ASP A 83 -27.63 45.32 -36.14
C ASP A 83 -26.54 44.51 -35.44
N THR A 84 -25.49 44.08 -36.13
CA THR A 84 -24.54 43.17 -35.44
C THR A 84 -23.21 43.79 -34.93
N ARG A 85 -22.26 43.63 -35.81
CA ARG A 85 -20.82 43.99 -35.71
C ARG A 85 -20.31 44.65 -34.44
N VAL A 86 -19.31 43.97 -33.92
CA VAL A 86 -18.56 44.41 -32.75
C VAL A 86 -17.60 43.35 -32.27
N GLY A 87 -16.48 43.88 -31.88
CA GLY A 87 -15.37 43.13 -31.33
C GLY A 87 -14.77 43.97 -30.21
N LEU A 88 -13.92 43.32 -29.45
CA LEU A 88 -13.23 43.94 -28.33
C LEU A 88 -11.94 44.60 -28.83
N THR A 89 -11.14 44.98 -27.85
CA THR A 89 -9.85 45.62 -28.10
C THR A 89 -8.85 45.20 -27.02
N SER A 90 -9.01 43.96 -26.60
CA SER A 90 -8.17 43.39 -25.55
C SER A 90 -8.46 44.10 -24.23
N GLU A 91 -8.65 45.40 -24.38
CA GLU A 91 -8.97 46.30 -23.27
C GLU A 91 -10.28 45.89 -22.63
N GLU A 92 -11.31 45.97 -23.46
CA GLU A 92 -12.70 45.65 -23.08
C GLU A 92 -12.78 44.35 -22.27
N VAL A 93 -12.00 43.37 -22.70
CA VAL A 93 -11.98 42.04 -22.06
C VAL A 93 -11.55 42.14 -20.59
N VAL A 94 -10.48 42.88 -20.39
CA VAL A 94 -9.87 43.07 -19.05
C VAL A 94 -10.87 43.70 -18.07
N GLN A 95 -11.69 44.59 -18.60
CA GLN A 95 -12.69 45.33 -17.81
C GLN A 95 -13.96 44.49 -17.63
N ARG A 96 -14.49 44.02 -18.74
CA ARG A 96 -15.71 43.20 -18.75
C ARG A 96 -15.57 42.05 -17.75
N ARG A 97 -14.40 41.46 -17.76
CA ARG A 97 -14.05 40.34 -16.89
C ARG A 97 -14.23 40.74 -15.42
N ARG A 98 -13.64 41.87 -15.11
CA ARG A 98 -13.61 42.44 -13.76
C ARG A 98 -15.03 42.74 -13.23
N LYS A 99 -15.93 43.07 -14.13
CA LYS A 99 -17.31 43.44 -13.75
C LYS A 99 -18.31 42.30 -14.01
N TYR A 100 -18.04 41.51 -15.03
CA TYR A 100 -18.89 40.36 -15.39
C TYR A 100 -18.24 39.07 -14.89
N GLY A 101 -17.03 38.86 -15.39
CA GLY A 101 -16.20 37.72 -15.02
C GLY A 101 -16.74 36.38 -15.54
N LEU A 102 -17.43 35.68 -14.65
CA LEU A 102 -17.96 34.32 -14.91
C LEU A 102 -19.51 34.32 -15.07
N ASN A 103 -19.95 35.00 -16.13
CA ASN A 103 -21.38 35.20 -16.58
C ASN A 103 -22.46 34.50 -15.72
N GLN A 104 -22.33 34.72 -14.45
CA GLN A 104 -23.27 34.27 -13.42
C GLN A 104 -22.84 35.07 -12.23
N MET A 105 -23.74 35.66 -11.52
CA MET A 105 -23.31 36.48 -10.41
C MET A 105 -23.23 35.64 -9.15
N LYS A 106 -22.07 35.76 -8.55
CA LYS A 106 -21.75 35.10 -7.29
C LYS A 106 -21.69 36.15 -6.20
N GLU A 107 -22.17 35.75 -5.05
CA GLU A 107 -22.17 36.62 -3.89
C GLU A 107 -21.02 36.28 -2.98
N GLU A 108 -20.33 37.32 -2.61
CA GLU A 108 -19.23 37.24 -1.68
C GLU A 108 -19.63 38.05 -0.48
N LYS A 109 -19.76 37.37 0.61
CA LYS A 109 -20.17 38.02 1.83
C LYS A 109 -19.35 37.51 2.98
N GLU A 110 -19.34 38.38 3.96
CA GLU A 110 -18.67 38.12 5.21
C GLU A 110 -19.74 37.87 6.25
N ASN A 111 -19.57 36.76 6.90
CA ASN A 111 -20.47 36.34 7.95
C ASN A 111 -20.17 37.17 9.20
N HIS A 112 -19.40 38.24 9.02
CA HIS A 112 -19.06 39.14 10.12
C HIS A 112 -17.56 39.52 10.13
N PHE A 113 -16.77 38.47 10.09
CA PHE A 113 -15.29 38.51 10.10
C PHE A 113 -14.71 39.95 10.04
N LEU A 114 -14.97 40.61 8.93
CA LEU A 114 -14.43 41.95 8.64
C LEU A 114 -14.81 43.03 9.68
N LYS A 115 -15.98 42.90 10.28
CA LYS A 115 -16.49 43.94 11.20
C LYS A 115 -16.38 43.58 12.69
N PHE A 116 -17.00 42.49 13.08
CA PHE A 116 -17.03 42.07 14.51
C PHE A 116 -15.63 41.78 15.05
N LEU A 117 -14.71 41.54 14.14
CA LEU A 117 -13.31 41.27 14.46
C LEU A 117 -12.45 42.32 13.77
N GLY A 118 -12.76 42.47 12.51
CA GLY A 118 -12.10 43.40 11.61
C GLY A 118 -11.59 44.63 12.37
N PHE A 119 -12.38 45.68 12.29
CA PHE A 119 -12.03 46.97 12.90
C PHE A 119 -12.73 47.18 14.25
N PHE A 120 -12.93 46.09 14.96
CA PHE A 120 -13.45 46.15 16.32
C PHE A 120 -12.24 46.22 17.23
N VAL A 121 -11.21 45.60 16.69
CA VAL A 121 -9.88 45.54 17.29
C VAL A 121 -9.18 46.87 17.03
N GLY A 122 -9.38 47.34 15.81
CA GLY A 122 -8.81 48.59 15.36
C GLY A 122 -9.19 49.71 16.35
N PRO A 123 -10.46 49.77 16.79
CA PRO A 123 -10.89 50.80 17.72
C PRO A 123 -10.15 50.75 19.04
N ILE A 124 -9.98 49.53 19.56
CA ILE A 124 -9.32 49.31 20.86
C ILE A 124 -7.96 50.01 20.89
N GLN A 125 -7.23 49.83 19.81
CA GLN A 125 -5.89 50.41 19.65
C GLN A 125 -5.97 51.94 19.61
N PHE A 126 -7.08 52.41 19.08
CA PHE A 126 -7.33 53.85 18.93
C PHE A 126 -7.66 54.49 20.27
N VAL A 127 -8.42 53.77 21.07
CA VAL A 127 -8.81 54.25 22.40
C VAL A 127 -7.65 54.09 23.37
N MET A 128 -6.72 53.25 22.94
CA MET A 128 -5.48 52.98 23.70
C MET A 128 -4.61 54.24 23.66
N GLU A 129 -4.60 54.81 22.48
CA GLU A 129 -3.86 56.05 22.19
C GLU A 129 -4.55 57.21 22.90
N GLY A 130 -5.88 57.15 22.86
CA GLY A 130 -6.75 58.15 23.49
C GLY A 130 -6.41 58.24 24.97
N ALA A 131 -6.30 57.07 25.57
CA ALA A 131 -5.98 56.93 27.00
C ALA A 131 -4.57 57.45 27.26
N ALA A 132 -3.72 57.19 26.28
CA ALA A 132 -2.31 57.58 26.32
C ALA A 132 -2.17 59.12 26.36
N VAL A 133 -2.94 59.76 25.51
CA VAL A 133 -2.93 61.23 25.37
C VAL A 133 -3.80 61.90 26.44
N LEU A 134 -4.65 61.09 27.05
CA LEU A 134 -5.58 61.57 28.09
C LEU A 134 -4.84 61.85 29.39
N ALA A 135 -3.82 61.04 29.61
CA ALA A 135 -3.00 61.10 30.82
C ALA A 135 -1.91 62.17 30.72
N ALA A 136 -2.35 63.39 30.92
CA ALA A 136 -1.46 64.55 30.94
C ALA A 136 -0.98 64.76 32.38
N GLY A 137 0.29 64.50 32.58
CA GLY A 137 0.92 64.60 33.89
C GLY A 137 1.27 63.21 34.41
N LEU A 138 0.93 62.22 33.59
CA LEU A 138 1.22 60.81 33.91
C LEU A 138 2.73 60.64 34.01
N GLU A 139 3.12 59.75 34.89
CA GLU A 139 4.54 59.48 35.15
C GLU A 139 5.07 58.38 34.23
N ASP A 140 4.18 57.86 33.40
CA ASP A 140 4.53 56.84 32.40
C ASP A 140 5.15 57.57 31.20
N TRP A 141 6.42 57.30 30.97
CA TRP A 141 7.16 58.02 29.92
C TRP A 141 7.27 57.21 28.61
N VAL A 142 6.38 57.61 27.70
CA VAL A 142 6.26 57.12 26.30
C VAL A 142 5.37 55.88 26.13
N ASP A 143 4.66 55.50 27.17
CA ASP A 143 3.77 54.32 27.09
C ASP A 143 2.79 54.49 25.94
N PHE A 144 2.23 55.69 25.86
CA PHE A 144 1.27 56.05 24.81
C PHE A 144 1.86 55.73 23.44
N GLY A 145 3.11 56.11 23.32
CA GLY A 145 3.89 55.93 22.07
C GLY A 145 4.07 54.45 21.76
N VAL A 146 4.46 53.70 22.78
CA VAL A 146 4.72 52.26 22.65
C VAL A 146 3.46 51.52 22.14
N ILE A 147 2.35 51.77 22.82
CA ILE A 147 1.07 51.13 22.47
C ILE A 147 0.69 51.50 21.03
N CYS A 148 0.85 52.77 20.72
CA CYS A 148 0.56 53.28 19.37
C CYS A 148 1.42 52.52 18.36
N GLY A 149 2.65 52.31 18.79
CA GLY A 149 3.67 51.61 17.99
C GLY A 149 3.21 50.17 17.71
N LEU A 150 2.88 49.49 18.79
CA LEU A 150 2.42 48.09 18.72
C LEU A 150 1.17 47.97 17.86
N LEU A 151 0.19 48.80 18.19
CA LEU A 151 -1.09 48.84 17.49
C LEU A 151 -0.87 48.94 15.98
N LEU A 152 0.18 49.66 15.61
CA LEU A 152 0.54 49.85 14.20
C LEU A 152 0.94 48.51 13.59
N LEU A 153 1.75 47.80 14.35
CA LEU A 153 2.27 46.48 13.96
C LEU A 153 1.11 45.52 13.74
N ASN A 154 0.20 45.51 14.70
CA ASN A 154 -0.99 44.64 14.65
C ASN A 154 -1.74 44.88 13.34
N ALA A 155 -1.86 46.16 13.01
CA ALA A 155 -2.53 46.61 11.79
C ALA A 155 -1.78 46.08 10.57
N VAL A 156 -0.54 46.54 10.43
CA VAL A 156 0.32 46.12 9.32
C VAL A 156 -0.08 44.74 8.89
N VAL A 157 -0.27 43.94 9.92
CA VAL A 157 -0.71 42.56 9.78
C VAL A 157 -2.15 42.57 9.28
N GLY A 158 -2.91 43.49 9.86
CA GLY A 158 -4.33 43.68 9.54
C GLY A 158 -4.53 43.78 8.03
N PHE A 159 -3.90 44.79 7.46
CA PHE A 159 -3.99 45.08 6.01
C PHE A 159 -3.40 43.94 5.19
N VAL A 160 -2.21 43.53 5.56
CA VAL A 160 -1.48 42.45 4.86
C VAL A 160 -2.39 41.23 4.67
N GLN A 161 -3.01 40.83 5.76
CA GLN A 161 -3.90 39.65 5.80
C GLN A 161 -5.06 39.80 4.81
N GLU A 162 -5.55 41.03 4.69
CA GLU A 162 -6.74 41.37 3.86
C GLU A 162 -6.42 41.63 2.37
N PHE A 163 -5.17 41.98 2.09
CA PHE A 163 -4.74 42.45 0.74
C PHE A 163 -4.52 41.35 -0.34
N GLN A 164 -3.90 40.26 0.02
CA GLN A 164 -3.50 39.18 -0.94
C GLN A 164 -4.68 38.49 -1.67
N ALA A 165 -5.78 38.29 -0.96
CA ALA A 165 -6.97 37.59 -1.50
C ALA A 165 -7.62 38.38 -2.65
N GLY A 166 -7.54 39.69 -2.54
CA GLY A 166 -8.12 40.61 -3.54
C GLY A 166 -7.43 40.45 -4.89
N SER A 167 -6.12 40.45 -4.84
CA SER A 167 -5.26 40.32 -6.03
C SER A 167 -5.38 38.92 -6.63
N ILE A 168 -5.63 37.96 -5.76
CA ILE A 168 -5.74 36.54 -6.14
C ILE A 168 -6.90 36.32 -7.13
N VAL A 169 -7.97 37.06 -6.92
CA VAL A 169 -9.18 36.95 -7.76
C VAL A 169 -8.92 37.48 -9.18
N ASP A 170 -8.08 38.49 -9.26
CA ASP A 170 -7.73 39.11 -10.55
C ASP A 170 -7.02 38.08 -11.44
N GLU A 171 -6.26 37.24 -10.79
CA GLU A 171 -5.43 36.20 -11.44
C GLU A 171 -6.25 34.96 -11.84
N LEU A 172 -7.55 35.00 -11.57
CA LEU A 172 -8.44 33.88 -11.88
C LEU A 172 -9.12 34.07 -13.25
N LYS A 173 -9.01 35.28 -13.74
CA LYS A 173 -9.55 35.63 -15.05
C LYS A 173 -8.74 34.96 -16.13
N LYS A 174 -9.37 34.62 -17.22
CA LYS A 174 -8.60 34.12 -18.34
C LYS A 174 -8.38 32.60 -18.30
N THR A 175 -9.18 31.87 -17.54
CA THR A 175 -9.01 30.39 -17.46
C THR A 175 -9.84 29.70 -18.56
N LEU A 176 -9.74 28.36 -18.60
CA LEU A 176 -10.42 27.52 -19.63
C LEU A 176 -11.27 26.39 -19.00
N ALA A 177 -12.61 26.58 -19.09
CA ALA A 177 -13.62 25.61 -18.55
C ALA A 177 -14.56 25.14 -19.67
N LEU A 178 -15.83 25.53 -19.64
CA LEU A 178 -16.72 25.09 -20.73
C LEU A 178 -17.93 25.94 -20.97
N LYS A 179 -18.25 25.87 -22.22
CA LYS A 179 -19.34 26.56 -22.83
C LYS A 179 -18.76 27.76 -23.53
N ALA A 180 -18.47 27.51 -24.80
CA ALA A 180 -17.94 28.54 -25.69
C ALA A 180 -16.83 27.99 -26.58
N VAL A 181 -17.20 27.84 -27.84
CA VAL A 181 -16.27 27.42 -28.91
C VAL A 181 -15.97 28.64 -29.76
N VAL A 182 -14.70 28.81 -30.05
CA VAL A 182 -14.24 29.96 -30.82
C VAL A 182 -13.17 29.54 -31.82
N LEU A 183 -13.00 30.41 -32.79
CA LEU A 183 -12.01 30.24 -33.86
C LEU A 183 -10.79 31.11 -33.58
N ARG A 184 -9.69 30.41 -33.36
CA ARG A 184 -8.39 31.02 -33.07
C ARG A 184 -7.32 30.27 -33.86
N ASP A 185 -7.11 29.03 -33.43
CA ASP A 185 -6.15 28.14 -34.09
C ASP A 185 -6.64 27.90 -35.53
N GLY A 186 -6.29 26.76 -36.07
CA GLY A 186 -6.67 26.39 -37.46
C GLY A 186 -8.04 25.70 -37.47
N THR A 187 -8.56 25.52 -36.28
CA THR A 187 -9.85 24.88 -36.06
C THR A 187 -10.60 25.55 -34.91
N LEU A 188 -11.90 25.34 -34.89
CA LEU A 188 -12.73 25.88 -33.81
C LEU A 188 -12.19 25.34 -32.49
N LYS A 189 -12.15 26.21 -31.51
CA LYS A 189 -11.64 25.85 -30.19
C LYS A 189 -12.62 26.28 -29.11
N GLU A 190 -12.52 25.57 -28.00
CA GLU A 190 -13.35 25.80 -26.81
C GLU A 190 -12.57 26.64 -25.81
N ILE A 191 -13.30 27.55 -25.19
CA ILE A 191 -12.76 28.47 -24.19
C ILE A 191 -13.90 28.99 -23.32
N GLU A 192 -13.53 29.47 -22.15
CA GLU A 192 -14.48 29.99 -21.16
C GLU A 192 -15.10 31.30 -21.66
N ALA A 193 -16.37 31.46 -21.30
CA ALA A 193 -17.16 32.65 -21.66
C ALA A 193 -16.41 33.90 -21.20
N PRO A 194 -15.92 33.95 -19.95
CA PRO A 194 -15.21 35.10 -19.45
C PRO A 194 -14.01 35.41 -20.30
N GLU A 195 -13.29 34.36 -20.66
CA GLU A 195 -12.11 34.51 -21.53
C GLU A 195 -12.60 34.81 -22.94
N VAL A 196 -13.68 34.16 -23.29
CA VAL A 196 -14.32 34.39 -24.58
C VAL A 196 -14.61 35.87 -24.65
N VAL A 197 -13.57 36.56 -25.04
CA VAL A 197 -13.62 38.00 -25.20
C VAL A 197 -14.37 38.32 -26.47
N PRO A 198 -14.98 39.49 -26.58
CA PRO A 198 -15.69 39.82 -27.79
C PRO A 198 -14.74 39.79 -28.96
N GLY A 199 -15.21 39.22 -30.06
CA GLY A 199 -14.40 39.16 -31.29
C GLY A 199 -14.28 37.73 -31.84
N ASP A 200 -13.84 36.83 -30.99
CA ASP A 200 -13.62 35.42 -31.38
C ASP A 200 -14.94 34.80 -31.86
N ILE A 201 -14.81 33.95 -32.86
CA ILE A 201 -15.93 33.27 -33.51
C ILE A 201 -16.43 32.10 -32.65
N LEU A 202 -17.68 32.23 -32.26
CA LEU A 202 -18.37 31.19 -31.48
C LEU A 202 -19.32 30.44 -32.39
N GLN A 203 -19.60 29.22 -31.99
CA GLN A 203 -20.50 28.35 -32.74
C GLN A 203 -21.52 27.72 -31.79
N VAL A 204 -22.75 28.13 -32.01
CA VAL A 204 -23.90 27.63 -31.25
C VAL A 204 -24.64 26.59 -32.06
N GLU A 205 -24.96 25.51 -31.41
CA GLU A 205 -25.68 24.40 -32.02
C GLU A 205 -26.99 24.15 -31.28
N GLU A 206 -27.56 23.00 -31.54
CA GLU A 206 -28.83 22.58 -30.94
C GLU A 206 -28.63 22.14 -29.49
N GLY A 207 -29.49 22.68 -28.64
CA GLY A 207 -29.54 22.35 -27.21
C GLY A 207 -28.52 23.15 -26.37
N THR A 208 -27.66 23.88 -27.05
CA THR A 208 -26.63 24.68 -26.36
C THR A 208 -27.21 25.99 -25.83
N ILE A 209 -26.48 26.55 -24.87
CA ILE A 209 -26.82 27.82 -24.23
C ILE A 209 -25.79 28.87 -24.66
N ILE A 210 -26.29 30.04 -24.98
CA ILE A 210 -25.46 31.17 -25.47
C ILE A 210 -24.51 31.66 -24.39
N PRO A 211 -23.20 31.37 -24.52
CA PRO A 211 -22.20 31.79 -23.54
C PRO A 211 -22.16 33.31 -23.36
N ALA A 212 -22.48 34.05 -24.42
CA ALA A 212 -22.47 35.53 -24.36
C ALA A 212 -23.27 36.12 -25.51
N ASP A 213 -23.49 37.42 -25.44
CA ASP A 213 -24.20 38.13 -26.51
C ASP A 213 -23.38 38.00 -27.78
N GLY A 214 -23.96 37.30 -28.73
CA GLY A 214 -23.30 37.05 -30.00
C GLY A 214 -24.17 37.52 -31.16
N ARG A 215 -23.50 38.19 -32.07
CA ARG A 215 -24.11 38.67 -33.31
C ARG A 215 -23.94 37.58 -34.35
N ILE A 216 -25.04 36.94 -34.65
CA ILE A 216 -25.06 35.83 -35.61
C ILE A 216 -24.52 36.27 -36.97
N VAL A 217 -23.75 35.37 -37.54
CA VAL A 217 -23.14 35.55 -38.85
C VAL A 217 -23.92 34.75 -39.89
N THR A 218 -24.26 33.51 -39.51
CA THR A 218 -25.03 32.62 -40.40
C THR A 218 -24.84 31.13 -40.05
N ASP A 219 -25.46 30.31 -40.88
CA ASP A 219 -25.40 28.84 -40.78
C ASP A 219 -26.71 28.18 -41.26
N ASP A 220 -27.10 27.14 -40.54
CA ASP A 220 -28.29 26.32 -40.85
C ASP A 220 -29.47 27.16 -41.35
N ALA A 221 -30.46 26.43 -41.82
CA ALA A 221 -31.70 27.00 -42.36
C ALA A 221 -32.29 27.99 -41.37
N PHE A 222 -33.02 27.43 -40.41
CA PHE A 222 -33.67 28.22 -39.37
C PHE A 222 -32.94 28.05 -38.04
N LEU A 223 -32.90 29.15 -37.34
CA LEU A 223 -32.28 29.25 -36.02
C LEU A 223 -33.35 29.68 -35.02
N GLN A 224 -33.73 28.72 -34.21
CA GLN A 224 -34.74 28.93 -33.16
C GLN A 224 -34.06 29.06 -31.81
N VAL A 225 -34.61 29.92 -30.99
CA VAL A 225 -34.08 30.18 -29.65
C VAL A 225 -35.22 30.55 -28.70
N ASP A 226 -35.02 30.16 -27.46
CA ASP A 226 -35.95 30.45 -26.37
C ASP A 226 -35.39 31.62 -25.55
N GLN A 227 -36.16 32.70 -25.55
CA GLN A 227 -35.79 33.95 -24.88
C GLN A 227 -36.52 34.11 -23.53
N SER A 228 -37.18 33.06 -23.12
CA SER A 228 -37.96 33.04 -21.87
C SER A 228 -37.16 33.59 -20.68
N ALA A 229 -36.02 32.99 -20.47
CA ALA A 229 -35.13 33.39 -19.39
C ALA A 229 -35.07 34.91 -19.25
N LEU A 230 -35.11 35.57 -20.40
CA LEU A 230 -35.03 37.04 -20.47
C LEU A 230 -36.42 37.66 -20.47
N THR A 231 -37.08 37.48 -21.58
CA THR A 231 -38.42 38.00 -21.77
C THR A 231 -39.44 37.01 -21.35
N GLY A 232 -40.36 36.88 -22.23
CA GLY A 232 -41.43 36.02 -22.00
C GLY A 232 -41.75 35.14 -23.21
N GLU A 233 -42.84 34.41 -23.05
CA GLU A 233 -43.35 33.47 -24.06
C GLU A 233 -42.25 32.47 -24.44
N SER A 234 -42.56 31.23 -24.16
CA SER A 234 -41.67 30.09 -24.41
C SER A 234 -41.56 29.80 -25.91
N LEU A 235 -42.30 30.57 -26.68
CA LEU A 235 -42.29 30.43 -28.14
C LEU A 235 -40.90 30.73 -28.66
N ALA A 236 -40.35 29.76 -29.36
CA ALA A 236 -39.02 29.90 -29.95
C ALA A 236 -39.03 31.10 -30.89
N VAL A 237 -37.89 31.74 -30.96
CA VAL A 237 -37.71 32.93 -31.80
C VAL A 237 -36.94 32.57 -33.05
N ASP A 238 -37.40 33.11 -34.15
CA ASP A 238 -36.72 32.90 -35.43
C ASP A 238 -35.79 34.06 -35.68
N LYS A 239 -34.56 33.82 -35.35
CA LYS A 239 -33.52 34.80 -35.56
C LYS A 239 -33.28 34.91 -37.06
N HIS A 240 -33.50 36.09 -37.57
CA HIS A 240 -33.23 36.36 -38.97
C HIS A 240 -31.80 36.91 -39.04
N LYS A 241 -31.33 37.06 -40.26
CA LYS A 241 -29.97 37.55 -40.58
C LYS A 241 -29.28 38.17 -39.37
N GLY A 242 -28.00 38.43 -39.56
CA GLY A 242 -27.18 39.03 -38.52
C GLY A 242 -28.03 39.07 -37.27
N ASP A 243 -28.21 37.89 -36.73
CA ASP A 243 -29.02 37.68 -35.53
C ASP A 243 -28.22 38.11 -34.30
N GLN A 244 -28.73 37.68 -33.17
CA GLN A 244 -28.14 37.98 -31.87
C GLN A 244 -28.40 36.84 -30.89
N VAL A 245 -27.31 36.34 -30.36
CA VAL A 245 -27.34 35.29 -29.36
C VAL A 245 -26.94 35.88 -28.01
N PHE A 246 -27.95 36.19 -27.23
CA PHE A 246 -27.75 36.79 -25.91
C PHE A 246 -27.22 35.73 -24.94
N ALA A 247 -28.11 34.88 -24.49
CA ALA A 247 -27.75 33.78 -23.57
C ALA A 247 -28.91 32.81 -23.45
N SER A 248 -29.93 33.12 -24.22
CA SER A 248 -31.14 32.31 -24.30
C SER A 248 -30.75 30.87 -24.56
N SER A 249 -31.76 30.05 -24.71
CA SER A 249 -31.58 28.63 -24.97
C SER A 249 -31.85 28.33 -26.44
N ALA A 250 -30.99 27.52 -27.00
CA ALA A 250 -31.10 27.06 -28.39
C ALA A 250 -31.93 25.78 -28.41
N VAL A 251 -33.20 25.95 -28.73
CA VAL A 251 -34.17 24.85 -28.75
C VAL A 251 -33.84 23.84 -29.86
N LYS A 252 -32.69 23.22 -29.70
CA LYS A 252 -32.18 22.20 -30.63
C LYS A 252 -32.62 22.46 -32.07
N ARG A 253 -32.73 23.72 -32.42
CA ARG A 253 -33.17 24.11 -33.76
C ARG A 253 -32.10 24.93 -34.47
N GLY A 254 -31.54 24.29 -35.47
CA GLY A 254 -30.50 24.86 -36.33
C GLY A 254 -29.18 24.98 -35.58
N GLU A 255 -28.20 25.42 -36.35
CA GLU A 255 -26.83 25.66 -35.89
C GLU A 255 -26.43 27.04 -36.40
N ALA A 256 -25.59 27.72 -35.65
CA ALA A 256 -25.22 29.06 -36.04
C ALA A 256 -23.76 29.40 -35.73
N PHE A 257 -23.27 30.23 -36.61
CA PHE A 257 -21.94 30.82 -36.54
C PHE A 257 -22.14 32.25 -36.06
N VAL A 258 -21.24 32.72 -35.24
CA VAL A 258 -21.38 34.05 -34.68
C VAL A 258 -20.08 34.61 -34.15
N VAL A 259 -20.19 35.88 -33.82
CA VAL A 259 -19.12 36.68 -33.23
C VAL A 259 -19.66 37.29 -31.95
N ILE A 260 -18.87 37.18 -30.90
CA ILE A 260 -19.25 37.71 -29.58
C ILE A 260 -19.05 39.22 -29.55
N THR A 261 -20.18 39.90 -29.37
CA THR A 261 -20.22 41.37 -29.30
C THR A 261 -20.12 41.83 -27.84
N ALA A 262 -21.14 41.45 -27.07
CA ALA A 262 -21.22 41.78 -25.64
C ALA A 262 -20.76 40.57 -24.82
N THR A 263 -19.90 40.84 -23.84
CA THR A 263 -19.32 39.80 -22.98
C THR A 263 -18.94 40.34 -21.61
N GLY A 264 -19.94 40.69 -20.83
CA GLY A 264 -19.73 41.22 -19.47
C GLY A 264 -21.04 41.68 -18.87
N ASP A 265 -20.91 42.64 -17.97
CA ASP A 265 -22.06 43.24 -17.28
C ASP A 265 -23.01 43.84 -18.33
N ASN A 266 -22.38 44.32 -19.39
CA ASN A 266 -23.09 44.94 -20.53
C ASN A 266 -23.83 43.87 -21.34
N THR A 267 -23.64 42.63 -20.91
CA THR A 267 -24.20 41.44 -21.57
C THR A 267 -25.72 41.50 -21.64
N PHE A 268 -26.23 40.68 -22.55
CA PHE A 268 -27.66 40.53 -22.78
C PHE A 268 -28.26 39.79 -21.59
N VAL A 269 -27.91 38.51 -21.50
CA VAL A 269 -28.35 37.65 -20.40
C VAL A 269 -27.28 37.72 -19.30
N GLY A 270 -26.54 38.81 -19.39
CA GLY A 270 -25.48 39.16 -18.44
C GLY A 270 -25.85 40.50 -17.80
N ARG A 271 -26.87 41.09 -18.41
CA ARG A 271 -27.44 42.38 -17.99
C ARG A 271 -28.64 42.11 -17.08
N ALA A 272 -29.38 41.09 -17.46
CA ALA A 272 -30.56 40.65 -16.70
C ALA A 272 -30.12 39.70 -15.59
N ALA A 273 -28.81 39.57 -15.51
CA ALA A 273 -28.15 38.68 -14.55
C ALA A 273 -27.23 39.48 -13.62
N ALA A 274 -26.04 39.74 -14.14
CA ALA A 274 -24.93 40.41 -13.43
C ALA A 274 -25.29 41.76 -12.78
N LEU A 275 -26.52 42.23 -12.92
CA LEU A 275 -26.90 43.54 -12.35
C LEU A 275 -28.30 43.51 -11.71
N VAL A 276 -28.41 42.67 -10.67
CA VAL A 276 -29.68 42.43 -9.93
C VAL A 276 -29.50 41.28 -8.93
N ASN A 277 -29.01 41.50 -7.71
CA ASN A 277 -28.79 40.33 -6.79
C ASN A 277 -29.01 40.64 -5.29
N ALA A 278 -30.28 40.86 -4.99
CA ALA A 278 -30.87 41.26 -3.66
C ALA A 278 -30.23 40.71 -2.33
N ALA A 279 -29.62 39.52 -2.28
CA ALA A 279 -29.01 39.08 -0.96
C ALA A 279 -29.36 37.62 -0.59
N SER A 280 -29.58 37.44 0.72
CA SER A 280 -29.93 36.13 1.34
C SER A 280 -28.84 35.69 2.35
N GLY A 281 -29.13 34.57 3.01
CA GLY A 281 -28.24 33.97 4.02
C GLY A 281 -28.08 32.46 3.76
N GLY A 282 -26.86 32.00 3.98
CA GLY A 282 -26.48 30.58 3.78
C GLY A 282 -24.98 30.42 4.01
N SER A 283 -24.65 29.48 4.88
CA SER A 283 -23.25 29.22 5.26
C SER A 283 -22.89 27.73 5.11
N GLY A 284 -21.59 27.51 5.06
CA GLY A 284 -20.98 26.18 4.94
C GLY A 284 -20.80 25.58 6.34
N HIS A 285 -20.67 24.27 6.36
CA HIS A 285 -20.55 23.48 7.59
C HIS A 285 -19.33 23.90 8.42
N PHE A 286 -18.15 23.51 7.95
CA PHE A 286 -16.87 23.80 8.64
C PHE A 286 -16.83 25.26 9.09
N THR A 287 -17.41 26.11 8.28
CA THR A 287 -17.48 27.55 8.58
C THR A 287 -18.25 27.74 9.88
N GLU A 288 -19.21 26.85 10.07
CA GLU A 288 -20.07 26.84 11.25
C GLU A 288 -19.24 26.43 12.48
N VAL A 289 -18.44 25.41 12.27
CA VAL A 289 -17.55 24.87 13.30
C VAL A 289 -16.52 25.93 13.71
N LEU A 290 -16.03 26.61 12.69
CA LEU A 290 -15.02 27.67 12.85
C LEU A 290 -15.60 28.83 13.65
N ASN A 291 -16.74 29.31 13.20
CA ASN A 291 -17.45 30.40 13.85
C ASN A 291 -17.71 30.04 15.31
N GLY A 292 -18.12 28.80 15.48
CA GLY A 292 -18.43 28.22 16.79
C GLY A 292 -17.22 28.30 17.72
N ILE A 293 -16.07 27.96 17.16
CA ILE A 293 -14.81 27.98 17.92
C ILE A 293 -14.39 29.41 18.24
N GLY A 294 -14.53 30.25 17.23
CA GLY A 294 -14.19 31.67 17.36
C GLY A 294 -14.81 32.23 18.64
N THR A 295 -16.05 31.81 18.86
CA THR A 295 -16.83 32.22 20.03
C THR A 295 -16.23 31.65 21.30
N ILE A 296 -16.00 30.34 21.28
CA ILE A 296 -15.45 29.60 22.42
C ILE A 296 -14.06 30.15 22.79
N LEU A 297 -13.52 30.94 21.89
CA LEU A 297 -12.22 31.61 22.09
C LEU A 297 -12.47 33.03 22.57
N LEU A 298 -13.50 33.58 21.96
CA LEU A 298 -13.97 34.95 22.24
C LEU A 298 -14.19 35.12 23.74
N ILE A 299 -15.05 34.26 24.26
CA ILE A 299 -15.43 34.28 25.67
C ILE A 299 -14.31 33.74 26.57
N LEU A 300 -13.76 32.61 26.18
CA LEU A 300 -12.70 31.97 26.98
C LEU A 300 -11.59 32.96 27.31
N VAL A 301 -11.07 33.61 26.28
CA VAL A 301 -9.98 34.57 26.43
C VAL A 301 -10.42 35.79 27.25
N ILE A 302 -11.50 36.41 26.81
CA ILE A 302 -12.03 37.62 27.45
C ILE A 302 -12.43 37.37 28.91
N PHE A 303 -12.44 36.11 29.32
CA PHE A 303 -12.81 35.79 30.70
C PHE A 303 -11.58 35.50 31.56
N THR A 304 -10.79 34.53 31.13
CA THR A 304 -9.57 34.15 31.86
C THR A 304 -8.74 35.40 32.16
N LEU A 305 -8.77 36.30 31.20
CA LEU A 305 -8.04 37.57 31.26
C LEU A 305 -8.62 38.44 32.38
N LEU A 306 -9.95 38.53 32.39
CA LEU A 306 -10.65 39.33 33.40
C LEU A 306 -10.24 38.88 34.80
N ILE A 307 -10.04 37.58 34.91
CA ILE A 307 -9.61 36.94 36.16
C ILE A 307 -8.20 37.40 36.52
N VAL A 308 -7.32 37.32 35.52
CA VAL A 308 -5.90 37.71 35.66
C VAL A 308 -5.80 39.16 36.11
N TRP A 309 -6.95 39.82 36.11
CA TRP A 309 -7.05 41.24 36.45
C TRP A 309 -7.49 41.45 37.92
N VAL A 310 -8.70 40.98 38.22
CA VAL A 310 -9.32 41.18 39.55
C VAL A 310 -8.75 40.27 40.64
N SER A 311 -8.07 39.22 40.26
CA SER A 311 -7.48 38.28 41.22
C SER A 311 -6.04 38.67 41.52
N SER A 312 -5.71 39.87 41.08
CA SER A 312 -4.34 40.41 41.18
C SER A 312 -4.22 41.56 42.20
N PHE A 313 -5.30 41.87 42.91
CA PHE A 313 -5.20 42.91 43.95
C PHE A 313 -4.41 42.34 45.13
N TYR A 314 -4.31 41.03 45.00
CA TYR A 314 -3.59 40.19 45.93
C TYR A 314 -2.10 40.31 45.63
N ARG A 315 -1.81 40.53 44.36
CA ARG A 315 -0.43 40.70 43.87
C ARG A 315 0.12 42.04 44.36
N SER A 316 -0.80 42.88 44.78
CA SER A 316 -0.49 44.21 45.34
C SER A 316 -0.39 45.29 44.25
N ASN A 317 -1.16 45.11 43.20
CA ASN A 317 -1.15 46.07 42.07
C ASN A 317 -2.53 46.67 41.85
N PRO A 318 -2.61 47.99 41.56
CA PRO A 318 -3.87 48.64 41.32
C PRO A 318 -4.58 48.01 40.15
N ILE A 319 -5.85 47.74 40.37
CA ILE A 319 -6.78 47.10 39.43
C ILE A 319 -6.45 47.56 38.00
N VAL A 320 -5.91 48.75 37.89
CA VAL A 320 -5.55 49.35 36.60
C VAL A 320 -4.58 48.45 35.84
N GLN A 321 -3.52 48.04 36.53
CA GLN A 321 -2.50 47.17 35.94
C GLN A 321 -3.14 45.86 35.50
N ILE A 322 -4.02 45.36 36.36
CA ILE A 322 -4.74 44.11 36.11
C ILE A 322 -5.69 44.30 34.93
N LEU A 323 -6.17 45.52 34.81
CA LEU A 323 -7.10 45.91 33.74
C LEU A 323 -6.42 45.79 32.37
N GLU A 324 -5.26 46.41 32.29
CA GLU A 324 -4.47 46.44 31.06
C GLU A 324 -3.73 45.10 30.91
N PHE A 325 -4.11 44.17 31.76
CA PHE A 325 -3.57 42.80 31.75
C PHE A 325 -4.58 41.87 31.09
N THR A 326 -5.83 42.10 31.44
CA THR A 326 -6.97 41.33 30.90
C THR A 326 -7.15 41.70 29.43
N LEU A 327 -7.10 43.00 29.19
CA LEU A 327 -7.23 43.56 27.84
C LEU A 327 -6.05 43.14 26.99
N ALA A 328 -4.90 43.12 27.65
CA ALA A 328 -3.63 42.72 27.02
C ALA A 328 -3.70 41.24 26.62
N ILE A 329 -4.19 40.46 27.56
CA ILE A 329 -4.36 39.00 27.36
C ILE A 329 -5.36 38.75 26.24
N THR A 330 -6.29 39.68 26.15
CA THR A 330 -7.37 39.65 25.14
C THR A 330 -6.76 39.68 23.74
N ILE A 331 -5.94 40.70 23.55
CA ILE A 331 -5.26 40.96 22.26
C ILE A 331 -4.49 39.72 21.77
N ILE A 332 -3.63 39.19 22.63
CA ILE A 332 -2.82 38.01 22.28
C ILE A 332 -3.75 36.84 21.95
N GLY A 333 -4.65 36.60 22.87
CA GLY A 333 -5.64 35.52 22.77
C GLY A 333 -6.34 35.55 21.40
N VAL A 334 -7.06 36.65 21.19
CA VAL A 334 -7.82 36.87 19.96
C VAL A 334 -7.10 36.24 18.76
N PRO A 335 -7.33 34.95 18.47
CA PRO A 335 -6.73 34.29 17.33
C PRO A 335 -7.21 34.96 16.07
N VAL A 336 -6.51 35.98 15.71
CA VAL A 336 -6.85 36.76 14.52
C VAL A 336 -6.15 36.17 13.28
N GLY A 337 -6.65 36.60 12.14
CA GLY A 337 -6.09 36.23 10.83
C GLY A 337 -6.74 34.96 10.25
N LEU A 338 -7.72 34.44 10.96
CA LEU A 338 -8.42 33.22 10.51
C LEU A 338 -9.10 33.46 9.17
N PRO A 339 -9.84 34.55 8.97
CA PRO A 339 -10.53 34.80 7.72
C PRO A 339 -9.54 34.86 6.57
N ALA A 340 -8.49 35.62 6.79
CA ALA A 340 -7.44 35.86 5.78
C ALA A 340 -6.65 34.58 5.47
N VAL A 341 -6.36 33.83 6.52
CA VAL A 341 -5.55 32.61 6.42
C VAL A 341 -6.25 31.49 5.63
N VAL A 342 -7.54 31.30 5.91
CA VAL A 342 -8.31 30.23 5.24
C VAL A 342 -8.81 30.67 3.86
N THR A 343 -8.81 31.97 3.64
CA THR A 343 -9.23 32.52 2.35
C THR A 343 -8.08 32.41 1.35
N THR A 344 -6.89 32.59 1.89
CA THR A 344 -5.65 32.51 1.11
C THR A 344 -5.43 31.05 0.68
N THR A 345 -5.60 30.17 1.64
CA THR A 345 -5.44 28.73 1.43
C THR A 345 -6.50 28.24 0.42
N MET A 346 -7.70 28.73 0.60
CA MET A 346 -8.83 28.38 -0.26
C MET A 346 -8.55 28.80 -1.71
N ALA A 347 -8.23 30.08 -1.85
CA ALA A 347 -7.96 30.70 -3.15
C ALA A 347 -6.77 30.01 -3.85
N VAL A 348 -5.67 29.94 -3.13
CA VAL A 348 -4.42 29.33 -3.66
C VAL A 348 -4.63 27.85 -3.99
N GLY A 349 -5.18 27.16 -3.01
CA GLY A 349 -5.45 25.71 -3.13
C GLY A 349 -6.30 25.41 -4.36
N ALA A 350 -7.19 26.34 -4.65
CA ALA A 350 -8.12 26.22 -5.79
C ALA A 350 -7.42 26.53 -7.11
N ALA A 351 -6.32 27.24 -7.00
CA ALA A 351 -5.51 27.63 -8.17
C ALA A 351 -4.74 26.41 -8.68
N TYR A 352 -4.15 25.72 -7.73
CA TYR A 352 -3.37 24.51 -8.01
C TYR A 352 -4.29 23.46 -8.61
N LEU A 353 -5.50 23.43 -8.09
CA LEU A 353 -6.52 22.51 -8.60
C LEU A 353 -6.73 22.80 -10.08
N ALA A 354 -6.91 24.08 -10.34
CA ALA A 354 -7.12 24.60 -11.69
C ALA A 354 -5.85 24.42 -12.51
N LYS A 355 -4.72 24.58 -11.85
CA LYS A 355 -3.41 24.47 -12.53
C LYS A 355 -3.21 23.01 -13.13
N LYS A 356 -3.79 21.98 -12.48
CA LYS A 356 -3.63 20.52 -12.88
C LYS A 356 -4.86 19.92 -13.66
N LYS A 357 -4.97 20.27 -14.94
CA LYS A 357 -6.04 19.78 -15.87
C LYS A 357 -7.35 19.36 -15.16
N ALA A 358 -7.52 19.86 -13.96
CA ALA A 358 -8.72 19.62 -13.14
C ALA A 358 -9.25 20.97 -12.68
N ILE A 359 -10.23 21.44 -13.41
CA ILE A 359 -10.85 22.77 -13.18
C ILE A 359 -11.95 22.67 -12.09
N VAL A 360 -11.69 23.39 -10.97
CA VAL A 360 -12.59 23.42 -9.78
C VAL A 360 -13.05 24.87 -9.47
N GLN A 361 -14.37 25.03 -9.37
CA GLN A 361 -15.01 26.36 -9.11
C GLN A 361 -15.81 26.38 -7.79
N LYS A 362 -15.71 27.53 -7.11
CA LYS A 362 -16.36 27.80 -5.80
C LYS A 362 -15.58 27.11 -4.68
N LEU A 363 -14.83 27.94 -3.96
CA LEU A 363 -13.96 27.51 -2.85
C LEU A 363 -14.76 26.85 -1.71
N SER A 364 -16.06 26.93 -1.83
CA SER A 364 -16.97 26.38 -0.80
C SER A 364 -17.20 24.88 -1.01
N ALA A 365 -16.62 24.38 -2.09
CA ALA A 365 -16.77 22.96 -2.46
C ALA A 365 -15.54 22.14 -2.04
N ILE A 366 -14.45 22.83 -1.78
CA ILE A 366 -13.19 22.19 -1.37
C ILE A 366 -13.40 21.42 -0.07
N GLU A 367 -14.09 22.08 0.85
CA GLU A 367 -14.40 21.51 2.16
C GLU A 367 -14.93 20.07 2.00
N SER A 368 -16.01 20.00 1.25
CA SER A 368 -16.70 18.73 0.96
C SER A 368 -15.77 17.75 0.25
N LEU A 369 -15.12 18.24 -0.79
CA LEU A 369 -14.20 17.41 -1.60
C LEU A 369 -13.17 16.71 -0.70
N ALA A 370 -12.65 17.48 0.23
CA ALA A 370 -11.63 17.00 1.17
C ALA A 370 -12.15 15.82 2.00
N GLY A 371 -13.45 15.83 2.21
CA GLY A 371 -14.12 14.81 3.03
C GLY A 371 -14.69 13.66 2.19
N VAL A 372 -14.38 13.68 0.90
CA VAL A 372 -14.86 12.62 -0.01
C VAL A 372 -14.48 11.26 0.57
N GLU A 373 -15.48 10.40 0.61
CA GLU A 373 -15.34 9.04 1.16
C GLU A 373 -15.42 8.00 0.05
N ILE A 374 -16.25 8.30 -0.93
CA ILE A 374 -16.48 7.41 -2.06
C ILE A 374 -16.41 8.18 -3.38
N LEU A 375 -15.85 7.48 -4.35
CA LEU A 375 -15.68 8.01 -5.70
C LEU A 375 -16.15 6.98 -6.72
N CYS A 376 -17.31 7.27 -7.28
CA CYS A 376 -17.92 6.45 -8.34
C CYS A 376 -17.49 7.02 -9.67
N SER A 377 -16.61 6.30 -10.33
CA SER A 377 -16.06 6.74 -11.61
C SER A 377 -16.35 5.75 -12.72
N ASP A 378 -16.63 6.33 -13.87
CA ASP A 378 -16.88 5.59 -15.10
C ASP A 378 -15.54 5.09 -15.62
N LYS A 379 -15.58 3.93 -16.24
CA LYS A 379 -14.39 3.28 -16.78
C LYS A 379 -13.79 4.07 -17.95
N THR A 380 -14.24 3.67 -19.13
CA THR A 380 -13.79 4.23 -20.42
C THR A 380 -13.57 5.74 -20.36
N GLY A 381 -12.32 6.10 -20.64
CA GLY A 381 -11.89 7.52 -20.74
C GLY A 381 -11.41 8.09 -19.40
N THR A 382 -11.95 7.58 -18.32
CA THR A 382 -11.62 8.07 -16.96
C THR A 382 -10.62 7.15 -16.27
N LEU A 383 -11.04 5.92 -16.08
CA LEU A 383 -10.23 4.90 -15.42
C LEU A 383 -9.26 4.26 -16.41
N THR A 384 -9.82 3.90 -17.56
CA THR A 384 -9.08 3.24 -18.63
C THR A 384 -8.81 4.21 -19.79
N LYS A 385 -7.64 3.98 -20.37
CA LYS A 385 -7.13 4.76 -21.50
C LYS A 385 -7.93 4.46 -22.75
N ASN A 386 -8.49 3.26 -22.75
CA ASN A 386 -9.33 2.83 -23.85
C ASN A 386 -10.73 3.32 -23.65
N LYS A 387 -11.18 4.12 -24.58
CA LYS A 387 -12.57 4.52 -24.55
C LYS A 387 -13.31 3.19 -24.63
N LEU A 388 -14.60 3.22 -24.55
CA LEU A 388 -15.34 1.97 -24.68
C LEU A 388 -15.28 1.52 -26.13
N SER A 389 -14.09 1.07 -26.51
CA SER A 389 -13.80 0.62 -27.88
C SER A 389 -13.29 -0.83 -27.90
N LEU A 390 -14.11 -1.67 -28.48
CA LEU A 390 -13.82 -3.11 -28.65
C LEU A 390 -13.07 -3.31 -29.97
N HIS A 391 -11.82 -3.69 -29.83
CA HIS A 391 -10.91 -3.87 -30.98
C HIS A 391 -10.83 -5.32 -31.44
N ASP A 392 -11.29 -6.20 -30.59
CA ASP A 392 -11.22 -7.63 -30.87
C ASP A 392 -12.54 -8.18 -31.39
N PRO A 393 -13.24 -7.56 -32.36
CA PRO A 393 -14.43 -8.18 -32.84
C PRO A 393 -13.98 -9.49 -33.37
N TYR A 394 -14.89 -10.37 -33.65
CA TYR A 394 -14.49 -11.66 -34.20
C TYR A 394 -15.70 -12.45 -34.65
N THR A 395 -15.55 -12.92 -35.86
CA THR A 395 -16.55 -13.72 -36.57
C THR A 395 -15.87 -14.95 -37.15
N VAL A 396 -16.67 -15.98 -37.36
CA VAL A 396 -16.20 -17.26 -37.90
C VAL A 396 -16.24 -17.23 -39.43
N ALA A 397 -15.38 -18.07 -39.98
CA ALA A 397 -15.21 -18.25 -41.45
C ALA A 397 -16.05 -17.24 -42.25
N GLY A 398 -16.83 -17.81 -43.16
CA GLY A 398 -17.70 -17.03 -44.06
C GLY A 398 -18.89 -17.86 -44.59
N VAL A 399 -19.64 -17.18 -45.45
CA VAL A 399 -20.84 -17.72 -46.11
C VAL A 399 -21.14 -16.87 -47.35
N ASP A 400 -21.08 -15.58 -47.10
CA ASP A 400 -21.31 -14.54 -48.11
C ASP A 400 -22.76 -14.49 -48.56
N PRO A 401 -23.61 -15.48 -48.26
CA PRO A 401 -24.99 -15.41 -48.67
C PRO A 401 -25.61 -14.16 -48.07
N GLU A 402 -25.93 -13.13 -48.92
CA GLU A 402 -26.55 -11.80 -48.65
C GLU A 402 -26.59 -11.44 -47.15
N ASP A 403 -27.81 -11.50 -46.63
CA ASP A 403 -28.14 -11.13 -45.23
C ASP A 403 -27.08 -11.60 -44.22
N LEU A 404 -26.14 -12.40 -44.69
CA LEU A 404 -25.06 -12.90 -43.84
C LEU A 404 -24.19 -11.73 -43.38
N MET A 405 -23.95 -10.85 -44.34
CA MET A 405 -23.14 -9.64 -44.14
C MET A 405 -23.95 -8.60 -43.36
N LEU A 406 -25.23 -8.61 -43.61
CA LEU A 406 -26.19 -7.68 -42.97
C LEU A 406 -26.13 -7.83 -41.44
N THR A 407 -26.35 -9.05 -41.01
CA THR A 407 -26.37 -9.40 -39.57
C THR A 407 -25.05 -9.01 -38.89
N ALA A 408 -23.97 -9.42 -39.53
CA ALA A 408 -22.61 -9.20 -39.02
C ALA A 408 -22.31 -7.70 -38.86
N CYS A 409 -22.80 -6.93 -39.82
CA CYS A 409 -22.55 -5.47 -39.89
C CYS A 409 -23.39 -4.66 -38.87
N LEU A 410 -24.68 -4.94 -38.86
CA LEU A 410 -25.63 -4.21 -38.00
C LEU A 410 -25.42 -4.54 -36.51
N ALA A 411 -25.51 -5.82 -36.21
CA ALA A 411 -25.40 -6.33 -34.83
C ALA A 411 -23.93 -6.46 -34.40
N ALA A 412 -23.28 -5.33 -34.45
CA ALA A 412 -21.90 -5.15 -33.99
C ALA A 412 -21.95 -3.98 -33.02
N SER A 413 -23.14 -3.90 -32.45
CA SER A 413 -23.54 -2.88 -31.49
C SER A 413 -22.40 -2.54 -30.55
N ARG A 414 -22.64 -2.79 -29.28
CA ARG A 414 -21.66 -2.50 -28.23
C ARG A 414 -22.37 -2.32 -26.88
N LYS A 415 -21.92 -1.29 -26.19
CA LYS A 415 -22.45 -0.91 -24.87
C LYS A 415 -22.88 0.56 -24.87
N LYS A 416 -21.87 1.41 -24.91
CA LYS A 416 -22.06 2.87 -24.92
C LYS A 416 -22.98 3.27 -26.07
N LYS A 417 -22.37 3.89 -27.06
CA LYS A 417 -23.07 4.36 -28.26
C LYS A 417 -22.14 5.27 -29.09
N GLY A 418 -22.30 6.58 -28.90
CA GLY A 418 -21.47 7.56 -29.62
C GLY A 418 -20.39 6.79 -30.39
N ILE A 419 -19.87 7.40 -31.44
CA ILE A 419 -18.85 6.76 -32.27
C ILE A 419 -17.47 6.79 -31.62
N ASP A 420 -16.58 6.19 -32.37
CA ASP A 420 -15.16 6.01 -32.03
C ASP A 420 -14.43 5.47 -33.26
N ALA A 421 -13.32 4.84 -32.99
CA ALA A 421 -12.49 4.21 -34.03
C ALA A 421 -12.83 2.72 -34.08
N ILE A 422 -13.55 2.32 -33.04
CA ILE A 422 -13.98 0.94 -32.83
C ILE A 422 -14.87 0.48 -33.99
N ASP A 423 -15.73 1.40 -34.42
CA ASP A 423 -16.69 1.15 -35.50
C ASP A 423 -15.98 1.12 -36.84
N LYS A 424 -14.97 1.98 -36.96
CA LYS A 424 -14.17 2.09 -38.20
C LYS A 424 -13.57 0.73 -38.53
N ALA A 425 -13.14 0.06 -37.49
CA ALA A 425 -12.53 -1.28 -37.59
C ALA A 425 -13.50 -2.22 -38.28
N PHE A 426 -14.77 -2.01 -37.95
CA PHE A 426 -15.88 -2.80 -38.52
C PHE A 426 -16.07 -2.44 -40.00
N LEU A 427 -15.95 -1.15 -40.24
CA LEU A 427 -16.10 -0.58 -41.59
C LEU A 427 -15.08 -1.21 -42.54
N LYS A 428 -13.83 -1.15 -42.12
CA LYS A 428 -12.70 -1.70 -42.90
C LYS A 428 -12.82 -3.23 -42.98
N SER A 429 -13.32 -3.80 -41.90
CA SER A 429 -13.51 -5.25 -41.79
C SER A 429 -14.38 -5.73 -42.95
N LEU A 430 -15.51 -5.08 -43.09
CA LEU A 430 -16.47 -5.37 -44.17
C LEU A 430 -15.74 -5.37 -45.50
N LYS A 431 -14.97 -4.31 -45.68
CA LYS A 431 -14.14 -4.11 -46.88
C LYS A 431 -13.35 -5.38 -47.15
N TYR A 432 -12.65 -5.80 -46.11
CA TYR A 432 -11.85 -7.02 -46.16
C TYR A 432 -12.66 -8.08 -46.87
N TYR A 433 -13.85 -8.26 -46.35
CA TYR A 433 -14.81 -9.19 -46.90
C TYR A 433 -14.89 -8.95 -48.41
N PRO A 434 -16.07 -8.74 -49.00
CA PRO A 434 -16.17 -8.53 -50.44
C PRO A 434 -15.34 -7.33 -50.87
N ARG A 435 -16.02 -6.20 -51.04
CA ARG A 435 -15.37 -4.96 -51.51
C ARG A 435 -16.40 -3.81 -51.61
N ALA A 436 -17.65 -4.19 -51.48
CA ALA A 436 -18.83 -3.33 -51.61
C ALA A 436 -18.66 -1.94 -50.95
N LYS A 437 -19.35 -1.75 -49.81
CA LYS A 437 -19.38 -0.43 -49.16
C LYS A 437 -19.88 -0.37 -47.69
N SER A 438 -20.67 0.71 -47.58
CA SER A 438 -21.34 1.30 -46.40
C SER A 438 -21.78 0.35 -45.28
N VAL A 439 -22.56 -0.65 -45.60
CA VAL A 439 -23.10 -1.58 -44.57
C VAL A 439 -22.88 -0.99 -43.16
N LEU A 440 -21.61 -0.75 -42.82
CA LEU A 440 -21.25 -0.19 -41.50
C LEU A 440 -22.18 0.99 -41.19
N SER A 441 -21.76 2.16 -41.65
CA SER A 441 -22.56 3.38 -41.48
C SER A 441 -23.79 3.28 -42.38
N LYS A 442 -24.97 3.19 -41.79
CA LYS A 442 -26.19 3.10 -42.60
C LYS A 442 -27.42 2.60 -41.86
N TYR A 443 -28.25 2.01 -42.71
CA TYR A 443 -29.55 1.38 -42.41
C TYR A 443 -30.61 2.38 -41.97
N LYS A 444 -31.82 1.90 -42.17
CA LYS A 444 -33.06 2.60 -41.81
C LYS A 444 -33.67 1.91 -40.60
N VAL A 445 -33.55 2.59 -39.49
CA VAL A 445 -34.05 2.11 -38.19
C VAL A 445 -35.16 3.05 -37.71
N LEU A 446 -36.27 2.43 -37.35
CA LEU A 446 -37.45 3.17 -36.89
C LEU A 446 -37.92 2.68 -35.51
N GLN A 447 -37.98 1.37 -35.38
CA GLN A 447 -38.45 0.73 -34.15
C GLN A 447 -37.31 0.03 -33.42
N PHE A 448 -37.44 0.05 -32.10
CA PHE A 448 -36.49 -0.56 -31.16
C PHE A 448 -37.25 -1.26 -30.04
N HIS A 449 -37.04 -2.55 -29.97
CA HIS A 449 -37.63 -3.35 -28.90
C HIS A 449 -36.74 -3.20 -27.67
N PRO A 450 -37.18 -2.47 -26.65
CA PRO A 450 -36.35 -2.22 -25.48
C PRO A 450 -35.93 -3.52 -24.87
N PHE A 451 -34.65 -3.58 -24.56
CA PHE A 451 -34.05 -4.79 -23.98
C PHE A 451 -34.84 -5.20 -22.71
N ASP A 452 -35.58 -6.29 -22.88
CA ASP A 452 -36.42 -6.91 -21.82
C ASP A 452 -35.60 -7.97 -21.07
N PRO A 453 -35.84 -8.14 -19.76
CA PRO A 453 -35.06 -9.02 -18.90
C PRO A 453 -35.01 -10.48 -19.30
N VAL A 454 -36.14 -11.08 -19.63
CA VAL A 454 -36.18 -12.54 -19.95
C VAL A 454 -35.07 -12.92 -20.96
N SER A 455 -35.32 -12.66 -22.22
CA SER A 455 -34.39 -13.02 -23.31
C SER A 455 -32.97 -12.45 -23.09
N LYS A 456 -32.92 -11.38 -22.34
CA LYS A 456 -31.66 -10.69 -22.05
C LYS A 456 -30.99 -10.25 -23.34
N LYS A 457 -31.48 -9.16 -23.90
CA LYS A 457 -30.96 -8.64 -25.16
C LYS A 457 -31.86 -7.55 -25.72
N VAL A 458 -31.22 -6.64 -26.39
CA VAL A 458 -31.88 -5.56 -27.10
C VAL A 458 -31.98 -5.97 -28.56
N VAL A 459 -32.74 -5.21 -29.30
CA VAL A 459 -32.93 -5.49 -30.71
C VAL A 459 -33.66 -4.32 -31.36
N ALA A 460 -33.46 -4.24 -32.65
CA ALA A 460 -34.07 -3.20 -33.46
C ALA A 460 -34.48 -3.76 -34.80
N VAL A 461 -35.73 -3.53 -35.12
CA VAL A 461 -36.31 -3.95 -36.38
C VAL A 461 -36.06 -2.86 -37.42
N VAL A 462 -35.20 -3.20 -38.35
CA VAL A 462 -34.83 -2.29 -39.43
C VAL A 462 -35.21 -2.89 -40.76
N GLU A 463 -35.45 -2.01 -41.69
CA GLU A 463 -35.82 -2.40 -43.05
C GLU A 463 -35.04 -1.58 -44.06
N SER A 464 -34.32 -2.30 -44.88
CA SER A 464 -33.56 -1.70 -45.97
C SER A 464 -34.57 -1.15 -46.96
N PRO A 465 -34.19 -0.43 -48.01
CA PRO A 465 -35.18 0.05 -48.94
C PRO A 465 -35.93 -1.12 -49.48
N GLN A 466 -35.32 -1.72 -50.48
CA GLN A 466 -35.86 -2.92 -51.14
C GLN A 466 -35.13 -4.15 -50.58
N GLY A 467 -35.80 -4.85 -49.69
CA GLY A 467 -35.23 -6.05 -49.05
C GLY A 467 -36.30 -6.86 -48.34
N GLU A 468 -35.88 -8.04 -47.93
CA GLU A 468 -36.74 -8.98 -47.21
C GLU A 468 -37.12 -8.39 -45.85
N ARG A 469 -36.30 -8.70 -44.86
CA ARG A 469 -36.49 -8.23 -43.49
C ARG A 469 -35.25 -8.57 -42.66
N ILE A 470 -35.09 -7.82 -41.59
CA ILE A 470 -33.95 -8.01 -40.69
C ILE A 470 -34.19 -7.35 -39.33
N THR A 471 -33.70 -8.05 -38.34
CA THR A 471 -33.75 -7.66 -36.92
C THR A 471 -32.42 -8.03 -36.27
N CYS A 472 -31.70 -7.01 -35.87
CA CYS A 472 -30.38 -7.17 -35.24
C CYS A 472 -30.53 -7.22 -33.71
N VAL A 473 -29.77 -8.11 -33.12
CA VAL A 473 -29.77 -8.32 -31.67
C VAL A 473 -28.37 -8.16 -31.08
N LYS A 474 -28.40 -7.67 -29.85
CA LYS A 474 -27.21 -7.44 -29.03
C LYS A 474 -27.55 -7.76 -27.57
N GLY A 475 -26.56 -8.19 -26.83
CA GLY A 475 -26.73 -8.52 -25.41
C GLY A 475 -25.71 -9.57 -24.96
N ALA A 476 -25.91 -10.00 -23.73
CA ALA A 476 -25.05 -11.00 -23.06
C ALA A 476 -24.72 -12.14 -24.04
N PRO A 477 -23.50 -12.66 -24.02
CA PRO A 477 -23.10 -13.71 -24.95
C PRO A 477 -23.95 -14.95 -24.81
N LEU A 478 -23.78 -15.60 -23.67
CA LEU A 478 -24.44 -16.88 -23.32
C LEU A 478 -25.88 -17.00 -23.85
N PHE A 479 -26.76 -16.17 -23.33
CA PHE A 479 -28.20 -16.19 -23.64
C PHE A 479 -28.49 -15.99 -25.14
N VAL A 480 -27.83 -15.01 -25.72
CA VAL A 480 -28.02 -14.67 -27.14
C VAL A 480 -27.75 -15.89 -28.04
N LEU A 481 -26.56 -16.44 -27.85
CA LEU A 481 -26.08 -17.58 -28.64
C LEU A 481 -26.86 -18.86 -28.29
N LYS A 482 -27.63 -18.79 -27.23
CA LYS A 482 -28.47 -19.93 -26.82
C LYS A 482 -29.53 -20.18 -27.88
N THR A 483 -29.88 -19.08 -28.51
CA THR A 483 -30.86 -19.02 -29.60
C THR A 483 -30.19 -19.44 -30.90
N VAL A 484 -29.43 -18.49 -31.41
CA VAL A 484 -28.64 -18.60 -32.64
C VAL A 484 -28.96 -19.87 -33.44
N GLU A 485 -28.95 -19.63 -34.75
CA GLU A 485 -29.14 -20.65 -35.79
C GLU A 485 -28.10 -20.40 -36.89
N GLU A 486 -28.35 -19.33 -37.63
CA GLU A 486 -27.46 -18.82 -38.70
C GLU A 486 -27.55 -19.67 -39.97
N ASP A 487 -27.20 -18.99 -41.07
CA ASP A 487 -27.20 -19.58 -42.42
C ASP A 487 -27.10 -21.10 -42.29
N HIS A 488 -25.87 -21.57 -42.22
CA HIS A 488 -25.63 -23.00 -42.03
C HIS A 488 -26.05 -23.35 -40.61
N PRO A 489 -26.46 -24.59 -40.32
CA PRO A 489 -26.92 -24.95 -38.99
C PRO A 489 -25.85 -24.67 -37.95
N ILE A 490 -26.33 -24.46 -36.73
CA ILE A 490 -25.48 -24.17 -35.56
C ILE A 490 -24.68 -25.40 -35.15
N PRO A 491 -23.55 -25.70 -35.81
CA PRO A 491 -22.76 -26.85 -35.47
C PRO A 491 -22.27 -26.77 -34.05
N GLU A 492 -21.96 -27.94 -33.50
CA GLU A 492 -21.43 -28.06 -32.13
C GLU A 492 -20.13 -27.28 -32.02
N GLU A 493 -19.23 -27.63 -32.92
CA GLU A 493 -17.90 -27.00 -33.01
C GLU A 493 -18.04 -25.48 -32.88
N VAL A 494 -18.65 -24.92 -33.90
CA VAL A 494 -18.89 -23.47 -33.99
C VAL A 494 -19.29 -22.91 -32.63
N ASP A 495 -20.25 -23.59 -32.01
CA ASP A 495 -20.76 -23.19 -30.69
C ASP A 495 -19.62 -23.18 -29.68
N GLN A 496 -19.24 -24.38 -29.29
CA GLN A 496 -18.16 -24.61 -28.31
C GLN A 496 -17.05 -23.58 -28.48
N ALA A 497 -16.55 -23.53 -29.69
CA ALA A 497 -15.45 -22.61 -30.06
C ALA A 497 -15.77 -21.18 -29.65
N TYR A 498 -16.92 -20.72 -30.10
CA TYR A 498 -17.38 -19.35 -29.83
C TYR A 498 -17.26 -19.02 -28.34
N LYS A 499 -17.87 -19.87 -27.54
CA LYS A 499 -17.88 -19.71 -26.08
C LYS A 499 -16.45 -19.52 -25.56
N ASN A 500 -15.72 -20.61 -25.63
CA ASN A 500 -14.32 -20.68 -25.19
C ASN A 500 -13.59 -19.35 -25.39
N LYS A 501 -13.62 -18.88 -26.64
CA LYS A 501 -12.94 -17.63 -27.02
C LYS A 501 -13.40 -16.46 -26.16
N VAL A 502 -14.70 -16.30 -26.06
CA VAL A 502 -15.31 -15.22 -25.26
C VAL A 502 -14.82 -15.30 -23.81
N ALA A 503 -14.78 -16.54 -23.33
CA ALA A 503 -14.32 -16.84 -21.98
C ALA A 503 -12.86 -16.39 -21.82
N GLU A 504 -12.07 -16.84 -22.78
CA GLU A 504 -10.64 -16.53 -22.85
C GLU A 504 -10.42 -15.01 -22.79
N PHE A 505 -11.27 -14.33 -23.53
CA PHE A 505 -11.24 -12.86 -23.66
C PHE A 505 -11.61 -12.16 -22.34
N ALA A 506 -12.70 -12.64 -21.76
CA ALA A 506 -13.33 -12.04 -20.57
C ALA A 506 -12.67 -12.42 -19.23
N THR A 507 -11.68 -13.29 -19.25
CA THR A 507 -11.02 -13.71 -17.99
C THR A 507 -9.77 -12.87 -17.72
N ARG A 508 -9.55 -11.94 -18.62
CA ARG A 508 -8.43 -10.99 -18.54
C ARG A 508 -8.89 -9.67 -19.14
N GLY A 509 -10.19 -9.51 -19.04
CA GLY A 509 -10.90 -8.35 -19.54
C GLY A 509 -11.89 -8.81 -20.60
N PHE A 510 -11.88 -8.07 -21.70
CA PHE A 510 -12.78 -8.35 -22.83
C PHE A 510 -14.23 -8.17 -22.39
N ARG A 511 -14.91 -7.28 -23.11
CA ARG A 511 -16.32 -6.96 -22.88
C ARG A 511 -17.14 -7.52 -24.04
N SER A 512 -17.56 -8.76 -23.86
CA SER A 512 -18.30 -9.52 -24.88
C SER A 512 -19.70 -8.97 -25.12
N LEU A 513 -20.02 -8.99 -26.39
CA LEU A 513 -21.30 -8.57 -26.97
C LEU A 513 -21.79 -9.73 -27.84
N GLY A 514 -22.99 -10.07 -27.78
CA GLY A 514 -23.62 -11.15 -28.57
C GLY A 514 -24.50 -10.54 -29.65
N VAL A 515 -24.21 -10.92 -30.89
CA VAL A 515 -24.95 -10.44 -32.05
C VAL A 515 -25.44 -11.61 -32.91
N ALA A 516 -26.72 -11.52 -33.26
CA ALA A 516 -27.40 -12.52 -34.10
C ALA A 516 -28.14 -11.82 -35.26
N ARG A 517 -29.47 -11.95 -35.23
CA ARG A 517 -30.36 -11.35 -36.27
C ARG A 517 -31.54 -12.30 -36.54
N LYS A 518 -32.77 -11.77 -36.45
CA LYS A 518 -33.98 -12.61 -36.63
C LYS A 518 -35.18 -11.85 -37.27
N ARG A 519 -35.70 -10.88 -36.53
CA ARG A 519 -36.86 -10.08 -36.99
C ARG A 519 -37.69 -9.62 -35.79
N GLY A 520 -37.85 -10.56 -34.88
CA GLY A 520 -38.60 -10.37 -33.63
C GLY A 520 -37.67 -10.61 -32.44
N GLU A 521 -36.71 -11.49 -32.66
CA GLU A 521 -35.70 -11.83 -31.65
C GLU A 521 -35.69 -13.34 -31.34
N GLY A 522 -36.81 -13.98 -31.64
CA GLY A 522 -36.96 -15.42 -31.40
C GLY A 522 -35.89 -16.18 -32.20
N SER A 523 -35.94 -15.93 -33.49
CA SER A 523 -35.01 -16.52 -34.47
C SER A 523 -33.59 -16.49 -33.92
N TRP A 524 -32.76 -17.36 -34.47
CA TRP A 524 -31.36 -17.45 -34.05
C TRP A 524 -30.42 -17.42 -35.26
N GLU A 525 -29.43 -16.53 -35.14
CA GLU A 525 -28.40 -16.31 -36.17
C GLU A 525 -27.24 -15.49 -35.59
N ILE A 526 -26.28 -16.19 -35.01
CA ILE A 526 -25.08 -15.56 -34.42
C ILE A 526 -24.15 -15.10 -35.55
N LEU A 527 -23.77 -13.84 -35.44
CA LEU A 527 -22.87 -13.21 -36.43
C LEU A 527 -21.44 -13.19 -35.90
N GLY A 528 -21.31 -12.66 -34.69
CA GLY A 528 -20.03 -12.54 -33.99
C GLY A 528 -20.20 -11.76 -32.68
N ILE A 529 -19.05 -11.48 -32.07
CA ILE A 529 -18.95 -10.73 -30.80
C ILE A 529 -17.80 -9.72 -30.89
N MET A 530 -17.89 -8.64 -30.12
CA MET A 530 -16.89 -7.56 -30.13
C MET A 530 -16.46 -7.15 -28.70
N PRO A 531 -15.58 -7.93 -28.04
CA PRO A 531 -15.10 -7.61 -26.68
C PRO A 531 -14.32 -6.31 -26.60
N CYS A 532 -13.61 -6.17 -25.46
CA CYS A 532 -12.76 -4.99 -25.13
C CYS A 532 -12.02 -5.20 -23.79
N MET A 533 -11.02 -4.33 -23.57
CA MET A 533 -10.17 -4.27 -22.35
C MET A 533 -9.64 -2.84 -22.21
N ASP A 534 -8.47 -2.64 -21.60
CA ASP A 534 -7.95 -1.25 -21.48
C ASP A 534 -6.77 -1.09 -20.51
N PRO A 535 -5.60 -0.63 -20.98
CA PRO A 535 -4.47 -0.37 -20.10
C PRO A 535 -4.82 0.71 -19.09
N PRO A 536 -4.81 0.44 -17.77
CA PRO A 536 -5.14 1.46 -16.77
C PRO A 536 -4.22 2.63 -16.96
N ARG A 537 -3.19 2.73 -16.13
CA ARG A 537 -2.23 3.82 -16.33
C ARG A 537 -1.42 4.20 -15.09
N HIS A 538 -0.72 5.28 -15.35
CA HIS A 538 0.23 5.96 -14.48
C HIS A 538 -0.30 6.18 -13.05
N ASP A 539 -1.15 7.19 -12.91
CA ASP A 539 -1.61 7.67 -11.59
C ASP A 539 -2.91 6.95 -11.20
N THR A 540 -3.62 6.31 -12.09
CA THR A 540 -4.89 5.64 -11.75
C THR A 540 -4.61 4.41 -10.87
N TYR A 541 -3.64 3.63 -11.29
CA TYR A 541 -3.25 2.39 -10.58
C TYR A 541 -2.72 2.71 -9.19
N LYS A 542 -1.96 3.79 -9.11
CA LYS A 542 -1.36 4.24 -7.84
C LYS A 542 -2.38 5.06 -7.04
N THR A 543 -3.13 5.85 -7.77
CA THR A 543 -4.17 6.72 -7.20
C THR A 543 -5.20 5.87 -6.45
N VAL A 544 -5.45 4.70 -7.01
CA VAL A 544 -6.39 3.73 -6.44
C VAL A 544 -5.86 3.21 -5.10
N CYS A 545 -4.57 2.94 -5.10
CA CYS A 545 -3.85 2.45 -3.92
C CYS A 545 -3.93 3.50 -2.81
N GLU A 546 -3.77 4.74 -3.25
CA GLU A 546 -3.82 5.91 -2.36
C GLU A 546 -5.20 6.02 -1.73
N ALA A 547 -6.19 5.75 -2.56
CA ALA A 547 -7.60 5.80 -2.18
C ALA A 547 -7.87 4.93 -0.95
N LYS A 548 -7.39 3.70 -1.06
CA LYS A 548 -7.54 2.69 0.01
C LYS A 548 -6.84 3.15 1.29
N THR A 549 -5.64 3.68 1.10
CA THR A 549 -4.81 4.16 2.21
C THR A 549 -5.44 5.40 2.86
N LEU A 550 -6.31 6.05 2.09
CA LEU A 550 -7.00 7.28 2.51
C LEU A 550 -8.39 6.91 3.03
N GLY A 551 -8.80 5.70 2.75
CA GLY A 551 -10.10 5.15 3.18
C GLY A 551 -11.17 5.32 2.08
N LEU A 552 -10.93 6.30 1.24
CA LEU A 552 -11.82 6.64 0.12
C LEU A 552 -12.17 5.38 -0.68
N SER A 553 -13.47 5.21 -0.89
CA SER A 553 -14.03 4.09 -1.65
C SER A 553 -14.34 4.54 -3.08
N ILE A 554 -13.78 3.79 -4.02
CA ILE A 554 -13.95 4.06 -5.44
C ILE A 554 -14.82 2.97 -6.10
N LYS A 555 -15.86 3.47 -6.75
CA LYS A 555 -16.82 2.62 -7.47
C LYS A 555 -16.75 2.92 -8.97
N MET A 556 -16.68 1.85 -9.74
CA MET A 556 -16.60 1.95 -11.20
C MET A 556 -17.94 1.57 -11.83
N LEU A 557 -18.34 2.43 -12.74
CA LEU A 557 -19.56 2.26 -13.53
C LEU A 557 -19.17 2.12 -15.00
N THR A 558 -19.39 0.93 -15.51
CA THR A 558 -19.02 0.61 -16.90
C THR A 558 -20.18 -0.07 -17.64
N GLY A 559 -19.98 -0.16 -18.94
CA GLY A 559 -20.93 -0.77 -19.87
C GLY A 559 -20.43 -2.15 -20.33
N ASP A 560 -19.56 -2.70 -19.50
CA ASP A 560 -18.98 -4.03 -19.73
C ASP A 560 -19.69 -5.04 -18.82
N ALA A 561 -19.59 -6.30 -19.20
CA ALA A 561 -20.21 -7.40 -18.44
C ALA A 561 -19.49 -7.57 -17.09
N VAL A 562 -20.23 -8.12 -16.15
CA VAL A 562 -19.73 -8.38 -14.79
C VAL A 562 -18.41 -9.15 -14.84
N GLY A 563 -18.42 -10.17 -15.69
CA GLY A 563 -17.26 -11.05 -15.89
C GLY A 563 -16.01 -10.21 -16.16
N ILE A 564 -16.11 -9.39 -17.19
CA ILE A 564 -15.03 -8.51 -17.63
C ILE A 564 -14.78 -7.42 -16.59
N ALA A 565 -15.87 -6.82 -16.15
CA ALA A 565 -15.85 -5.74 -15.14
C ALA A 565 -14.91 -6.11 -14.00
N ARG A 566 -15.17 -7.28 -13.43
CA ARG A 566 -14.39 -7.82 -12.31
C ARG A 566 -12.92 -7.95 -12.70
N GLU A 567 -12.74 -8.24 -13.97
CA GLU A 567 -11.40 -8.43 -14.57
C GLU A 567 -10.64 -7.09 -14.57
N THR A 568 -11.36 -6.07 -15.00
CA THR A 568 -10.82 -4.70 -15.06
C THR A 568 -10.52 -4.21 -13.65
N SER A 569 -11.49 -4.48 -12.78
CA SER A 569 -11.40 -4.10 -11.36
C SER A 569 -10.14 -4.71 -10.75
N ARG A 570 -9.93 -5.97 -11.10
CA ARG A 570 -8.78 -6.75 -10.63
C ARG A 570 -7.48 -6.21 -11.24
N GLN A 571 -7.60 -5.83 -12.50
CA GLN A 571 -6.47 -5.31 -13.28
C GLN A 571 -5.95 -4.00 -12.68
N LEU A 572 -6.88 -3.09 -12.46
CA LEU A 572 -6.58 -1.75 -11.92
C LEU A 572 -6.00 -1.85 -10.50
N GLY A 573 -6.73 -2.54 -9.65
CA GLY A 573 -6.33 -2.72 -8.26
C GLY A 573 -7.54 -2.60 -7.34
N LEU A 574 -8.63 -2.08 -7.90
CA LEU A 574 -9.89 -1.96 -7.15
C LEU A 574 -10.06 -3.23 -6.38
N GLY A 575 -10.40 -4.21 -7.17
CA GLY A 575 -10.47 -5.59 -6.76
C GLY A 575 -9.13 -6.19 -7.17
N THR A 576 -8.44 -6.75 -6.20
CA THR A 576 -7.13 -7.32 -6.45
C THR A 576 -7.21 -8.34 -7.60
N ASN A 577 -6.74 -9.54 -7.30
CA ASN A 577 -6.71 -10.63 -8.27
C ASN A 577 -7.73 -11.71 -7.90
N ILE A 578 -8.23 -11.60 -6.70
CA ILE A 578 -9.20 -12.55 -6.15
C ILE A 578 -10.56 -12.43 -6.84
N TYR A 579 -10.88 -13.43 -7.65
CA TYR A 579 -12.19 -13.50 -8.32
C TYR A 579 -13.25 -13.60 -7.25
N ASN A 580 -14.18 -12.70 -7.31
CA ASN A 580 -15.23 -12.60 -6.31
C ASN A 580 -16.53 -13.21 -6.79
N ALA A 581 -17.51 -12.34 -6.78
CA ALA A 581 -18.89 -12.64 -7.11
C ALA A 581 -19.73 -12.16 -5.94
N GLU A 582 -19.00 -11.64 -4.98
CA GLU A 582 -19.54 -11.09 -3.73
C GLU A 582 -19.78 -9.59 -3.89
N ARG A 583 -18.81 -8.91 -4.48
CA ARG A 583 -18.93 -7.46 -4.70
C ARG A 583 -17.63 -6.84 -5.24
N LEU A 584 -16.54 -7.11 -4.54
CA LEU A 584 -15.23 -6.55 -4.91
C LEU A 584 -14.71 -7.17 -6.21
N GLY A 585 -14.67 -6.33 -7.23
CA GLY A 585 -14.19 -6.71 -8.57
C GLY A 585 -15.36 -7.15 -9.45
N LEU A 586 -15.98 -8.23 -9.02
CA LEU A 586 -17.15 -8.81 -9.70
C LEU A 586 -18.31 -7.83 -9.59
N GLY A 587 -18.83 -7.74 -8.39
CA GLY A 587 -19.88 -6.79 -8.06
C GLY A 587 -21.27 -7.33 -8.36
N GLY A 588 -21.94 -6.63 -9.26
CA GLY A 588 -23.31 -6.98 -9.66
C GLY A 588 -23.55 -6.56 -11.11
N GLY A 589 -24.75 -6.86 -11.54
CA GLY A 589 -25.20 -6.56 -12.89
C GLY A 589 -26.64 -6.03 -12.85
N GLY A 590 -26.75 -4.74 -13.07
CA GLY A 590 -28.04 -4.06 -13.12
C GLY A 590 -28.88 -4.74 -14.19
N ASP A 591 -28.88 -6.04 -14.07
CA ASP A 591 -29.55 -6.92 -15.04
C ASP A 591 -30.86 -7.49 -14.51
N MET A 592 -31.66 -7.84 -15.50
CA MET A 592 -32.96 -8.47 -15.31
C MET A 592 -32.75 -9.79 -14.57
N PRO A 593 -32.52 -10.88 -15.30
CA PRO A 593 -32.26 -12.16 -14.68
C PRO A 593 -31.03 -12.04 -13.81
N GLY A 594 -31.02 -10.94 -13.06
CA GLY A 594 -29.93 -10.60 -12.13
C GLY A 594 -30.41 -9.52 -11.15
N SER A 595 -31.65 -9.14 -11.36
CA SER A 595 -32.35 -8.11 -10.57
C SER A 595 -31.79 -8.03 -9.14
N GLU A 596 -31.76 -9.18 -8.49
CA GLU A 596 -31.26 -9.32 -7.11
C GLU A 596 -29.86 -8.72 -6.99
N VAL A 597 -29.45 -8.11 -8.08
CA VAL A 597 -28.13 -7.48 -8.20
C VAL A 597 -28.06 -6.17 -7.42
N TYR A 598 -29.21 -5.71 -6.95
CA TYR A 598 -29.29 -4.45 -6.19
C TYR A 598 -28.61 -4.63 -4.84
N ASP A 599 -28.23 -5.88 -4.58
CA ASP A 599 -27.51 -6.26 -3.36
C ASP A 599 -26.04 -6.48 -3.71
N PHE A 600 -25.86 -6.80 -4.97
CA PHE A 600 -24.54 -7.04 -5.56
C PHE A 600 -23.95 -5.71 -6.02
N VAL A 601 -24.84 -4.87 -6.54
CA VAL A 601 -24.49 -3.50 -6.96
C VAL A 601 -23.76 -2.85 -5.80
N GLU A 602 -24.52 -2.77 -4.73
CA GLU A 602 -24.01 -2.27 -3.46
C GLU A 602 -23.09 -3.34 -2.92
N ALA A 603 -22.15 -3.67 -3.77
CA ALA A 603 -21.11 -4.66 -3.51
C ALA A 603 -19.84 -3.93 -3.11
N ALA A 604 -20.03 -2.63 -2.94
CA ALA A 604 -18.98 -1.70 -2.52
C ALA A 604 -18.01 -1.36 -3.66
N ASP A 605 -18.56 -1.13 -4.83
CA ASP A 605 -17.73 -0.78 -5.99
C ASP A 605 -18.42 -1.11 -7.32
N GLY A 606 -17.84 -2.10 -7.95
CA GLY A 606 -18.20 -2.62 -9.28
C GLY A 606 -19.72 -2.70 -9.53
N PHE A 607 -20.08 -2.02 -10.59
CA PHE A 607 -21.45 -1.97 -11.15
C PHE A 607 -21.34 -2.00 -12.68
N ALA A 608 -21.95 -3.00 -13.26
CA ALA A 608 -21.90 -3.20 -14.71
C ALA A 608 -23.28 -3.58 -15.27
N GLU A 609 -23.75 -2.72 -16.16
CA GLU A 609 -25.02 -2.91 -16.86
C GLU A 609 -26.20 -2.55 -15.95
N VAL A 610 -26.43 -1.25 -15.80
CA VAL A 610 -27.53 -0.72 -14.96
C VAL A 610 -28.41 0.25 -15.78
N PHE A 611 -29.54 0.63 -15.20
CA PHE A 611 -30.58 1.44 -15.89
C PHE A 611 -30.85 2.82 -15.23
N PRO A 612 -31.90 3.51 -15.74
CA PRO A 612 -32.30 4.85 -15.30
C PRO A 612 -32.73 4.92 -13.84
N GLN A 613 -33.93 5.50 -13.71
CA GLN A 613 -34.67 5.79 -12.45
C GLN A 613 -34.14 5.04 -11.21
N HIS A 614 -33.06 4.29 -11.36
CA HIS A 614 -32.52 3.56 -10.20
C HIS A 614 -31.39 4.35 -9.55
N LYS A 615 -30.78 5.21 -10.34
CA LYS A 615 -29.71 6.09 -9.85
C LYS A 615 -30.22 6.79 -8.61
N TYR A 616 -31.47 7.22 -8.76
CA TYR A 616 -32.23 7.93 -7.74
C TYR A 616 -32.13 7.20 -6.40
N ASN A 617 -32.67 6.00 -6.41
CA ASN A 617 -32.74 5.14 -5.22
C ASN A 617 -31.35 4.73 -4.72
N VAL A 618 -30.46 4.45 -5.67
CA VAL A 618 -29.09 4.02 -5.34
C VAL A 618 -28.40 5.07 -4.45
N VAL A 619 -28.52 6.33 -4.84
CA VAL A 619 -27.92 7.44 -4.09
C VAL A 619 -28.59 7.56 -2.72
N GLU A 620 -29.91 7.47 -2.75
CA GLU A 620 -30.73 7.56 -1.53
C GLU A 620 -30.29 6.49 -0.54
N ILE A 621 -30.21 5.28 -1.08
CA ILE A 621 -29.85 4.07 -0.33
C ILE A 621 -28.41 4.15 0.19
N LEU A 622 -27.50 4.61 -0.66
CA LEU A 622 -26.09 4.72 -0.29
C LEU A 622 -25.90 5.78 0.79
N GLN A 623 -26.64 6.86 0.64
CA GLN A 623 -26.60 7.99 1.57
C GLN A 623 -27.14 7.56 2.94
N GLN A 624 -28.07 6.63 2.88
CA GLN A 624 -28.74 6.09 4.07
C GLN A 624 -27.72 5.43 5.02
N ARG A 625 -26.52 5.24 4.51
CA ARG A 625 -25.44 4.61 5.28
C ARG A 625 -24.30 5.61 5.51
N GLY A 626 -24.61 6.86 5.23
CA GLY A 626 -23.69 7.99 5.42
C GLY A 626 -22.50 7.92 4.46
N TYR A 627 -22.78 7.50 3.24
CA TYR A 627 -21.75 7.43 2.20
C TYR A 627 -21.82 8.67 1.34
N LEU A 628 -20.75 9.43 1.43
CA LEU A 628 -20.60 10.64 0.63
C LEU A 628 -20.29 10.21 -0.77
N VAL A 629 -20.12 11.14 -1.67
CA VAL A 629 -19.87 10.72 -3.02
C VAL A 629 -19.52 11.83 -3.98
N ALA A 630 -18.63 11.39 -4.81
CA ALA A 630 -18.12 12.10 -5.97
C ALA A 630 -18.57 11.26 -7.15
N MET A 631 -19.49 11.82 -7.90
CA MET A 631 -20.09 11.11 -9.03
C MET A 631 -19.71 11.74 -10.36
N THR A 632 -20.09 11.02 -11.39
CA THR A 632 -19.86 11.40 -12.79
C THR A 632 -21.21 11.37 -13.53
N GLY A 633 -21.56 12.53 -14.05
CA GLY A 633 -22.82 12.76 -14.78
C GLY A 633 -23.06 11.67 -15.82
N ASP A 634 -23.91 12.02 -16.78
CA ASP A 634 -24.29 11.13 -17.86
C ASP A 634 -25.61 11.58 -18.52
N GLY A 635 -26.71 10.95 -18.11
CA GLY A 635 -28.03 11.22 -18.70
C GLY A 635 -29.06 11.73 -17.67
N VAL A 636 -30.18 12.12 -18.26
CA VAL A 636 -31.36 12.67 -17.55
C VAL A 636 -31.82 11.73 -16.44
N ASN A 637 -31.63 10.46 -16.70
CA ASN A 637 -32.04 9.37 -15.79
C ASN A 637 -31.23 9.39 -14.49
N ASP A 638 -30.06 9.99 -14.55
CA ASP A 638 -29.14 10.05 -13.39
C ASP A 638 -29.22 11.40 -12.67
N ALA A 639 -29.96 12.30 -13.27
CA ALA A 639 -30.14 13.66 -12.75
C ALA A 639 -30.57 13.65 -11.28
N PRO A 640 -31.63 12.89 -10.91
CA PRO A 640 -32.11 12.89 -9.54
C PRO A 640 -31.04 12.47 -8.55
N SER A 641 -30.33 11.42 -8.90
CA SER A 641 -29.25 10.89 -8.03
C SER A 641 -28.13 11.93 -7.87
N LEU A 642 -27.92 12.68 -8.93
CA LEU A 642 -26.89 13.72 -8.99
C LEU A 642 -27.19 14.85 -8.00
N LYS A 643 -28.45 15.27 -8.02
CA LYS A 643 -28.94 16.34 -7.14
C LYS A 643 -28.93 15.88 -5.68
N LYS A 644 -29.26 14.61 -5.51
CA LYS A 644 -29.29 13.97 -4.19
C LYS A 644 -27.90 13.99 -3.55
N ALA A 645 -26.94 13.52 -4.34
CA ALA A 645 -25.53 13.46 -3.94
C ALA A 645 -25.09 14.84 -3.47
N ASP A 646 -23.79 15.04 -3.42
CA ASP A 646 -23.22 16.32 -2.95
C ASP A 646 -22.12 16.83 -3.88
N THR A 647 -21.38 15.92 -4.49
CA THR A 647 -20.30 16.29 -5.42
C THR A 647 -20.54 15.72 -6.81
N GLY A 648 -20.34 16.60 -7.77
CA GLY A 648 -20.49 16.28 -9.19
C GLY A 648 -19.19 16.56 -9.92
N ILE A 649 -18.67 15.51 -10.51
CA ILE A 649 -17.43 15.56 -11.29
C ILE A 649 -17.75 15.29 -12.76
N ALA A 650 -17.63 16.34 -13.54
CA ALA A 650 -17.91 16.29 -14.98
C ALA A 650 -16.60 16.32 -15.76
N VAL A 651 -16.61 15.58 -16.85
CA VAL A 651 -15.47 15.50 -17.76
C VAL A 651 -15.37 16.80 -18.55
N GLU A 652 -14.14 17.24 -18.75
CA GLU A 652 -13.88 18.48 -19.48
C GLU A 652 -14.44 18.40 -20.90
N GLY A 653 -14.29 17.23 -21.48
CA GLY A 653 -14.77 16.96 -22.84
C GLY A 653 -16.20 16.43 -22.80
N SER A 654 -16.90 16.80 -21.73
CA SER A 654 -18.29 16.36 -21.50
C SER A 654 -19.28 17.53 -21.56
N SER A 655 -20.37 17.33 -20.83
CA SER A 655 -21.50 18.28 -20.74
C SER A 655 -21.32 19.25 -19.57
N ASP A 656 -21.80 20.47 -19.82
CA ASP A 656 -21.72 21.59 -18.87
C ASP A 656 -22.77 21.44 -17.76
N ALA A 657 -23.93 20.96 -18.15
CA ALA A 657 -25.06 20.75 -17.22
C ALA A 657 -24.57 20.03 -15.96
N ALA A 658 -23.86 18.94 -16.21
CA ALA A 658 -23.30 18.09 -15.13
C ALA A 658 -22.36 18.91 -14.24
N ARG A 659 -21.53 19.69 -14.91
CA ARG A 659 -20.53 20.55 -14.25
C ARG A 659 -21.18 21.58 -13.34
N SER A 660 -22.48 21.74 -13.53
CA SER A 660 -23.28 22.69 -12.74
C SER A 660 -23.78 22.03 -11.44
N ALA A 661 -24.39 20.88 -11.62
CA ALA A 661 -24.96 20.10 -10.50
C ALA A 661 -23.84 19.39 -9.73
N ALA A 662 -22.63 19.85 -10.00
CA ALA A 662 -21.41 19.28 -9.38
C ALA A 662 -20.64 20.39 -8.62
N ASP A 663 -19.34 20.17 -8.50
CA ASP A 663 -18.45 21.09 -7.78
C ASP A 663 -17.03 21.11 -8.32
N ILE A 664 -16.83 20.46 -9.44
CA ILE A 664 -15.50 20.40 -10.05
C ILE A 664 -15.58 19.75 -11.43
N VAL A 665 -14.45 19.79 -12.10
CA VAL A 665 -14.35 19.25 -13.45
C VAL A 665 -13.01 18.54 -13.68
N PHE A 666 -13.16 17.54 -14.52
CA PHE A 666 -12.08 16.67 -14.99
C PHE A 666 -11.60 17.12 -16.35
N LEU A 667 -10.44 17.68 -16.41
CA LEU A 667 -9.85 17.99 -17.71
C LEU A 667 -9.03 16.77 -18.06
N ALA A 668 -8.13 16.51 -17.14
CA ALA A 668 -7.31 15.31 -17.16
C ALA A 668 -8.28 14.19 -16.93
N PRO A 669 -8.96 13.75 -17.99
CA PRO A 669 -10.01 12.76 -17.88
C PRO A 669 -9.50 11.50 -17.25
N GLY A 670 -8.66 11.67 -16.25
CA GLY A 670 -8.03 10.55 -15.54
C GLY A 670 -8.62 10.39 -14.13
N LEU A 671 -8.58 9.15 -13.69
CA LEU A 671 -9.08 8.75 -12.35
C LEU A 671 -8.05 9.09 -11.27
N GLY A 672 -6.80 8.89 -11.63
CA GLY A 672 -5.66 9.13 -10.73
C GLY A 672 -5.67 10.58 -10.24
N ALA A 673 -6.23 11.43 -11.08
CA ALA A 673 -6.32 12.88 -10.80
C ALA A 673 -7.16 13.16 -9.54
N ILE A 674 -8.26 12.43 -9.41
CA ILE A 674 -9.18 12.62 -8.28
C ILE A 674 -8.51 12.26 -6.95
N ILE A 675 -7.79 11.15 -6.96
CA ILE A 675 -7.09 10.67 -5.75
C ILE A 675 -6.09 11.73 -5.27
N ASP A 676 -5.52 12.41 -6.25
CA ASP A 676 -4.55 13.49 -5.99
C ASP A 676 -5.27 14.65 -5.31
N ALA A 677 -6.45 14.92 -5.86
CA ALA A 677 -7.33 16.00 -5.37
C ALA A 677 -7.66 15.77 -3.90
N LEU A 678 -8.11 14.55 -3.63
CA LEU A 678 -8.49 14.13 -2.28
C LEU A 678 -7.30 14.32 -1.33
N LYS A 679 -6.13 14.11 -1.90
CA LYS A 679 -4.85 14.23 -1.18
C LYS A 679 -4.63 15.68 -0.73
N THR A 680 -4.80 16.58 -1.67
CA THR A 680 -4.61 18.03 -1.43
C THR A 680 -5.60 18.50 -0.35
N SER A 681 -6.84 18.11 -0.54
CA SER A 681 -7.93 18.47 0.37
C SER A 681 -7.57 18.07 1.80
N ARG A 682 -7.12 16.84 1.94
CA ARG A 682 -6.72 16.29 3.24
C ARG A 682 -5.52 17.06 3.77
N GLN A 683 -4.66 17.48 2.85
CA GLN A 683 -3.49 18.27 3.22
C GLN A 683 -3.94 19.60 3.83
N ILE A 684 -4.93 20.19 3.19
CA ILE A 684 -5.48 21.50 3.58
C ILE A 684 -5.99 21.51 5.03
N PHE A 685 -6.69 20.45 5.39
CA PHE A 685 -7.30 20.35 6.72
C PHE A 685 -6.25 20.22 7.84
N HIS A 686 -5.43 19.20 7.75
CA HIS A 686 -4.39 18.94 8.77
C HIS A 686 -3.62 20.22 9.06
N ARG A 687 -3.08 20.77 7.99
CA ARG A 687 -2.28 22.00 8.05
C ARG A 687 -3.03 23.06 8.86
N MET A 688 -4.32 23.16 8.59
CA MET A 688 -5.18 24.11 9.29
C MET A 688 -5.14 23.81 10.79
N TYR A 689 -5.27 22.53 11.09
CA TYR A 689 -5.27 22.05 12.47
C TYR A 689 -3.95 22.39 13.17
N ALA A 690 -2.86 22.01 12.52
CA ALA A 690 -1.51 22.25 13.04
C ALA A 690 -1.31 23.74 13.30
N TYR A 691 -1.90 24.52 12.41
CA TYR A 691 -1.83 25.98 12.45
C TYR A 691 -2.57 26.52 13.69
N VAL A 692 -3.73 25.93 13.94
CA VAL A 692 -4.58 26.34 15.07
C VAL A 692 -3.94 25.94 16.41
N VAL A 693 -3.47 24.70 16.47
CA VAL A 693 -2.85 24.19 17.70
C VAL A 693 -1.71 25.08 18.14
N TYR A 694 -0.84 25.41 17.20
CA TYR A 694 0.32 26.25 17.50
C TYR A 694 -0.12 27.59 18.10
N ARG A 695 -1.01 28.24 17.37
CA ARG A 695 -1.54 29.55 17.75
C ARG A 695 -2.16 29.51 19.16
N ILE A 696 -3.17 28.66 19.28
CA ILE A 696 -3.94 28.51 20.53
C ILE A 696 -3.07 28.00 21.69
N ALA A 697 -2.38 26.90 21.46
CA ALA A 697 -1.52 26.30 22.50
C ALA A 697 -0.55 27.32 23.08
N LEU A 698 0.22 27.91 22.18
CA LEU A 698 1.24 28.91 22.52
C LEU A 698 0.62 30.15 23.17
N SER A 699 -0.52 30.54 22.62
CA SER A 699 -1.24 31.74 23.07
C SER A 699 -1.84 31.57 24.48
N ILE A 700 -2.28 30.36 24.77
CA ILE A 700 -2.91 30.07 26.07
C ILE A 700 -1.90 30.26 27.21
N HIS A 701 -0.66 29.92 26.95
CA HIS A 701 0.40 30.04 27.96
C HIS A 701 0.55 31.51 28.35
N LEU A 702 0.55 32.39 27.36
CA LEU A 702 0.69 33.82 27.65
C LEU A 702 -0.52 34.32 28.44
N GLU A 703 -1.64 33.67 28.22
CA GLU A 703 -2.92 34.03 28.86
C GLU A 703 -2.80 33.99 30.39
N ILE A 704 -2.36 32.86 30.90
CA ILE A 704 -2.22 32.68 32.35
C ILE A 704 -0.84 33.09 32.84
N PHE A 705 0.11 33.20 31.91
CA PHE A 705 1.45 33.66 32.32
C PHE A 705 1.32 35.06 32.87
N LEU A 706 0.48 35.81 32.19
CA LEU A 706 0.16 37.18 32.56
C LEU A 706 -0.47 37.18 33.94
N GLY A 707 -1.33 36.19 34.10
CA GLY A 707 -2.08 35.95 35.34
C GLY A 707 -1.12 35.64 36.50
N LEU A 708 -0.20 34.73 36.23
CA LEU A 708 0.80 34.30 37.21
C LEU A 708 1.40 35.51 37.91
N TRP A 709 2.11 36.28 37.12
CA TRP A 709 2.78 37.49 37.59
C TRP A 709 1.77 38.38 38.32
N ILE A 710 0.56 38.38 37.79
CA ILE A 710 -0.55 39.17 38.36
C ILE A 710 -0.66 38.88 39.86
N ALA A 711 -0.31 37.66 40.20
CA ALA A 711 -0.37 37.17 41.59
C ALA A 711 1.00 37.19 42.28
N ILE A 712 2.02 36.80 41.53
CA ILE A 712 3.40 36.69 42.09
C ILE A 712 4.49 37.17 41.12
N LEU A 713 5.57 36.40 41.18
CA LEU A 713 6.79 36.58 40.37
C LEU A 713 7.53 37.85 40.79
N ASN A 714 7.44 38.88 39.96
CA ASN A 714 8.09 40.16 40.26
C ASN A 714 8.13 41.11 39.05
N ARG A 715 8.84 40.69 38.03
CA ARG A 715 9.01 41.51 36.83
C ARG A 715 7.67 42.04 36.33
N SER A 716 7.60 42.18 35.04
CA SER A 716 6.42 42.72 34.40
C SER A 716 6.37 42.42 32.92
N LEU A 717 5.25 42.82 32.40
CA LEU A 717 4.92 42.78 30.99
C LEU A 717 4.83 44.22 30.53
N ASN A 718 5.50 44.53 29.45
CA ASN A 718 5.52 45.90 28.96
C ASN A 718 5.69 45.95 27.44
N ILE A 719 4.98 46.94 26.92
CA ILE A 719 4.91 47.28 25.50
C ILE A 719 6.08 46.69 24.69
N GLU A 720 7.24 47.29 24.90
CA GLU A 720 8.49 46.94 24.20
C GLU A 720 8.56 45.45 23.83
N LEU A 721 9.28 44.72 24.67
CA LEU A 721 9.55 43.28 24.48
C LEU A 721 8.25 42.48 24.24
N VAL A 722 7.18 42.88 24.90
CA VAL A 722 5.89 42.20 24.75
C VAL A 722 5.41 42.33 23.30
N VAL A 723 5.42 43.56 22.83
CA VAL A 723 4.99 43.88 21.46
C VAL A 723 5.81 43.06 20.46
N PHE A 724 7.05 42.79 20.84
CA PHE A 724 7.96 42.03 19.99
C PHE A 724 7.44 40.61 19.80
N ILE A 725 7.26 39.92 20.92
CA ILE A 725 6.76 38.54 20.89
C ILE A 725 5.45 38.47 20.10
N ALA A 726 4.62 39.46 20.36
CA ALA A 726 3.31 39.58 19.70
C ALA A 726 3.46 39.62 18.18
N ILE A 727 4.45 40.37 17.73
CA ILE A 727 4.69 40.57 16.28
C ILE A 727 5.27 39.31 15.60
N PHE A 728 6.17 38.64 16.29
CA PHE A 728 6.84 37.45 15.74
C PHE A 728 6.05 36.16 15.99
N ALA A 729 5.09 36.22 16.88
CA ALA A 729 4.33 35.02 17.28
C ALA A 729 2.90 34.97 16.75
N ASP A 730 2.24 36.11 16.72
CA ASP A 730 0.83 36.16 16.32
C ASP A 730 0.64 36.57 14.85
N VAL A 731 1.74 36.84 14.17
CA VAL A 731 1.69 37.26 12.74
C VAL A 731 1.70 36.03 11.79
N ALA A 732 2.71 36.02 10.93
CA ALA A 732 2.93 35.00 9.87
C ALA A 732 2.76 33.56 10.37
N THR A 733 3.42 33.26 11.48
CA THR A 733 3.41 31.92 12.10
C THR A 733 2.02 31.27 12.01
N LEU A 734 1.09 31.76 12.82
CA LEU A 734 -0.26 31.21 12.83
C LEU A 734 -0.73 31.08 11.37
N ALA A 735 -0.13 31.90 10.53
CA ALA A 735 -0.42 31.97 9.08
C ALA A 735 -0.11 30.63 8.34
N ILE A 736 1.21 30.40 8.17
CA ILE A 736 1.91 29.32 7.39
C ILE A 736 1.05 28.09 7.01
N ALA A 737 1.45 27.46 5.90
CA ALA A 737 0.75 26.29 5.33
C ALA A 737 1.68 25.43 4.46
N TYR A 738 1.33 24.14 4.43
CA TYR A 738 2.08 23.12 3.67
C TYR A 738 1.30 21.82 3.54
N ASP A 739 1.60 21.15 2.45
CA ASP A 739 1.00 19.86 2.10
C ASP A 739 1.74 18.73 2.82
N ASN A 740 0.94 17.84 3.40
CA ASN A 740 1.45 16.66 4.13
C ASN A 740 1.38 15.44 3.22
N ALA A 741 2.55 14.86 2.99
CA ALA A 741 2.73 13.70 2.10
C ALA A 741 2.02 12.46 2.64
N PRO A 742 2.19 12.09 3.92
CA PRO A 742 1.54 10.90 4.47
C PRO A 742 0.04 11.01 4.42
N TYR A 743 -0.39 12.17 4.89
CA TYR A 743 -1.81 12.60 5.02
C TYR A 743 -2.80 11.76 4.21
N SER A 744 -2.30 11.05 3.24
CA SER A 744 -3.14 10.19 2.40
C SER A 744 -3.26 8.83 3.07
N GLN A 745 -2.76 8.85 4.29
CA GLN A 745 -2.72 7.70 5.16
C GLN A 745 -3.73 7.84 6.31
N THR A 746 -4.58 8.84 6.19
CA THR A 746 -5.62 9.10 7.21
C THR A 746 -7.01 8.96 6.62
N PRO A 747 -7.94 8.29 7.32
CA PRO A 747 -9.30 8.17 6.84
C PRO A 747 -9.88 9.54 6.68
N VAL A 748 -10.94 9.62 5.87
CA VAL A 748 -11.64 10.88 5.61
C VAL A 748 -12.26 11.42 6.90
N LYS A 749 -12.30 12.73 6.97
CA LYS A 749 -12.89 13.42 8.12
C LYS A 749 -14.37 13.63 7.88
N TRP A 750 -15.10 13.54 8.97
CA TRP A 750 -16.54 13.80 8.97
C TRP A 750 -16.69 15.31 9.10
N ASN A 751 -17.49 15.89 8.24
CA ASN A 751 -17.69 17.34 8.21
C ASN A 751 -18.86 17.75 9.10
N LEU A 752 -19.93 18.13 8.44
CA LEU A 752 -21.15 18.56 9.10
C LEU A 752 -21.13 18.13 10.57
N PRO A 753 -21.33 16.83 10.86
CA PRO A 753 -21.35 16.34 12.23
C PRO A 753 -20.05 16.62 13.01
N LYS A 754 -18.93 16.05 12.57
CA LYS A 754 -17.63 16.17 13.28
C LYS A 754 -17.39 17.61 13.81
N LEU A 755 -16.96 17.66 15.06
CA LEU A 755 -16.66 18.92 15.78
C LEU A 755 -15.32 19.50 15.28
N TRP A 756 -15.29 20.83 15.19
CA TRP A 756 -14.11 21.58 14.71
C TRP A 756 -12.85 21.12 15.45
N GLY A 757 -11.94 22.04 15.69
CA GLY A 757 -10.74 21.70 16.44
C GLY A 757 -11.11 20.54 17.34
N MET A 758 -10.68 19.37 16.94
CA MET A 758 -11.00 18.11 17.65
C MET A 758 -10.55 18.17 19.11
N SER A 759 -11.28 17.39 19.90
CA SER A 759 -11.04 17.26 21.34
C SER A 759 -9.60 16.83 21.58
N VAL A 760 -9.17 15.87 20.78
CA VAL A 760 -7.80 15.34 20.85
C VAL A 760 -6.82 16.48 20.61
N LEU A 761 -7.17 17.29 19.62
CA LEU A 761 -6.38 18.46 19.25
C LEU A 761 -6.35 19.46 20.41
N LEU A 762 -7.51 19.62 21.02
CA LEU A 762 -7.67 20.49 22.19
C LEU A 762 -6.67 20.05 23.24
N GLY A 763 -6.53 18.73 23.30
CA GLY A 763 -5.61 18.06 24.23
C GLY A 763 -4.16 18.34 23.83
N VAL A 764 -3.93 18.31 22.54
CA VAL A 764 -2.60 18.54 21.98
C VAL A 764 -2.09 19.92 22.34
N VAL A 765 -2.95 20.91 22.19
CA VAL A 765 -2.59 22.29 22.50
C VAL A 765 -2.35 22.45 24.01
N LEU A 766 -3.31 22.00 24.79
CA LEU A 766 -3.23 22.10 26.25
C LEU A 766 -1.96 21.43 26.77
N ALA A 767 -1.65 20.29 26.18
CA ALA A 767 -0.47 19.51 26.56
C ALA A 767 0.81 20.34 26.31
N VAL A 768 1.02 20.66 25.05
CA VAL A 768 2.19 21.43 24.63
C VAL A 768 2.25 22.75 25.40
N GLY A 769 1.10 23.37 25.49
CA GLY A 769 0.93 24.65 26.19
C GLY A 769 1.31 24.52 27.66
N THR A 770 0.55 23.69 28.35
CA THR A 770 0.73 23.45 29.80
C THR A 770 2.21 23.24 30.11
N TRP A 771 2.91 22.61 29.19
CA TRP A 771 4.34 22.42 29.41
C TRP A 771 5.00 23.78 29.50
N ILE A 772 5.21 24.37 28.33
CA ILE A 772 5.89 25.67 28.24
C ILE A 772 5.32 26.68 29.24
N THR A 773 4.02 26.63 29.51
CA THR A 773 3.46 27.59 30.48
C THR A 773 4.15 27.40 31.82
N VAL A 774 4.20 26.16 32.26
CA VAL A 774 4.84 25.82 33.52
C VAL A 774 6.35 25.92 33.39
N THR A 775 6.83 25.42 32.26
CA THR A 775 8.27 25.41 31.96
C THR A 775 8.84 26.83 31.96
N THR A 776 7.94 27.80 32.13
CA THR A 776 8.35 29.20 32.21
C THR A 776 8.61 29.57 33.66
N MET A 777 7.65 29.17 34.48
CA MET A 777 7.67 29.42 35.92
C MET A 777 8.93 28.81 36.55
N TYR A 778 9.34 27.68 36.02
CA TYR A 778 10.51 26.96 36.55
C TYR A 778 11.72 27.13 35.62
N ALA A 779 11.53 27.89 34.56
CA ALA A 779 12.60 28.15 33.60
C ALA A 779 13.79 28.80 34.34
N GLN A 780 13.41 29.71 35.23
CA GLN A 780 14.38 30.46 36.07
C GLN A 780 13.76 30.71 37.45
N GLY A 781 12.48 30.44 37.53
CA GLY A 781 11.66 30.61 38.76
C GLY A 781 12.18 29.69 39.87
N GLU A 782 13.34 29.15 39.58
CA GLU A 782 14.11 28.25 40.46
C GLU A 782 15.56 28.69 40.36
N ASN A 783 15.95 28.64 39.10
CA ASN A 783 17.26 29.02 38.56
C ASN A 783 18.28 29.41 39.63
N GLY A 784 18.38 30.72 39.86
CA GLY A 784 19.30 31.30 40.87
C GLY A 784 19.75 32.74 40.47
N GLY A 785 19.32 33.68 41.30
CA GLY A 785 19.64 35.13 41.17
C GLY A 785 20.21 35.64 42.50
N ILE A 786 21.00 36.71 42.43
CA ILE A 786 21.70 37.23 43.63
C ILE A 786 21.11 38.52 44.25
N VAL A 787 20.36 39.33 43.47
CA VAL A 787 19.89 40.64 44.01
C VAL A 787 18.35 40.79 44.11
N GLN A 788 17.61 39.99 43.37
CA GLN A 788 16.12 40.02 43.47
C GLN A 788 15.47 40.98 42.45
N ASN A 789 16.24 41.93 41.93
CA ASN A 789 15.73 42.87 40.91
C ASN A 789 15.99 42.29 39.52
N PHE A 790 14.88 41.96 38.87
CA PHE A 790 14.83 41.29 37.55
C PHE A 790 15.80 41.88 36.52
N GLY A 791 16.91 41.18 36.41
CA GLY A 791 18.00 41.48 35.48
C GLY A 791 18.46 40.18 34.81
N ASN A 792 17.73 39.13 35.16
CA ASN A 792 17.96 37.77 34.65
C ASN A 792 16.63 37.10 34.29
N MET A 793 15.65 37.38 35.13
CA MET A 793 14.29 36.84 34.98
C MET A 793 13.65 37.36 33.70
N ASP A 794 13.82 38.65 33.48
CA ASP A 794 13.27 39.35 32.29
C ASP A 794 13.97 38.87 31.02
N GLU A 795 15.28 39.04 31.03
CA GLU A 795 16.16 38.70 29.91
C GLU A 795 15.86 37.33 29.34
N VAL A 796 15.29 36.47 30.16
CA VAL A 796 14.97 35.10 29.75
C VAL A 796 13.46 34.91 29.62
N LEU A 797 12.74 35.54 30.52
CA LEU A 797 11.28 35.45 30.52
C LEU A 797 10.75 35.76 29.13
N PHE A 798 11.48 36.62 28.45
CA PHE A 798 11.11 37.05 27.09
C PHE A 798 11.82 36.21 26.04
N LEU A 799 13.09 35.96 26.27
CA LEU A 799 13.91 35.18 25.33
C LEU A 799 13.35 33.76 25.20
N GLN A 800 12.90 33.23 26.30
CA GLN A 800 12.33 31.88 26.35
C GLN A 800 11.00 31.84 25.60
N ILE A 801 10.12 32.75 25.97
CA ILE A 801 8.79 32.84 25.34
C ILE A 801 8.93 32.87 23.83
N SER A 802 9.84 33.71 23.39
CA SER A 802 10.11 33.89 21.96
C SER A 802 10.60 32.57 21.34
N LEU A 803 11.44 31.88 22.09
CA LEU A 803 12.04 30.62 21.63
C LEU A 803 11.03 29.46 21.61
N THR A 804 10.29 29.32 22.70
CA THR A 804 9.29 28.23 22.83
C THR A 804 8.29 28.29 21.69
N GLU A 805 7.50 29.33 21.74
CA GLU A 805 6.49 29.58 20.72
C GLU A 805 7.06 29.15 19.37
N ASN A 806 8.35 29.40 19.22
CA ASN A 806 9.07 29.00 18.02
C ASN A 806 8.89 27.52 17.85
N TRP A 807 9.09 26.90 18.98
CA TRP A 807 9.00 25.48 19.14
C TRP A 807 7.60 25.01 18.80
N LEU A 808 6.62 25.60 19.45
CA LEU A 808 5.23 25.20 19.24
C LEU A 808 4.88 25.26 17.75
N ILE A 809 5.28 26.34 17.12
CA ILE A 809 4.96 26.55 15.72
C ILE A 809 5.55 25.44 14.85
N PHE A 810 6.45 24.64 15.40
CA PHE A 810 7.03 23.55 14.61
C PHE A 810 6.40 22.22 15.00
N ILE A 811 5.49 22.32 15.92
CA ILE A 811 4.68 21.17 16.32
C ILE A 811 3.35 21.30 15.59
N THR A 812 3.38 22.29 14.70
CA THR A 812 2.23 22.66 13.89
C THR A 812 2.39 22.21 12.44
N ARG A 813 3.57 21.75 12.09
CA ARG A 813 3.76 21.21 10.76
C ARG A 813 2.61 20.19 10.54
N ALA A 814 2.69 19.44 9.47
CA ALA A 814 1.65 18.43 9.10
C ALA A 814 1.04 17.74 10.33
N ASN A 815 -0.29 17.93 10.47
CA ASN A 815 -1.10 17.36 11.59
C ASN A 815 -1.18 15.83 11.49
N GLY A 816 -0.97 15.34 10.28
CA GLY A 816 -0.99 13.90 10.00
C GLY A 816 0.37 13.31 10.35
N PRO A 817 1.46 13.80 9.73
CA PRO A 817 2.81 13.33 10.02
C PRO A 817 3.18 13.60 11.47
N PHE A 818 4.06 12.75 11.99
CA PHE A 818 4.54 12.85 13.39
C PHE A 818 6.07 12.84 13.48
N TRP A 819 6.65 13.91 14.03
CA TRP A 819 8.09 13.96 14.29
C TRP A 819 8.92 14.63 13.16
N SER A 820 8.58 15.86 12.74
CA SER A 820 9.35 16.50 11.63
C SER A 820 9.75 17.96 11.94
N SER A 821 11.07 18.18 11.91
CA SER A 821 11.68 19.50 12.18
C SER A 821 12.43 20.04 10.94
N ILE A 822 12.63 21.35 10.96
CA ILE A 822 13.34 22.10 9.91
C ILE A 822 12.50 22.11 8.61
N PRO A 823 11.26 21.60 8.64
CA PRO A 823 10.39 21.58 7.47
C PRO A 823 10.07 22.97 7.04
N SER A 824 8.85 23.15 6.59
CA SER A 824 8.43 24.46 6.15
C SER A 824 9.71 25.26 6.07
N TRP A 825 10.14 25.53 4.87
CA TRP A 825 11.39 26.27 4.69
C TRP A 825 11.24 27.72 5.10
N GLN A 826 10.19 28.32 4.59
CA GLN A 826 9.88 29.72 4.89
C GLN A 826 9.73 29.88 6.39
N LEU A 827 9.02 28.93 6.98
CA LEU A 827 8.76 28.92 8.43
C LEU A 827 10.09 28.89 9.19
N SER A 828 10.94 27.97 8.79
CA SER A 828 12.26 27.81 9.43
C SER A 828 13.07 29.10 9.30
N GLY A 829 13.06 29.65 8.10
CA GLY A 829 13.77 30.90 7.80
C GLY A 829 13.34 31.95 8.83
N ALA A 830 12.05 31.97 9.06
CA ALA A 830 11.43 32.92 10.00
C ALA A 830 11.95 32.65 11.41
N ILE A 831 12.02 31.37 11.74
CA ILE A 831 12.49 30.96 13.07
C ILE A 831 13.86 31.55 13.36
N PHE A 832 14.78 31.31 12.45
CA PHE A 832 16.15 31.81 12.60
C PHE A 832 16.14 33.32 12.72
N LEU A 833 15.50 33.96 11.77
CA LEU A 833 15.44 35.41 11.79
C LEU A 833 14.85 35.89 13.10
N VAL A 834 13.73 35.29 13.47
CA VAL A 834 13.04 35.65 14.71
C VAL A 834 13.96 35.48 15.90
N ASP A 835 14.68 34.39 15.89
CA ASP A 835 15.62 34.08 16.96
C ASP A 835 16.67 35.17 17.04
N ILE A 836 17.07 35.65 15.88
CA ILE A 836 18.08 36.70 15.78
C ILE A 836 17.63 37.94 16.55
N LEU A 837 16.40 38.35 16.32
CA LEU A 837 15.84 39.52 16.99
C LEU A 837 16.05 39.39 18.50
N ALA A 838 15.75 38.19 18.96
CA ALA A 838 15.86 37.84 20.37
C ALA A 838 17.29 38.01 20.88
N THR A 839 18.24 37.47 20.13
CA THR A 839 19.65 37.53 20.53
C THR A 839 20.09 38.99 20.66
N CYS A 840 19.84 39.77 19.63
CA CYS A 840 20.21 41.18 19.65
C CYS A 840 19.50 41.89 20.80
N PHE A 841 18.24 41.53 20.94
CA PHE A 841 17.38 42.09 21.98
C PHE A 841 17.99 41.84 23.36
N THR A 842 18.76 40.78 23.45
CA THR A 842 19.40 40.41 24.73
C THR A 842 20.85 40.86 24.78
N ILE A 843 21.54 40.72 23.67
CA ILE A 843 22.96 41.08 23.58
C ILE A 843 23.17 42.51 24.05
N TRP A 844 23.24 43.39 23.07
CA TRP A 844 23.44 44.83 23.32
C TRP A 844 22.09 45.49 23.54
N GLY A 845 22.13 46.18 24.63
CA GLY A 845 21.02 46.86 25.26
C GLY A 845 21.04 46.35 26.70
N TRP A 846 21.16 45.02 26.77
CA TRP A 846 21.19 44.29 28.05
C TRP A 846 22.55 43.58 28.27
N PHE A 847 23.56 43.97 27.51
CA PHE A 847 24.89 43.32 27.57
C PHE A 847 25.50 43.27 28.99
N GLU A 848 25.09 44.18 29.85
CA GLU A 848 25.68 44.27 31.21
C GLU A 848 24.87 43.58 32.31
N HIS A 849 23.73 43.04 31.97
CA HIS A 849 22.87 42.43 33.00
C HIS A 849 22.57 40.95 32.71
N SER A 850 23.33 40.35 31.81
CA SER A 850 23.08 38.94 31.45
C SER A 850 23.88 38.00 32.38
N ASP A 851 23.13 37.06 32.92
CA ASP A 851 23.60 36.00 33.81
C ASP A 851 23.05 34.65 33.35
N THR A 852 21.84 34.74 32.81
CA THR A 852 21.05 33.61 32.33
C THR A 852 21.50 33.14 30.94
N SER A 853 22.34 33.96 30.33
CA SER A 853 22.81 33.72 28.94
C SER A 853 23.80 32.53 28.85
N ILE A 854 24.38 32.15 29.96
CA ILE A 854 25.41 31.07 29.96
C ILE A 854 24.80 29.67 30.10
N VAL A 855 24.03 29.46 31.16
CA VAL A 855 23.50 28.11 31.45
C VAL A 855 21.97 28.15 31.50
N ALA A 856 21.41 29.27 31.20
CA ALA A 856 19.97 29.43 31.11
C ALA A 856 19.57 29.19 29.66
N VAL A 857 20.48 29.62 28.79
CA VAL A 857 20.29 29.50 27.34
C VAL A 857 20.34 28.05 26.89
N VAL A 858 21.32 27.33 27.42
CA VAL A 858 21.48 25.92 27.06
C VAL A 858 20.24 25.13 27.45
N ARG A 859 19.73 25.46 28.61
CA ARG A 859 18.54 24.82 29.17
C ARG A 859 17.38 24.98 28.20
N ILE A 860 17.38 26.08 27.49
CA ILE A 860 16.31 26.35 26.52
C ILE A 860 16.32 25.26 25.46
N TRP A 861 17.49 25.06 24.90
CA TRP A 861 17.70 24.07 23.84
C TRP A 861 17.32 22.67 24.32
N ILE A 862 17.78 22.33 25.51
CA ILE A 862 17.54 20.99 26.05
C ILE A 862 16.03 20.79 26.16
N PHE A 863 15.29 21.85 26.38
CA PHE A 863 13.83 21.72 26.52
C PHE A 863 13.12 22.25 25.29
N SER A 864 13.88 22.87 24.42
CA SER A 864 13.32 23.38 23.18
C SER A 864 13.08 22.20 22.27
N PHE A 865 13.22 21.05 22.83
CA PHE A 865 13.09 19.87 22.04
C PHE A 865 11.88 19.03 22.43
N GLY A 866 11.70 18.89 23.72
CA GLY A 866 10.60 18.09 24.27
C GLY A 866 9.26 18.40 23.56
N ILE A 867 9.15 19.60 23.01
CA ILE A 867 7.91 20.00 22.34
C ILE A 867 7.72 19.20 21.05
N PHE A 868 8.82 19.00 20.36
CA PHE A 868 8.79 18.25 19.11
C PHE A 868 8.43 16.79 19.38
N CYS A 869 9.08 16.24 20.38
CA CYS A 869 8.88 14.84 20.78
C CYS A 869 7.42 14.62 21.22
N ILE A 870 6.89 15.57 21.96
CA ILE A 870 5.51 15.47 22.46
C ILE A 870 4.54 15.27 21.30
N MET A 871 4.78 16.04 20.26
CA MET A 871 3.94 16.01 19.05
C MET A 871 4.10 14.68 18.32
N GLY A 872 5.35 14.28 18.18
CA GLY A 872 5.73 13.03 17.51
C GLY A 872 4.87 11.87 17.99
N GLY A 873 4.58 11.89 19.28
CA GLY A 873 3.78 10.86 19.94
C GLY A 873 2.30 11.03 19.57
N VAL A 874 1.86 12.25 19.68
CA VAL A 874 0.48 12.62 19.38
C VAL A 874 0.14 12.19 17.95
N TYR A 875 1.06 12.49 17.06
CA TYR A 875 0.92 12.25 15.62
C TYR A 875 0.82 10.73 15.25
N TYR A 876 1.42 9.86 16.07
CA TYR A 876 1.56 8.38 15.77
C TYR A 876 0.34 7.46 16.21
N ILE A 877 -0.49 7.95 17.12
CA ILE A 877 -1.76 7.30 17.70
C ILE A 877 -2.12 5.78 17.36
N LEU A 878 -2.47 5.06 18.47
CA LEU A 878 -2.92 3.63 18.51
C LEU A 878 -4.11 3.45 19.48
N GLN A 879 -5.17 2.83 18.99
CA GLN A 879 -6.40 2.59 19.78
C GLN A 879 -6.28 1.27 20.55
N ASP A 880 -6.92 1.27 21.71
CA ASP A 880 -6.97 0.09 22.60
C ASP A 880 -8.42 -0.32 22.83
N SER A 881 -8.67 -1.60 22.62
CA SER A 881 -10.00 -2.18 22.85
C SER A 881 -9.84 -3.32 23.89
N VAL A 882 -10.82 -3.48 24.79
CA VAL A 882 -10.79 -4.57 25.80
C VAL A 882 -11.17 -5.89 25.09
N GLY A 883 -10.19 -6.76 25.11
CA GLY A 883 -10.15 -8.11 24.47
C GLY A 883 -11.51 -8.79 24.25
N PHE A 884 -12.60 -8.13 24.57
CA PHE A 884 -13.93 -8.75 24.37
C PHE A 884 -14.54 -8.29 23.02
N ASP A 885 -14.13 -7.07 22.61
CA ASP A 885 -14.60 -6.41 21.34
C ASP A 885 -14.16 -7.19 20.10
N ASN A 886 -12.90 -7.59 20.11
CA ASN A 886 -12.30 -8.35 19.01
C ASN A 886 -12.89 -9.77 18.95
N LEU A 887 -13.26 -10.25 20.12
CA LEU A 887 -13.84 -11.60 20.29
C LEU A 887 -15.13 -11.74 19.48
N MET A 888 -15.96 -10.71 19.61
CA MET A 888 -17.24 -10.65 18.91
C MET A 888 -17.00 -10.84 17.43
N HIS A 889 -15.84 -10.39 17.08
CA HIS A 889 -15.39 -10.48 15.73
C HIS A 889 -15.13 -11.94 15.40
N GLY A 890 -14.63 -12.65 16.40
CA GLY A 890 -14.32 -14.07 16.29
C GLY A 890 -15.60 -14.83 15.93
N LYS A 891 -16.70 -14.19 16.29
CA LYS A 891 -18.04 -14.73 16.07
C LYS A 891 -18.55 -14.36 14.68
N SER A 892 -18.38 -13.10 14.34
CA SER A 892 -18.75 -12.62 13.01
C SER A 892 -18.38 -13.72 12.03
N PRO A 893 -17.25 -14.42 12.29
CA PRO A 893 -16.83 -15.54 11.45
C PRO A 893 -17.95 -16.55 11.41
N LYS A 894 -18.39 -16.76 10.18
CA LYS A 894 -19.58 -17.56 9.80
C LYS A 894 -20.75 -16.60 9.83
N GLY A 895 -21.80 -16.90 9.12
CA GLY A 895 -22.91 -15.95 9.01
C GLY A 895 -22.44 -14.87 8.05
N ASN A 896 -21.15 -14.59 8.19
CA ASN A 896 -20.41 -13.69 7.31
C ASN A 896 -20.09 -14.51 6.07
N GLN A 897 -19.59 -15.69 6.39
CA GLN A 897 -19.25 -16.74 5.42
C GLN A 897 -20.54 -17.31 4.86
N LYS A 898 -21.46 -17.53 5.78
CA LYS A 898 -22.79 -18.07 5.47
C LYS A 898 -23.51 -17.12 4.50
N GLN A 899 -23.47 -15.85 4.85
CA GLN A 899 -24.10 -14.78 4.08
C GLN A 899 -23.51 -14.77 2.68
N ARG A 900 -22.19 -14.80 2.62
CA ARG A 900 -21.43 -14.79 1.37
C ARG A 900 -21.83 -15.96 0.49
N SER A 901 -21.86 -17.12 1.12
CA SER A 901 -22.23 -18.38 0.45
C SER A 901 -23.64 -18.27 -0.15
N LEU A 902 -24.54 -17.78 0.67
CA LEU A 902 -25.96 -17.59 0.29
C LEU A 902 -26.03 -16.65 -0.90
N GLU A 903 -25.39 -15.49 -0.74
CA GLU A 903 -25.34 -14.50 -1.81
C GLU A 903 -24.90 -15.20 -3.09
N ASP A 904 -23.83 -15.95 -2.93
CA ASP A 904 -23.21 -16.72 -4.00
C ASP A 904 -24.23 -17.71 -4.59
N PHE A 905 -24.86 -18.50 -3.72
CA PHE A 905 -25.88 -19.45 -4.18
C PHE A 905 -26.74 -18.72 -5.23
N VAL A 906 -27.62 -17.85 -4.74
CA VAL A 906 -28.52 -17.06 -5.62
C VAL A 906 -27.72 -16.38 -6.68
N VAL A 907 -26.66 -15.78 -6.23
CA VAL A 907 -25.78 -15.15 -7.21
C VAL A 907 -25.38 -16.17 -8.29
N SER A 908 -25.53 -17.46 -7.92
CA SER A 908 -25.18 -18.59 -8.80
C SER A 908 -26.33 -18.83 -9.79
N LEU A 909 -27.55 -18.71 -9.30
CA LEU A 909 -28.76 -18.88 -10.12
C LEU A 909 -28.76 -17.85 -11.25
N GLN A 910 -28.31 -16.66 -10.89
CA GLN A 910 -28.29 -15.48 -11.77
C GLN A 910 -27.32 -15.63 -12.94
N ARG A 911 -26.43 -16.60 -12.85
CA ARG A 911 -25.45 -16.86 -13.92
C ARG A 911 -26.14 -17.52 -15.13
N VAL A 912 -27.31 -18.08 -14.85
CA VAL A 912 -28.10 -18.82 -15.86
C VAL A 912 -29.59 -18.83 -15.48
N SER A 913 -30.18 -17.65 -15.46
CA SER A 913 -31.58 -17.48 -15.07
C SER A 913 -32.49 -18.33 -15.97
N THR A 914 -32.31 -18.26 -17.26
CA THR A 914 -33.25 -18.90 -18.21
C THR A 914 -33.24 -20.43 -18.05
N GLN A 915 -32.06 -21.04 -17.99
CA GLN A 915 -31.90 -22.51 -17.91
C GLN A 915 -32.84 -23.05 -16.85
N HIS A 916 -32.56 -22.48 -15.68
CA HIS A 916 -33.21 -22.70 -14.37
C HIS A 916 -34.73 -22.66 -14.50
N GLU A 917 -35.18 -21.56 -15.08
CA GLU A 917 -36.60 -21.33 -15.32
C GLU A 917 -37.15 -22.49 -16.14
N LYS A 918 -36.43 -22.77 -17.23
CA LYS A 918 -36.80 -23.85 -18.16
C LYS A 918 -36.89 -25.18 -17.41
N SER A 919 -35.87 -25.45 -16.61
CA SER A 919 -35.81 -26.67 -15.79
C SER A 919 -37.02 -26.72 -14.87
N GLN A 920 -37.28 -25.65 -14.16
CA GLN A 920 -38.40 -25.56 -13.22
C GLN A 920 -39.71 -25.86 -13.96
N MET B 1 9.81 -49.21 -22.40
CA MET B 1 11.18 -49.33 -22.96
C MET B 1 11.71 -47.96 -23.41
N ALA B 2 11.80 -47.80 -24.73
CA ALA B 2 12.44 -46.63 -25.37
C ALA B 2 12.06 -45.29 -24.71
N ASP B 3 11.20 -45.36 -23.73
CA ASP B 3 10.75 -44.15 -23.02
C ASP B 3 11.80 -43.74 -22.01
N HIS B 4 11.96 -44.67 -21.10
CA HIS B 4 12.85 -44.58 -19.96
C HIS B 4 14.33 -44.46 -20.33
N SER B 5 14.77 -45.39 -21.16
CA SER B 5 16.17 -45.45 -21.59
C SER B 5 16.68 -44.03 -21.88
N ALA B 6 15.73 -43.27 -22.38
CA ALA B 6 15.93 -41.89 -22.79
C ALA B 6 15.82 -40.93 -21.60
N SER B 7 15.21 -41.44 -20.54
CA SER B 7 15.03 -40.68 -19.30
C SER B 7 16.26 -40.83 -18.42
N GLY B 8 16.70 -42.08 -18.36
CA GLY B 8 17.87 -42.48 -17.58
C GLY B 8 19.11 -41.76 -18.10
N ALA B 9 19.30 -41.86 -19.40
CA ALA B 9 20.44 -41.24 -20.08
C ALA B 9 20.55 -39.78 -19.65
N PRO B 10 19.53 -38.99 -19.96
CA PRO B 10 19.50 -37.56 -19.68
C PRO B 10 19.51 -37.12 -18.22
N ALA B 11 19.67 -38.01 -17.24
CA ALA B 11 19.61 -37.53 -15.82
C ALA B 11 20.66 -38.20 -14.93
N LEU B 12 20.50 -37.92 -13.64
CA LEU B 12 21.32 -38.49 -12.56
C LEU B 12 22.61 -37.66 -12.30
N SER B 13 22.64 -37.23 -11.03
CA SER B 13 23.70 -36.43 -10.39
C SER B 13 23.42 -36.43 -8.87
N THR B 14 23.83 -37.55 -8.28
CA THR B 14 23.56 -37.91 -6.86
C THR B 14 23.93 -36.83 -5.82
N ASN B 15 25.14 -36.33 -5.87
CA ASN B 15 25.57 -35.38 -4.85
C ASN B 15 25.75 -33.98 -5.40
N ILE B 16 24.74 -33.19 -5.08
CA ILE B 16 24.68 -31.78 -5.42
C ILE B 16 26.09 -31.28 -5.67
N GLU B 17 26.96 -31.88 -4.88
CA GLU B 17 28.40 -31.59 -4.89
C GLU B 17 28.85 -31.17 -3.49
N SER B 18 29.58 -32.06 -2.86
CA SER B 18 30.15 -31.82 -1.53
C SER B 18 31.33 -30.83 -1.68
N GLY B 19 30.98 -29.54 -1.82
CA GLY B 19 31.98 -28.44 -2.03
C GLY B 19 31.85 -27.34 -0.96
N LYS B 20 32.78 -27.44 -0.03
CA LYS B 20 32.90 -26.64 1.22
C LYS B 20 32.79 -25.11 1.09
N PHE B 21 32.59 -24.56 2.30
CA PHE B 21 32.45 -23.14 2.61
C PHE B 21 33.82 -22.46 2.64
N ASP B 22 34.70 -23.03 1.82
CA ASP B 22 36.10 -22.58 1.72
C ASP B 22 36.25 -21.47 0.67
N GLU B 23 36.33 -21.89 -0.58
CA GLU B 23 36.51 -20.99 -1.73
C GLU B 23 35.96 -19.59 -1.39
N LYS B 24 34.98 -19.58 -0.51
CA LYS B 24 34.30 -18.35 -0.06
C LYS B 24 35.24 -17.50 0.80
N ALA B 25 35.91 -18.19 1.71
CA ALA B 25 36.85 -17.57 2.66
C ALA B 25 37.97 -16.84 1.92
N ALA B 26 38.49 -17.50 0.90
CA ALA B 26 39.59 -16.97 0.08
C ALA B 26 39.13 -15.81 -0.81
N GLU B 27 37.99 -16.00 -1.42
CA GLU B 27 37.40 -15.04 -2.37
C GLU B 27 37.03 -13.75 -1.64
N ALA B 28 36.30 -13.89 -0.56
CA ALA B 28 35.76 -12.76 0.22
C ALA B 28 36.85 -11.85 0.81
N ALA B 29 38.06 -12.38 0.93
CA ALA B 29 39.18 -11.62 1.50
C ALA B 29 39.97 -10.90 0.39
N ALA B 30 39.21 -10.17 -0.42
CA ALA B 30 39.74 -9.37 -1.54
C ALA B 30 38.57 -8.76 -2.37
N TYR B 31 37.34 -9.00 -1.87
CA TYR B 31 36.05 -8.59 -2.55
C TYR B 31 35.55 -7.19 -2.16
N GLN B 32 34.95 -6.59 -3.19
CA GLN B 32 34.42 -5.22 -3.21
C GLN B 32 35.50 -4.35 -3.91
N PRO B 33 36.71 -4.28 -3.30
CA PRO B 33 37.91 -3.49 -3.79
C PRO B 33 38.76 -4.11 -4.87
N LYS B 34 40.00 -3.53 -4.91
CA LYS B 34 41.26 -3.98 -5.53
C LYS B 34 41.29 -3.50 -6.96
N PRO B 35 41.40 -4.47 -7.98
CA PRO B 35 41.79 -4.33 -9.37
C PRO B 35 40.84 -3.40 -10.05
N LYS B 36 39.98 -4.02 -10.98
CA LYS B 36 38.97 -3.32 -11.80
C LYS B 36 39.48 -1.90 -12.15
N VAL B 37 40.27 -1.85 -13.24
CA VAL B 37 40.94 -0.61 -13.75
C VAL B 37 39.97 0.36 -14.44
N GLU B 38 39.15 0.95 -13.59
CA GLU B 38 38.15 1.94 -13.97
C GLU B 38 37.37 2.30 -12.73
N ASP B 39 37.53 3.55 -12.32
CA ASP B 39 36.91 4.07 -11.11
C ASP B 39 36.22 5.41 -11.38
N ASP B 40 35.31 5.36 -12.33
CA ASP B 40 34.51 6.53 -12.72
C ASP B 40 33.44 6.78 -11.66
N GLU B 41 32.76 7.89 -11.85
CA GLU B 41 31.67 8.26 -10.96
C GLU B 41 30.54 7.29 -11.14
N ASP B 42 29.91 7.04 -10.04
CA ASP B 42 28.82 6.12 -10.03
C ASP B 42 27.77 6.49 -11.08
N GLU B 43 27.67 7.79 -11.33
CA GLU B 43 26.69 8.34 -12.29
C GLU B 43 26.88 7.72 -13.67
N ASP B 44 28.10 7.80 -14.15
CA ASP B 44 28.49 7.30 -15.48
C ASP B 44 28.27 5.78 -15.58
N ILE B 45 28.38 5.12 -14.45
CA ILE B 45 28.22 3.65 -14.37
C ILE B 45 26.79 3.24 -14.78
N ASP B 46 25.83 3.89 -14.16
CA ASP B 46 24.40 3.60 -14.43
C ASP B 46 24.07 3.90 -15.89
N ALA B 47 24.49 5.06 -16.32
CA ALA B 47 24.27 5.53 -17.69
C ALA B 47 24.87 4.54 -18.70
N LEU B 48 26.00 3.98 -18.29
CA LEU B 48 26.75 3.01 -19.10
C LEU B 48 25.93 1.74 -19.34
N ILE B 49 25.17 1.38 -18.33
CA ILE B 49 24.31 0.18 -18.36
C ILE B 49 23.18 0.37 -19.37
N GLU B 50 22.52 1.50 -19.25
CA GLU B 50 21.38 1.87 -20.11
C GLU B 50 21.85 2.22 -21.53
N ASP B 51 23.15 2.42 -21.63
CA ASP B 51 23.80 2.79 -22.90
C ASP B 51 24.40 1.55 -23.58
N LEU B 52 24.58 0.52 -22.78
CA LEU B 52 25.16 -0.75 -23.23
C LEU B 52 24.06 -1.65 -23.79
N GLU B 53 23.03 -1.81 -23.00
CA GLU B 53 21.88 -2.65 -23.33
C GLU B 53 21.22 -2.19 -24.62
N SER B 54 21.71 -2.76 -25.69
CA SER B 54 21.20 -2.46 -27.02
C SER B 54 22.26 -1.75 -27.87
N HIS B 55 22.27 -0.47 -27.62
CA HIS B 55 23.11 0.59 -28.27
C HIS B 55 24.35 0.09 -29.06
N ASP B 56 24.58 0.90 -30.13
CA ASP B 56 25.69 0.77 -31.12
C ASP B 56 26.99 0.39 -30.40
N GLY B 57 28.13 0.29 -31.11
CA GLY B 57 29.32 -0.29 -30.43
C GLY B 57 30.64 0.49 -30.55
N HIS B 58 30.90 1.24 -29.49
CA HIS B 58 32.14 2.03 -29.35
C HIS B 58 33.23 1.14 -28.75
N ASP B 59 34.45 1.55 -29.01
CA ASP B 59 35.67 0.84 -28.56
C ASP B 59 35.96 1.16 -27.09
N ALA B 60 36.32 0.11 -26.37
CA ALA B 60 36.61 0.18 -24.93
C ALA B 60 38.03 -0.30 -24.62
N GLU B 61 38.68 -0.86 -25.62
CA GLU B 61 40.05 -1.37 -25.51
C GLU B 61 40.13 -2.55 -24.54
N GLU B 62 39.05 -3.30 -24.50
CA GLU B 62 38.95 -4.48 -23.62
C GLU B 62 38.20 -5.62 -24.29
N GLU B 63 38.58 -6.80 -23.87
CA GLU B 63 37.89 -8.02 -24.28
C GLU B 63 36.56 -8.03 -23.49
N GLU B 64 35.46 -8.31 -24.18
CA GLU B 64 34.13 -8.35 -23.53
C GLU B 64 33.00 -8.02 -24.51
N GLU B 65 32.27 -7.04 -24.02
CA GLU B 65 31.13 -6.34 -24.64
C GLU B 65 30.32 -7.09 -25.71
N GLU B 66 30.02 -8.32 -25.47
CA GLU B 66 29.13 -9.05 -26.35
C GLU B 66 28.10 -9.72 -25.46
N ALA B 67 26.99 -9.04 -25.41
CA ALA B 67 25.84 -9.39 -24.60
C ALA B 67 24.81 -8.32 -24.85
N THR B 68 25.38 -7.17 -25.19
CA THR B 68 24.62 -5.99 -25.55
C THR B 68 23.82 -6.31 -26.81
N PRO B 69 24.46 -6.94 -27.81
CA PRO B 69 23.78 -7.28 -29.05
C PRO B 69 22.61 -8.21 -28.83
N GLY B 70 22.55 -8.78 -27.64
CA GLY B 70 21.50 -9.76 -27.27
C GLY B 70 20.14 -9.09 -27.05
N GLY B 71 20.15 -7.95 -26.38
CA GLY B 71 18.92 -7.23 -26.04
C GLY B 71 18.74 -5.95 -26.87
N GLY B 72 19.57 -5.80 -27.88
CA GLY B 72 19.53 -4.62 -28.76
C GLY B 72 19.01 -4.98 -30.15
N ARG B 73 19.22 -6.24 -30.46
CA ARG B 73 18.82 -6.82 -31.75
C ARG B 73 18.62 -8.32 -31.57
N VAL B 74 17.94 -8.91 -32.52
CA VAL B 74 17.70 -10.35 -32.47
C VAL B 74 18.88 -11.03 -31.84
N VAL B 75 19.86 -11.11 -32.68
CA VAL B 75 21.07 -11.78 -32.34
C VAL B 75 20.95 -13.21 -32.85
N PRO B 76 19.92 -13.51 -33.66
CA PRO B 76 19.75 -14.83 -34.23
C PRO B 76 20.90 -15.14 -35.14
N GLU B 77 20.74 -14.65 -36.36
CA GLU B 77 21.76 -14.75 -37.40
C GLU B 77 23.16 -14.54 -36.72
N ASP B 78 23.40 -13.30 -36.24
CA ASP B 78 24.64 -12.92 -35.48
C ASP B 78 24.43 -13.39 -34.03
N MET B 79 25.22 -14.36 -33.71
CA MET B 79 25.28 -15.04 -32.41
C MET B 79 26.38 -16.04 -32.64
N LEU B 80 26.29 -16.48 -33.90
CA LEU B 80 27.28 -17.33 -34.57
C LEU B 80 28.34 -16.36 -35.07
N GLN B 81 27.83 -15.15 -35.18
CA GLN B 81 28.59 -13.95 -35.53
C GLN B 81 29.54 -13.69 -34.38
N THR B 82 29.07 -12.94 -33.39
CA THR B 82 29.91 -12.74 -32.21
C THR B 82 30.91 -13.91 -32.21
N ASP B 83 30.37 -15.13 -32.25
CA ASP B 83 31.17 -16.37 -32.22
C ASP B 83 31.08 -16.94 -30.80
N THR B 84 31.65 -18.11 -30.51
CA THR B 84 31.39 -18.68 -29.16
C THR B 84 32.53 -18.54 -28.11
N ARG B 85 33.27 -19.62 -28.10
CA ARG B 85 34.42 -19.94 -27.21
C ARG B 85 34.84 -18.95 -26.15
N VAL B 86 34.84 -19.50 -24.95
CA VAL B 86 35.29 -18.80 -23.75
C VAL B 86 34.99 -19.61 -22.50
N GLY B 87 35.97 -19.51 -21.65
CA GLY B 87 35.98 -20.13 -20.35
C GLY B 87 36.63 -19.15 -19.38
N LEU B 88 36.49 -19.47 -18.12
CA LEU B 88 37.04 -18.66 -17.04
C LEU B 88 38.47 -19.12 -16.74
N THR B 89 38.97 -18.61 -15.64
CA THR B 89 40.32 -18.91 -15.17
C THR B 89 40.34 -18.94 -13.64
N SER B 90 39.23 -19.42 -13.10
CA SER B 90 39.04 -19.49 -11.65
C SER B 90 38.99 -18.08 -11.08
N GLU B 91 39.84 -17.26 -11.66
CA GLU B 91 39.97 -15.84 -11.30
C GLU B 91 38.65 -15.12 -11.58
N GLU B 92 38.29 -15.14 -12.85
CA GLU B 92 37.07 -14.49 -13.38
C GLU B 92 35.85 -14.80 -12.48
N VAL B 93 35.77 -16.03 -12.04
CA VAL B 93 34.64 -16.50 -11.20
C VAL B 93 34.56 -15.70 -9.89
N VAL B 94 35.71 -15.57 -9.26
CA VAL B 94 35.84 -14.87 -7.96
C VAL B 94 35.37 -13.41 -8.07
N GLN B 95 35.65 -12.82 -9.21
CA GLN B 95 35.31 -11.41 -9.47
C GLN B 95 33.85 -11.28 -9.93
N ARG B 96 33.51 -12.05 -10.93
CA ARG B 96 32.15 -12.05 -11.50
C ARG B 96 31.12 -12.21 -10.38
N ARG B 97 31.44 -13.12 -9.48
CA ARG B 97 30.60 -13.45 -8.32
C ARG B 97 30.35 -12.19 -7.49
N ARG B 98 31.45 -11.52 -7.20
CA ARG B 98 31.47 -10.32 -6.36
C ARG B 98 30.63 -9.18 -6.95
N LYS B 99 30.56 -9.14 -8.27
CA LYS B 99 29.84 -8.04 -8.98
C LYS B 99 28.46 -8.51 -9.50
N TYR B 100 28.38 -9.78 -9.84
CA TYR B 100 27.11 -10.37 -10.34
C TYR B 100 26.46 -11.18 -9.21
N GLY B 101 27.21 -12.15 -8.74
CA GLY B 101 26.82 -13.02 -7.63
C GLY B 101 25.68 -13.98 -8.00
N LEU B 102 24.47 -13.56 -7.60
CA LEU B 102 23.24 -14.36 -7.77
C LEU B 102 22.30 -13.79 -8.86
N ASN B 103 22.82 -13.83 -10.10
CA ASN B 103 22.19 -13.35 -11.39
C ASN B 103 20.75 -12.79 -11.26
N GLN B 104 20.62 -11.90 -10.33
CA GLN B 104 19.40 -11.15 -10.06
C GLN B 104 19.89 -10.07 -9.14
N MET B 105 19.54 -8.85 -9.36
CA MET B 105 20.08 -7.81 -8.51
C MET B 105 19.16 -7.60 -7.32
N LYS B 106 19.81 -7.65 -6.18
CA LYS B 106 19.16 -7.42 -4.89
C LYS B 106 19.64 -6.09 -4.35
N GLU B 107 18.72 -5.42 -3.72
CA GLU B 107 19.00 -4.13 -3.12
C GLU B 107 19.22 -4.29 -1.63
N GLU B 108 20.29 -3.68 -1.21
CA GLU B 108 20.65 -3.62 0.19
C GLU B 108 20.64 -2.18 0.58
N LYS B 109 19.75 -1.88 1.47
CA LYS B 109 19.60 -0.52 1.92
C LYS B 109 19.42 -0.47 3.40
N GLU B 110 19.75 0.69 3.89
CA GLU B 110 19.63 1.02 5.28
C GLU B 110 18.47 1.98 5.41
N ASN B 111 17.60 1.59 6.30
CA ASN B 111 16.42 2.38 6.59
C ASN B 111 16.83 3.57 7.46
N HIS B 112 18.15 3.81 7.52
CA HIS B 112 18.69 4.93 8.30
C HIS B 112 19.90 4.52 9.16
N PHE B 113 19.67 3.47 9.92
CA PHE B 113 20.63 2.86 10.86
C PHE B 113 22.04 3.49 10.80
N LEU B 114 22.67 3.34 9.65
CA LEU B 114 24.07 3.78 9.42
C LEU B 114 24.29 5.29 9.64
N LYS B 115 23.28 6.09 9.35
CA LYS B 115 23.44 7.57 9.41
C LYS B 115 22.81 8.23 10.66
N PHE B 116 21.52 8.04 10.84
CA PHE B 116 20.78 8.68 11.97
C PHE B 116 21.31 8.21 13.33
N LEU B 117 21.98 7.09 13.32
CA LEU B 117 22.59 6.51 14.52
C LEU B 117 24.08 6.37 14.29
N GLY B 118 24.36 5.82 13.14
CA GLY B 118 25.71 5.56 12.66
C GLY B 118 26.70 6.60 13.20
N PHE B 119 26.97 7.57 12.35
CA PHE B 119 27.93 8.64 12.67
C PHE B 119 27.25 9.92 13.14
N PHE B 120 26.13 9.75 13.82
CA PHE B 120 25.45 10.88 14.45
C PHE B 120 26.00 10.97 15.86
N VAL B 121 26.37 9.77 16.29
CA VAL B 121 27.00 9.53 17.58
C VAL B 121 28.46 9.92 17.49
N GLY B 122 29.03 9.54 16.36
CA GLY B 122 30.43 9.82 16.05
C GLY B 122 30.68 11.32 16.23
N PRO B 123 29.80 12.19 15.73
CA PRO B 123 29.99 13.63 15.84
C PRO B 123 30.03 14.10 17.28
N ILE B 124 29.12 13.57 18.08
CA ILE B 124 29.01 13.95 19.50
C ILE B 124 30.36 13.83 20.20
N GLN B 125 31.01 12.72 19.94
CA GLN B 125 32.32 12.40 20.53
C GLN B 125 33.38 13.40 20.03
N PHE B 126 33.16 13.86 18.81
CA PHE B 126 34.08 14.79 18.15
C PHE B 126 33.93 16.20 18.74
N VAL B 127 32.70 16.57 19.02
CA VAL B 127 32.41 17.89 19.60
C VAL B 127 32.75 17.86 21.10
N MET B 128 32.87 16.65 21.60
CA MET B 128 33.24 16.42 23.00
C MET B 128 34.69 16.83 23.20
N GLU B 129 35.47 16.44 22.20
CA GLU B 129 36.90 16.75 22.12
C GLU B 129 37.08 18.24 21.88
N GLY B 130 36.22 18.75 21.02
CA GLY B 130 36.20 20.17 20.66
C GLY B 130 36.04 21.01 21.92
N ALA B 131 35.09 20.59 22.73
CA ALA B 131 34.79 21.25 24.01
C ALA B 131 35.97 21.13 24.95
N ALA B 132 36.62 19.98 24.85
CA ALA B 132 37.79 19.64 25.67
C ALA B 132 38.95 20.59 25.38
N VAL B 133 39.18 20.81 24.10
CA VAL B 133 40.27 21.66 23.61
C VAL B 133 39.88 23.15 23.64
N LEU B 134 38.59 23.38 23.76
CA LEU B 134 38.04 24.75 23.79
C LEU B 134 38.32 25.43 25.13
N ALA B 135 38.34 24.59 26.15
CA ALA B 135 38.54 25.03 27.54
C ALA B 135 40.03 25.18 27.87
N ALA B 136 40.57 26.29 27.40
CA ALA B 136 41.96 26.66 27.67
C ALA B 136 41.98 27.49 28.95
N GLY B 137 42.55 26.88 29.97
CA GLY B 137 42.64 27.50 31.30
C GLY B 137 41.71 26.77 32.28
N LEU B 138 41.03 25.77 31.73
CA LEU B 138 40.11 24.94 32.52
C LEU B 138 40.92 24.23 33.61
N GLU B 139 40.27 24.03 34.74
CA GLU B 139 40.91 23.41 35.90
C GLU B 139 40.73 21.88 35.87
N ASP B 140 40.02 21.43 34.85
CA ASP B 140 39.82 19.99 34.62
C ASP B 140 41.07 19.44 33.95
N TRP B 141 41.76 18.56 34.67
CA TRP B 141 43.04 18.04 34.19
C TRP B 141 42.91 16.65 33.54
N VAL B 142 42.90 16.73 32.20
CA VAL B 142 42.89 15.58 31.24
C VAL B 142 41.48 15.07 30.89
N ASP B 143 40.46 15.78 31.29
CA ASP B 143 39.08 15.37 30.99
C ASP B 143 38.90 15.19 29.48
N PHE B 144 39.44 16.14 28.75
CA PHE B 144 39.38 16.15 27.28
C PHE B 144 39.93 14.83 26.75
N GLY B 145 41.04 14.44 27.35
CA GLY B 145 41.76 13.21 27.00
C GLY B 145 40.91 11.98 27.30
N VAL B 146 40.32 11.96 28.49
CA VAL B 146 39.49 10.84 28.94
C VAL B 146 38.32 10.60 27.97
N ILE B 147 37.59 11.66 27.70
CA ILE B 147 36.43 11.59 26.80
C ILE B 147 36.87 11.09 25.42
N CYS B 148 37.98 11.64 24.95
CA CYS B 148 38.55 11.25 23.65
C CYS B 148 38.85 9.75 23.68
N GLY B 149 39.36 9.35 24.82
CA GLY B 149 39.73 7.95 25.09
C GLY B 149 38.49 7.05 24.98
N LEU B 150 37.48 7.42 25.73
CA LEU B 150 36.20 6.69 25.77
C LEU B 150 35.58 6.62 24.38
N LEU B 151 35.45 7.79 23.78
CA LEU B 151 34.87 7.94 22.44
C LEU B 151 35.52 6.96 21.46
N LEU B 152 36.81 6.73 21.67
CA LEU B 152 37.59 5.81 20.83
C LEU B 152 37.06 4.39 21.02
N LEU B 153 36.85 4.05 22.27
CA LEU B 153 36.34 2.74 22.68
C LEU B 153 34.99 2.48 22.03
N ASN B 154 34.13 3.47 22.16
CA ASN B 154 32.76 3.41 21.59
C ASN B 154 32.84 3.07 20.11
N ALA B 155 33.77 3.73 19.45
CA ALA B 155 34.02 3.55 18.01
C ALA B 155 34.47 2.11 17.76
N VAL B 156 35.63 1.79 18.32
CA VAL B 156 36.22 0.44 18.18
C VAL B 156 35.09 -0.54 17.99
N VAL B 157 34.09 -0.33 18.83
CA VAL B 157 32.87 -1.11 18.82
C VAL B 157 32.11 -0.79 17.53
N GLY B 158 32.12 0.49 17.23
CA GLY B 158 31.44 1.04 16.04
C GLY B 158 31.84 0.24 14.78
N PHE B 159 33.12 0.26 14.51
CA PHE B 159 33.69 -0.42 13.33
C PHE B 159 33.49 -1.93 13.41
N VAL B 160 33.84 -2.48 14.56
CA VAL B 160 33.74 -3.94 14.81
C VAL B 160 32.34 -4.44 14.42
N GLN B 161 31.34 -3.74 14.92
CA GLN B 161 29.93 -4.09 14.70
C GLN B 161 29.58 -4.10 13.20
N GLU B 162 30.20 -3.18 12.48
CA GLU B 162 29.92 -2.96 11.04
C GLU B 162 30.75 -3.86 10.09
N PHE B 163 31.87 -4.36 10.58
CA PHE B 163 32.88 -5.10 9.76
C PHE B 163 32.54 -6.57 9.41
N GLN B 164 32.05 -7.33 10.37
CA GLN B 164 31.81 -8.80 10.22
C GLN B 164 30.78 -9.17 9.12
N ALA B 165 29.73 -8.39 9.00
CA ALA B 165 28.63 -8.66 8.03
C ALA B 165 29.12 -8.59 6.58
N GLY B 166 30.08 -7.71 6.35
CA GLY B 166 30.66 -7.49 5.02
C GLY B 166 31.38 -8.74 4.52
N SER B 167 32.19 -9.28 5.40
CA SER B 167 33.00 -10.48 5.11
C SER B 167 32.10 -11.71 4.99
N ILE B 168 30.99 -11.67 5.71
CA ILE B 168 30.02 -12.78 5.75
C ILE B 168 29.41 -13.04 4.36
N VAL B 169 29.21 -11.96 3.62
CA VAL B 169 28.61 -12.03 2.28
C VAL B 169 29.56 -12.69 1.28
N ASP B 170 30.84 -12.46 1.48
CA ASP B 170 31.88 -13.02 0.61
C ASP B 170 31.86 -14.56 0.69
N GLU B 171 31.54 -15.02 1.88
CA GLU B 171 31.52 -16.46 2.22
C GLU B 171 30.23 -17.15 1.74
N LEU B 172 29.36 -16.39 1.09
CA LEU B 172 28.08 -16.91 0.61
C LEU B 172 28.18 -17.35 -0.86
N LYS B 173 29.27 -16.94 -1.47
CA LYS B 173 29.55 -17.29 -2.86
C LYS B 173 29.91 -18.75 -2.94
N LYS B 174 29.58 -19.37 -4.05
CA LYS B 174 30.03 -20.75 -4.22
C LYS B 174 29.08 -21.80 -3.64
N THR B 175 27.82 -21.44 -3.40
CA THR B 175 26.85 -22.41 -2.83
C THR B 175 26.14 -23.19 -3.97
N LEU B 176 25.27 -24.12 -3.58
CA LEU B 176 24.53 -25.01 -4.52
C LEU B 176 23.00 -24.96 -4.31
N ALA B 177 22.32 -24.32 -5.28
CA ALA B 177 20.82 -24.16 -5.26
C ALA B 177 20.22 -24.76 -6.55
N LEU B 178 19.67 -23.92 -7.44
CA LEU B 178 19.12 -24.50 -8.68
C LEU B 178 19.03 -23.58 -9.85
N LYS B 179 19.13 -24.27 -10.93
CA LYS B 179 19.11 -23.73 -12.26
C LYS B 179 20.55 -23.65 -12.72
N ALA B 180 20.93 -24.73 -13.39
CA ALA B 180 22.26 -24.87 -13.97
C ALA B 180 22.83 -26.27 -13.75
N VAL B 181 22.86 -26.99 -14.86
CA VAL B 181 23.45 -28.34 -14.92
C VAL B 181 24.78 -28.22 -15.67
N VAL B 182 25.79 -28.84 -15.12
CA VAL B 182 27.13 -28.80 -15.69
C VAL B 182 27.79 -30.16 -15.62
N LEU B 183 28.81 -30.28 -16.45
CA LEU B 183 29.62 -31.49 -16.54
C LEU B 183 30.94 -31.29 -15.79
N ARG B 184 31.07 -32.08 -14.75
CA ARG B 184 32.25 -32.08 -13.88
C ARG B 184 32.63 -33.53 -13.56
N ASP B 185 31.75 -34.15 -12.79
CA ASP B 185 31.91 -35.55 -12.41
C ASP B 185 31.85 -36.40 -13.70
N GLY B 186 31.41 -37.62 -13.55
CA GLY B 186 31.31 -38.57 -14.69
C GLY B 186 29.95 -38.43 -15.38
N THR B 187 29.15 -37.55 -14.82
CA THR B 187 27.79 -37.27 -15.30
C THR B 187 27.48 -35.79 -15.13
N LEU B 188 26.50 -35.34 -15.89
CA LEU B 188 26.03 -33.95 -15.79
C LEU B 188 25.61 -33.71 -14.35
N LYS B 189 25.97 -32.55 -13.85
CA LYS B 189 25.65 -32.18 -12.48
C LYS B 189 25.01 -30.79 -12.44
N GLU B 190 24.25 -30.60 -11.38
CA GLU B 190 23.55 -29.34 -11.11
C GLU B 190 24.35 -28.51 -10.12
N ILE B 191 24.36 -27.22 -10.39
CA ILE B 191 25.06 -26.24 -9.56
C ILE B 191 24.45 -24.85 -9.80
N GLU B 192 24.70 -23.97 -8.85
CA GLU B 192 24.17 -22.59 -8.89
C GLU B 192 24.86 -21.80 -10.00
N ALA B 193 24.07 -20.91 -10.59
CA ALA B 193 24.52 -20.03 -11.67
C ALA B 193 25.76 -19.26 -11.21
N PRO B 194 25.73 -18.67 -10.00
CA PRO B 194 26.87 -17.91 -9.49
C PRO B 194 28.10 -18.78 -9.42
N GLU B 195 27.91 -20.00 -8.94
CA GLU B 195 29.02 -20.97 -8.86
C GLU B 195 29.34 -21.44 -10.27
N VAL B 196 28.28 -21.61 -11.04
CA VAL B 196 28.42 -21.99 -12.44
C VAL B 196 29.32 -20.94 -13.08
N VAL B 197 30.58 -21.20 -12.89
CA VAL B 197 31.63 -20.36 -13.41
C VAL B 197 31.75 -20.63 -14.89
N PRO B 198 32.24 -19.68 -15.68
CA PRO B 198 32.38 -19.90 -17.09
C PRO B 198 33.29 -21.07 -17.33
N GLY B 199 32.91 -21.92 -18.27
CA GLY B 199 33.75 -23.08 -18.63
C GLY B 199 32.97 -24.41 -18.56
N ASP B 200 32.34 -24.65 -17.42
CA ASP B 200 31.59 -25.89 -17.18
C ASP B 200 30.45 -26.01 -18.21
N ILE B 201 30.22 -27.25 -18.61
CA ILE B 201 29.20 -27.60 -19.61
C ILE B 201 27.80 -27.61 -18.99
N LEU B 202 26.98 -26.73 -19.54
CA LEU B 202 25.58 -26.60 -19.14
C LEU B 202 24.70 -27.23 -20.20
N GLN B 203 23.54 -27.65 -19.76
CA GLN B 203 22.55 -28.29 -20.63
C GLN B 203 21.18 -27.65 -20.44
N VAL B 204 20.76 -26.99 -21.48
CA VAL B 204 19.46 -26.32 -21.53
C VAL B 204 18.48 -27.19 -22.31
N GLU B 205 17.30 -27.33 -21.75
CA GLU B 205 16.23 -28.11 -22.35
C GLU B 205 15.01 -27.23 -22.58
N GLU B 206 13.90 -27.89 -22.82
CA GLU B 206 12.62 -27.23 -23.08
C GLU B 206 12.01 -26.70 -21.79
N GLY B 207 11.60 -25.44 -21.86
CA GLY B 207 10.92 -24.73 -20.78
C GLY B 207 11.89 -24.14 -19.74
N THR B 208 13.16 -24.46 -19.88
CA THR B 208 14.18 -23.97 -18.94
C THR B 208 14.59 -22.53 -19.28
N ILE B 209 15.17 -21.90 -18.28
CA ILE B 209 15.69 -20.52 -18.38
C ILE B 209 17.22 -20.57 -18.31
N ILE B 210 17.83 -19.80 -19.19
CA ILE B 210 19.30 -19.74 -19.31
C ILE B 210 19.95 -19.17 -18.05
N PRO B 211 20.62 -20.01 -17.24
CA PRO B 211 21.26 -19.55 -16.02
C PRO B 211 22.32 -18.49 -16.27
N ALA B 212 22.95 -18.53 -17.44
CA ALA B 212 23.99 -17.55 -17.78
C ALA B 212 24.25 -17.54 -19.28
N ASP B 213 25.03 -16.56 -19.72
CA ASP B 213 25.39 -16.47 -21.13
C ASP B 213 26.19 -17.71 -21.49
N GLY B 214 25.60 -18.49 -22.37
CA GLY B 214 26.21 -19.74 -22.80
C GLY B 214 26.33 -19.78 -24.32
N ARG B 215 27.50 -20.22 -24.72
CA ARG B 215 27.82 -20.42 -26.13
C ARG B 215 27.46 -21.86 -26.48
N ILE B 216 26.38 -21.98 -27.23
CA ILE B 216 25.86 -23.29 -27.62
C ILE B 216 26.91 -24.08 -28.39
N VAL B 217 26.92 -25.36 -28.06
CA VAL B 217 27.83 -26.34 -28.67
C VAL B 217 27.05 -27.17 -29.69
N THR B 218 25.85 -27.57 -29.32
CA THR B 218 24.98 -28.38 -30.20
C THR B 218 23.93 -29.19 -29.42
N ASP B 219 23.19 -29.97 -30.20
CA ASP B 219 22.15 -30.88 -29.69
C ASP B 219 20.99 -31.03 -30.70
N ASP B 220 19.78 -31.08 -30.14
CA ASP B 220 18.53 -31.29 -30.90
C ASP B 220 18.53 -30.53 -32.24
N ALA B 221 17.52 -30.87 -33.02
CA ALA B 221 17.29 -30.29 -34.35
C ALA B 221 17.34 -28.78 -34.27
N PHE B 222 16.20 -28.22 -33.90
CA PHE B 222 16.05 -26.78 -33.77
C PHE B 222 16.00 -26.38 -32.30
N LEU B 223 16.61 -25.24 -32.07
CA LEU B 223 16.68 -24.62 -30.75
C LEU B 223 16.02 -23.25 -30.83
N GLN B 224 14.85 -23.18 -30.22
CA GLN B 224 14.07 -21.95 -30.17
C GLN B 224 14.19 -21.32 -28.79
N VAL B 225 14.22 -20.01 -28.79
CA VAL B 225 14.36 -19.23 -27.55
C VAL B 225 13.61 -17.90 -27.68
N ASP B 226 13.10 -17.47 -26.55
CA ASP B 226 12.40 -16.18 -26.45
C ASP B 226 13.34 -15.15 -25.81
N GLN B 227 13.64 -14.13 -26.60
CA GLN B 227 14.57 -13.07 -26.21
C GLN B 227 13.83 -11.80 -25.75
N SER B 228 12.54 -11.93 -25.60
CA SER B 228 11.66 -10.81 -25.19
C SER B 228 12.22 -10.07 -23.96
N ALA B 229 12.46 -10.81 -22.93
CA ALA B 229 12.98 -10.27 -21.68
C ALA B 229 14.07 -9.23 -21.95
N LEU B 230 14.86 -9.51 -22.99
CA LEU B 230 15.98 -8.64 -23.38
C LEU B 230 15.55 -7.63 -24.45
N THR B 231 15.32 -8.16 -25.62
CA THR B 231 14.90 -7.35 -26.75
C THR B 231 13.42 -7.29 -26.82
N GLY B 232 13.00 -7.52 -28.01
CA GLY B 232 11.64 -7.45 -28.30
C GLY B 232 11.16 -8.64 -29.14
N GLU B 233 9.90 -8.53 -29.52
CA GLU B 233 9.20 -9.55 -30.31
C GLU B 233 9.29 -10.91 -29.63
N SER B 234 8.12 -11.40 -29.28
CA SER B 234 7.95 -12.68 -28.58
C SER B 234 8.24 -13.86 -29.51
N LEU B 235 8.54 -13.52 -30.75
CA LEU B 235 8.88 -14.53 -31.76
C LEU B 235 10.13 -15.27 -31.33
N ALA B 236 9.98 -16.58 -31.21
CA ALA B 236 11.10 -17.45 -30.84
C ALA B 236 12.23 -17.25 -31.85
N VAL B 237 13.43 -17.37 -31.35
CA VAL B 237 14.64 -17.22 -32.16
C VAL B 237 15.24 -18.58 -32.47
N ASP B 238 15.65 -18.72 -33.71
CA ASP B 238 16.30 -19.95 -34.14
C ASP B 238 17.80 -19.77 -34.04
N LYS B 239 18.32 -20.25 -32.95
CA LYS B 239 19.74 -20.22 -32.71
C LYS B 239 20.41 -21.19 -33.66
N HIS B 240 21.27 -20.66 -34.49
CA HIS B 240 22.04 -21.48 -35.41
C HIS B 240 23.36 -21.80 -34.69
N LYS B 241 24.12 -22.67 -35.32
CA LYS B 241 25.42 -23.15 -34.81
C LYS B 241 25.95 -22.29 -33.67
N GLY B 242 27.02 -22.81 -33.06
CA GLY B 242 27.66 -22.12 -31.95
C GLY B 242 26.77 -20.94 -31.60
N ASP B 243 25.65 -21.28 -31.01
CA ASP B 243 24.65 -20.30 -30.61
C ASP B 243 25.10 -19.61 -29.32
N GLN B 244 24.14 -18.95 -28.72
CA GLN B 244 24.35 -18.21 -27.48
C GLN B 244 23.09 -18.21 -26.63
N VAL B 245 23.26 -18.68 -25.42
CA VAL B 245 22.20 -18.71 -24.42
C VAL B 245 22.49 -17.66 -23.36
N PHE B 246 21.83 -16.52 -23.53
CA PHE B 246 22.01 -15.40 -22.61
C PHE B 246 21.31 -15.71 -21.28
N ALA B 247 19.99 -15.58 -21.29
CA ALA B 247 19.17 -15.87 -20.10
C ALA B 247 17.70 -15.91 -20.49
N SER B 248 17.51 -15.75 -21.79
CA SER B 248 16.18 -15.79 -22.39
C SER B 248 15.47 -17.05 -21.95
N SER B 249 14.28 -17.23 -22.47
CA SER B 249 13.46 -18.39 -22.16
C SER B 249 13.51 -19.39 -23.31
N ALA B 250 13.64 -20.64 -22.94
CA ALA B 250 13.65 -21.75 -23.91
C ALA B 250 12.20 -22.23 -24.09
N VAL B 251 11.62 -21.76 -25.18
CA VAL B 251 10.21 -22.06 -25.51
C VAL B 251 10.03 -23.55 -25.85
N LYS B 252 10.27 -24.35 -24.82
CA LYS B 252 10.14 -25.82 -24.89
C LYS B 252 10.45 -26.36 -26.28
N ARG B 253 11.39 -25.72 -26.94
CA ARG B 253 11.78 -26.12 -28.29
C ARG B 253 13.25 -26.51 -28.34
N GLY B 254 13.45 -27.80 -28.53
CA GLY B 254 14.76 -28.42 -28.65
C GLY B 254 15.47 -28.46 -27.29
N GLU B 255 16.62 -29.08 -27.35
CA GLU B 255 17.54 -29.23 -26.21
C GLU B 255 18.93 -28.84 -26.69
N ALA B 256 19.73 -28.30 -25.81
CA ALA B 256 21.05 -27.84 -26.22
C ALA B 256 22.11 -28.07 -25.15
N PHE B 257 23.28 -28.30 -25.70
CA PHE B 257 24.53 -28.45 -24.96
C PHE B 257 25.28 -27.15 -25.12
N VAL B 258 25.95 -26.73 -24.08
CA VAL B 258 26.64 -25.45 -24.14
C VAL B 258 27.72 -25.33 -23.07
N VAL B 259 28.47 -24.25 -23.26
CA VAL B 259 29.54 -23.84 -22.36
C VAL B 259 29.26 -22.41 -21.94
N ILE B 260 29.38 -22.17 -20.65
CA ILE B 260 29.13 -20.83 -20.09
C ILE B 260 30.33 -19.92 -20.35
N THR B 261 30.05 -18.88 -21.12
CA THR B 261 31.05 -17.88 -21.49
C THR B 261 31.02 -16.70 -20.50
N ALA B 262 29.88 -16.02 -20.49
CA ALA B 262 29.64 -14.88 -19.59
C ALA B 262 28.84 -15.34 -18.39
N THR B 263 29.29 -14.93 -17.21
CA THR B 263 28.65 -15.31 -15.94
C THR B 263 28.89 -14.27 -14.85
N GLY B 264 28.27 -13.12 -15.02
CA GLY B 264 28.38 -12.01 -14.04
C GLY B 264 27.70 -10.76 -14.57
N ASP B 265 28.21 -9.63 -14.10
CA ASP B 265 27.71 -8.32 -14.50
C ASP B 265 27.85 -8.18 -16.01
N ASN B 266 28.90 -8.80 -16.52
CA ASN B 266 29.22 -8.82 -17.95
C ASN B 266 28.23 -9.70 -18.72
N THR B 267 27.33 -10.30 -17.95
CA THR B 267 26.32 -11.23 -18.47
C THR B 267 25.41 -10.56 -19.51
N PHE B 268 24.78 -11.45 -20.27
CA PHE B 268 23.82 -11.06 -21.31
C PHE B 268 22.56 -10.53 -20.62
N VAL B 269 21.85 -11.45 -20.00
CA VAL B 269 20.63 -11.13 -19.24
C VAL B 269 21.04 -10.86 -17.79
N GLY B 270 22.31 -10.52 -17.68
CA GLY B 270 22.96 -10.17 -16.41
C GLY B 270 23.50 -8.75 -16.55
N ARG B 271 23.45 -8.31 -17.80
CA ARG B 271 23.89 -6.97 -18.20
C ARG B 271 22.67 -6.04 -18.24
N ALA B 272 21.58 -6.61 -18.70
CA ALA B 272 20.29 -5.90 -18.80
C ALA B 272 19.57 -6.01 -17.46
N ALA B 273 20.29 -6.63 -16.53
CA ALA B 273 19.79 -6.87 -15.17
C ALA B 273 20.68 -6.18 -14.13
N ALA B 274 21.76 -6.85 -13.83
CA ALA B 274 22.74 -6.47 -12.78
C ALA B 274 23.29 -5.04 -12.91
N LEU B 275 22.88 -4.28 -13.92
CA LEU B 275 23.42 -2.91 -14.11
C LEU B 275 22.31 -1.91 -14.53
N VAL B 276 21.35 -1.76 -13.62
CA VAL B 276 20.16 -0.89 -13.83
C VAL B 276 19.14 -1.08 -12.68
N ASN B 277 19.26 -0.38 -11.55
CA ASN B 277 18.30 -0.66 -10.43
C ASN B 277 17.94 0.57 -9.56
N ALA B 278 17.20 1.46 -10.21
CA ALA B 278 16.73 2.81 -9.75
C ALA B 278 16.36 3.00 -8.23
N ALA B 279 15.88 2.01 -7.48
CA ALA B 279 15.56 2.29 -6.03
C ALA B 279 14.18 1.74 -5.58
N SER B 280 13.53 2.53 -4.72
CA SER B 280 12.20 2.23 -4.14
C SER B 280 12.27 2.11 -2.60
N GLY B 281 11.10 1.93 -2.01
CA GLY B 281 10.94 1.78 -0.56
C GLY B 281 10.03 0.59 -0.24
N GLY B 282 10.42 -0.12 0.83
CA GLY B 282 9.69 -1.32 1.31
C GLY B 282 10.47 -1.94 2.48
N SER B 283 9.75 -2.14 3.56
CA SER B 283 10.34 -2.68 4.80
C SER B 283 9.55 -3.88 5.32
N GLY B 284 10.23 -4.63 6.17
CA GLY B 284 9.70 -5.83 6.84
C GLY B 284 8.98 -5.41 8.12
N HIS B 285 8.12 -6.30 8.57
CA HIS B 285 7.27 -6.09 9.76
C HIS B 285 8.10 -5.83 11.02
N PHE B 286 8.71 -6.89 11.53
CA PHE B 286 9.52 -6.84 12.77
C PHE B 286 10.47 -5.64 12.73
N THR B 287 10.94 -5.34 11.54
CA THR B 287 11.84 -4.20 11.33
C THR B 287 11.11 -2.92 11.72
N GLU B 288 9.81 -2.96 11.49
CA GLU B 288 8.91 -1.85 11.80
C GLU B 288 8.79 -1.70 13.31
N VAL B 289 8.63 -2.85 13.96
CA VAL B 289 8.50 -2.93 15.41
C VAL B 289 9.79 -2.44 16.08
N LEU B 290 10.89 -2.86 15.47
CA LEU B 290 12.25 -2.52 15.94
C LEU B 290 12.46 -1.01 15.85
N ASN B 291 12.21 -0.49 14.66
CA ASN B 291 12.36 0.94 14.37
C ASN B 291 11.51 1.74 15.36
N GLY B 292 10.31 1.22 15.56
CA GLY B 292 9.31 1.81 16.46
C GLY B 292 9.88 1.91 17.88
N ILE B 293 10.52 0.84 18.30
CA ILE B 293 11.11 0.78 19.65
C ILE B 293 12.31 1.72 19.76
N GLY B 294 13.12 1.68 18.72
CA GLY B 294 14.31 2.53 18.64
C GLY B 294 13.94 3.96 19.03
N THR B 295 12.80 4.37 18.50
CA THR B 295 12.24 5.71 18.74
C THR B 295 11.85 5.88 20.20
N ILE B 296 11.07 4.93 20.68
CA ILE B 296 10.56 4.93 22.05
C ILE B 296 11.72 4.90 23.06
N LEU B 297 12.90 4.61 22.53
CA LEU B 297 14.13 4.60 23.34
C LEU B 297 14.85 5.92 23.13
N LEU B 298 14.77 6.35 21.89
CA LEU B 298 15.37 7.60 21.42
C LEU B 298 14.91 8.76 22.31
N ILE B 299 13.60 8.90 22.38
CA ILE B 299 12.96 9.97 23.15
C ILE B 299 13.02 9.70 24.66
N LEU B 300 12.68 8.49 25.03
CA LEU B 300 12.67 8.10 26.45
C LEU B 300 13.98 8.47 27.14
N VAL B 301 15.07 8.02 26.55
CA VAL B 301 16.41 8.24 27.09
C VAL B 301 16.76 9.74 27.07
N ILE B 302 16.65 10.33 25.90
CA ILE B 302 17.00 11.75 25.69
C ILE B 302 16.14 12.67 26.56
N PHE B 303 15.11 12.13 27.18
CA PHE B 303 14.24 12.95 28.04
C PHE B 303 14.56 12.77 29.52
N THR B 304 14.50 11.53 29.97
CA THR B 304 14.78 11.20 31.38
C THR B 304 16.12 11.83 31.79
N LEU B 305 17.02 11.83 30.83
CA LEU B 305 18.37 12.37 31.00
C LEU B 305 18.30 13.89 31.20
N LEU B 306 17.53 14.52 30.34
CA LEU B 306 17.35 15.98 30.40
C LEU B 306 16.88 16.38 31.81
N ILE B 307 16.05 15.53 32.36
CA ILE B 307 15.50 15.72 33.70
C ILE B 307 16.62 15.62 34.74
N VAL B 308 17.41 14.56 34.61
CA VAL B 308 18.55 14.28 35.51
C VAL B 308 19.52 15.46 35.50
N TRP B 309 19.26 16.37 34.59
CA TRP B 309 20.11 17.55 34.38
C TRP B 309 19.56 18.81 35.10
N VAL B 310 18.37 19.22 34.67
CA VAL B 310 17.73 20.45 35.18
C VAL B 310 17.11 20.31 36.59
N SER B 311 16.91 19.08 37.03
CA SER B 311 16.33 18.83 38.35
C SER B 311 17.44 18.63 39.38
N SER B 312 18.64 18.99 38.94
CA SER B 312 19.86 18.81 39.75
C SER B 312 20.46 20.13 40.25
N PHE B 313 19.79 21.25 39.99
CA PHE B 313 20.29 22.52 40.53
C PHE B 313 20.04 22.55 42.03
N TYR B 314 19.22 21.58 42.35
CA TYR B 314 18.80 21.31 43.71
C TYR B 314 19.90 20.54 44.42
N ARG B 315 20.62 19.76 43.62
CA ARG B 315 21.76 18.96 44.11
C ARG B 315 22.93 19.89 44.44
N SER B 316 22.83 21.10 43.93
CA SER B 316 23.80 22.17 44.18
C SER B 316 24.95 22.14 43.17
N ASN B 317 24.65 21.70 41.96
CA ASN B 317 25.67 21.60 40.90
C ASN B 317 25.30 22.46 39.69
N PRO B 318 26.27 23.16 39.07
CA PRO B 318 26.00 23.98 37.92
C PRO B 318 25.44 23.14 36.80
N ILE B 319 24.39 23.67 36.22
CA ILE B 319 23.62 23.08 35.12
C ILE B 319 24.56 22.33 34.17
N VAL B 320 25.79 22.79 34.12
CA VAL B 320 26.83 22.22 33.25
C VAL B 320 27.01 20.73 33.57
N GLN B 321 27.19 20.44 34.85
CA GLN B 321 27.39 19.06 35.32
C GLN B 321 26.17 18.21 34.95
N ILE B 322 25.02 18.82 35.13
CA ILE B 322 23.73 18.18 34.83
C ILE B 322 23.61 17.97 33.32
N LEU B 323 24.22 18.89 32.60
CA LEU B 323 24.22 18.88 31.13
C LEU B 323 24.96 17.65 30.61
N GLU B 324 26.17 17.50 31.11
CA GLU B 324 27.05 16.38 30.74
C GLU B 324 26.60 15.10 31.46
N PHE B 325 25.44 15.21 32.08
CA PHE B 325 24.81 14.08 32.79
C PHE B 325 23.69 13.51 31.93
N THR B 326 22.96 14.43 31.32
CA THR B 326 21.86 14.09 30.40
C THR B 326 22.43 13.49 29.13
N LEU B 327 23.46 14.15 28.63
CA LEU B 327 24.18 13.73 27.42
C LEU B 327 24.87 12.40 27.69
N ALA B 328 25.40 12.29 28.89
CA ALA B 328 26.09 11.09 29.37
C ALA B 328 25.11 9.92 29.42
N ILE B 329 23.97 10.21 30.00
CA ILE B 329 22.88 9.23 30.14
C ILE B 329 22.39 8.80 28.76
N THR B 330 22.49 9.76 27.85
CA THR B 330 22.08 9.56 26.45
C THR B 330 22.89 8.45 25.81
N ILE B 331 24.20 8.61 25.93
CA ILE B 331 25.19 7.69 25.36
C ILE B 331 24.93 6.25 25.83
N ILE B 332 24.86 6.06 27.14
CA ILE B 332 24.63 4.73 27.72
C ILE B 332 23.30 4.16 27.21
N GLY B 333 22.28 4.99 27.36
CA GLY B 333 20.91 4.66 26.96
C GLY B 333 20.89 4.14 25.52
N VAL B 334 21.28 5.02 24.61
CA VAL B 334 21.31 4.72 23.17
C VAL B 334 21.67 3.25 22.94
N PRO B 335 20.69 2.34 22.93
CA PRO B 335 20.93 0.94 22.67
C PRO B 335 21.46 0.79 21.28
N VAL B 336 22.76 0.90 21.18
CA VAL B 336 23.44 0.81 19.90
C VAL B 336 23.82 -0.64 19.61
N GLY B 337 24.15 -0.87 18.35
CA GLY B 337 24.62 -2.18 17.86
C GLY B 337 23.47 -3.06 17.37
N LEU B 338 22.26 -2.53 17.40
CA LEU B 338 21.08 -3.29 16.96
C LEU B 338 21.22 -3.69 15.50
N PRO B 339 21.58 -2.78 14.58
CA PRO B 339 21.69 -3.11 13.18
C PRO B 339 22.69 -4.22 12.96
N ALA B 340 23.84 -4.05 13.58
CA ALA B 340 24.96 -4.99 13.46
C ALA B 340 24.65 -6.36 14.09
N VAL B 341 23.99 -6.31 15.23
CA VAL B 341 23.66 -7.52 16.00
C VAL B 341 22.64 -8.42 15.29
N VAL B 342 21.61 -7.81 14.72
CA VAL B 342 20.54 -8.57 14.04
C VAL B 342 20.95 -8.94 12.61
N THR B 343 21.94 -8.24 12.09
CA THR B 343 22.46 -8.51 10.74
C THR B 343 23.39 -9.71 10.79
N THR B 344 24.13 -9.78 11.88
CA THR B 344 25.08 -10.87 12.13
C THR B 344 24.30 -12.17 12.36
N THR B 345 23.27 -12.06 13.18
CA THR B 345 22.41 -13.19 13.52
C THR B 345 21.68 -13.68 12.25
N MET B 346 21.22 -12.72 11.48
CA MET B 346 20.50 -12.99 10.23
C MET B 346 21.40 -13.75 9.25
N ALA B 347 22.56 -13.16 9.01
CA ALA B 347 23.56 -13.70 8.08
C ALA B 347 24.02 -15.09 8.51
N VAL B 348 24.47 -15.18 9.75
CA VAL B 348 24.98 -16.44 10.33
C VAL B 348 23.88 -17.51 10.36
N GLY B 349 22.75 -17.10 10.90
CA GLY B 349 21.57 -17.98 11.05
C GLY B 349 21.17 -18.59 9.69
N ALA B 350 21.36 -17.79 8.66
CA ALA B 350 21.02 -18.16 7.28
C ALA B 350 22.07 -19.09 6.68
N ALA B 351 23.25 -19.06 7.28
CA ALA B 351 24.38 -19.89 6.85
C ALA B 351 24.14 -21.33 7.29
N TYR B 352 23.75 -21.44 8.55
CA TYR B 352 23.46 -22.74 9.16
C TYR B 352 22.30 -23.39 8.44
N LEU B 353 21.36 -22.56 8.05
CA LEU B 353 20.20 -23.02 7.28
C LEU B 353 20.71 -23.67 6.00
N ALA B 354 21.58 -22.92 5.34
CA ALA B 354 22.21 -23.34 4.10
C ALA B 354 23.14 -24.54 4.37
N LYS B 355 23.78 -24.51 5.52
CA LYS B 355 24.72 -25.59 5.89
C LYS B 355 23.99 -26.99 5.98
N LYS B 356 22.69 -26.98 6.36
CA LYS B 356 21.86 -28.25 6.56
C LYS B 356 20.88 -28.59 5.38
N LYS B 357 21.44 -29.12 4.29
CA LYS B 357 20.67 -29.55 3.07
C LYS B 357 19.33 -28.80 2.87
N ALA B 358 19.23 -27.65 3.49
CA ALA B 358 18.06 -26.77 3.38
C ALA B 358 18.55 -25.37 3.01
N ILE B 359 18.50 -25.10 1.72
CA ILE B 359 18.98 -23.83 1.14
C ILE B 359 17.90 -22.73 1.25
N VAL B 360 18.24 -21.68 2.03
CA VAL B 360 17.34 -20.52 2.31
C VAL B 360 18.00 -19.19 1.85
N GLN B 361 17.25 -18.44 1.03
CA GLN B 361 17.71 -17.14 0.45
C GLN B 361 16.83 -15.96 0.91
N LYS B 362 17.53 -14.84 1.14
CA LYS B 362 16.93 -13.55 1.60
C LYS B 362 16.60 -13.63 3.09
N LEU B 363 17.45 -12.97 3.86
CA LEU B 363 17.38 -12.94 5.33
C LEU B 363 16.07 -12.30 5.82
N SER B 364 15.33 -11.75 4.89
CA SER B 364 14.06 -11.05 5.19
C SER B 364 12.91 -12.06 5.31
N ALA B 365 13.22 -13.30 5.03
CA ALA B 365 12.23 -14.39 5.05
C ALA B 365 12.29 -15.19 6.36
N ILE B 366 13.41 -15.06 7.06
CA ILE B 366 13.63 -15.77 8.32
C ILE B 366 12.56 -15.36 9.35
N GLU B 367 12.33 -14.05 9.39
CA GLU B 367 11.34 -13.45 10.29
C GLU B 367 10.03 -14.25 10.22
N SER B 368 9.51 -14.31 9.02
CA SER B 368 8.25 -15.00 8.71
C SER B 368 8.35 -16.48 9.05
N LEU B 369 9.41 -17.10 8.59
CA LEU B 369 9.63 -18.55 8.81
C LEU B 369 9.54 -18.89 10.30
N ALA B 370 10.13 -18.03 11.10
CA ALA B 370 10.16 -18.20 12.56
C ALA B 370 8.75 -18.21 13.15
N GLY B 371 7.86 -17.50 12.47
CA GLY B 371 6.47 -17.34 12.90
C GLY B 371 5.54 -18.37 12.24
N VAL B 372 6.12 -19.30 11.50
CA VAL B 372 5.33 -20.34 10.83
C VAL B 372 4.43 -21.02 11.85
N GLU B 373 3.16 -21.11 11.49
CA GLU B 373 2.12 -21.71 12.34
C GLU B 373 1.65 -23.04 11.77
N ILE B 374 1.62 -23.09 10.45
CA ILE B 374 1.17 -24.28 9.73
C ILE B 374 2.14 -24.64 8.62
N LEU B 375 2.29 -25.94 8.46
CA LEU B 375 3.16 -26.52 7.45
C LEU B 375 2.43 -27.63 6.69
N CYS B 376 2.07 -27.28 5.48
CA CYS B 376 1.40 -28.20 4.54
C CYS B 376 2.48 -28.87 3.70
N SER B 377 2.71 -30.13 3.98
CA SER B 377 3.75 -30.89 3.29
C SER B 377 3.17 -32.09 2.57
N ASP B 378 3.75 -32.32 1.40
CA ASP B 378 3.41 -33.46 0.56
C ASP B 378 4.06 -34.70 1.17
N LYS B 379 3.39 -35.81 1.01
CA LYS B 379 3.84 -37.09 1.56
C LYS B 379 5.12 -37.58 0.88
N THR B 380 4.89 -38.38 -0.14
CA THR B 380 5.95 -39.03 -0.94
C THR B 380 7.16 -38.11 -1.17
N GLY B 381 8.29 -38.60 -0.68
CA GLY B 381 9.61 -37.94 -0.84
C GLY B 381 9.93 -36.94 0.27
N THR B 382 8.90 -36.36 0.84
CA THR B 382 9.07 -35.33 1.90
C THR B 382 8.85 -35.92 3.28
N LEU B 383 7.65 -36.41 3.48
CA LEU B 383 7.23 -37.01 4.76
C LEU B 383 7.68 -38.47 4.83
N THR B 384 7.40 -39.18 3.74
CA THR B 384 7.72 -40.60 3.62
C THR B 384 8.91 -40.83 2.69
N LYS B 385 9.67 -41.84 3.07
CA LYS B 385 10.87 -42.28 2.38
C LYS B 385 10.52 -42.91 1.05
N ASN B 386 9.31 -43.42 1.01
CA ASN B 386 8.78 -44.04 -0.19
C ASN B 386 8.19 -42.97 -1.08
N LYS B 387 8.75 -42.85 -2.25
CA LYS B 387 8.14 -41.97 -3.22
C LYS B 387 6.75 -42.55 -3.40
N LEU B 388 5.93 -41.92 -4.16
CA LEU B 388 4.59 -42.48 -4.39
C LEU B 388 4.74 -43.71 -5.28
N SER B 389 5.28 -44.75 -4.67
CA SER B 389 5.55 -46.03 -5.36
C SER B 389 4.84 -47.20 -4.65
N LEU B 390 3.88 -47.75 -5.37
CA LEU B 390 3.09 -48.90 -4.92
C LEU B 390 3.80 -50.19 -5.34
N HIS B 391 4.29 -50.89 -4.34
CA HIS B 391 5.07 -52.13 -4.53
C HIS B 391 4.22 -53.38 -4.43
N ASP B 392 3.05 -53.22 -3.87
CA ASP B 392 2.15 -54.34 -3.65
C ASP B 392 1.07 -54.44 -4.71
N PRO B 393 1.35 -54.36 -6.02
CA PRO B 393 0.29 -54.53 -6.96
C PRO B 393 -0.20 -55.91 -6.70
N TYR B 394 -1.32 -56.25 -7.25
CA TYR B 394 -1.83 -57.61 -7.03
C TYR B 394 -3.04 -57.86 -7.92
N THR B 395 -2.92 -58.99 -8.57
CA THR B 395 -3.93 -59.51 -9.50
C THR B 395 -4.20 -60.98 -9.16
N VAL B 396 -5.39 -61.41 -9.54
CA VAL B 396 -5.85 -62.77 -9.28
C VAL B 396 -5.41 -63.70 -10.42
N ALA B 397 -5.29 -64.97 -10.04
CA ALA B 397 -4.89 -66.07 -10.94
C ALA B 397 -4.47 -65.56 -12.33
N GLY B 398 -5.10 -66.16 -13.33
CA GLY B 398 -4.84 -65.84 -14.74
C GLY B 398 -6.02 -66.19 -15.66
N VAL B 399 -5.77 -65.96 -16.94
CA VAL B 399 -6.72 -66.20 -18.04
C VAL B 399 -5.95 -66.30 -19.35
N ASP B 400 -5.05 -65.34 -19.49
CA ASP B 400 -4.15 -65.21 -20.64
C ASP B 400 -4.92 -64.81 -21.91
N PRO B 401 -6.26 -64.90 -21.96
CA PRO B 401 -6.96 -64.50 -23.15
C PRO B 401 -6.63 -63.05 -23.45
N GLU B 402 -5.84 -62.78 -24.55
CA GLU B 402 -5.37 -61.48 -25.11
C GLU B 402 -5.58 -60.29 -24.15
N ASP B 403 -6.54 -59.46 -24.54
CA ASP B 403 -6.91 -58.21 -23.83
C ASP B 403 -6.85 -58.34 -22.31
N LEU B 404 -6.69 -59.56 -21.83
CA LEU B 404 -6.61 -59.83 -20.39
C LEU B 404 -5.36 -59.17 -19.82
N MET B 405 -4.30 -59.30 -20.60
CA MET B 405 -2.98 -58.75 -20.27
C MET B 405 -2.97 -57.24 -20.50
N LEU B 406 -3.72 -56.84 -21.50
CA LEU B 406 -3.85 -55.43 -21.89
C LEU B 406 -4.36 -54.59 -20.72
N THR B 407 -5.50 -55.00 -20.21
CA THR B 407 -6.18 -54.32 -19.10
C THR B 407 -5.26 -54.23 -17.87
N ALA B 408 -4.69 -55.36 -17.52
CA ALA B 408 -3.82 -55.49 -16.36
C ALA B 408 -2.59 -54.55 -16.46
N CYS B 409 -2.08 -54.44 -17.67
CA CYS B 409 -0.85 -53.65 -17.95
C CYS B 409 -1.10 -52.13 -17.98
N LEU B 410 -2.13 -51.74 -18.71
CA LEU B 410 -2.47 -50.32 -18.89
C LEU B 410 -3.00 -49.68 -17.59
N ALA B 411 -4.05 -50.28 -17.10
CA ALA B 411 -4.75 -49.80 -15.88
C ALA B 411 -4.05 -50.24 -14.60
N ALA B 412 -2.81 -49.84 -14.53
CA ALA B 412 -1.94 -50.03 -13.37
C ALA B 412 -1.42 -48.65 -13.01
N SER B 413 -2.28 -47.72 -13.38
CA SER B 413 -2.10 -46.29 -13.22
C SER B 413 -1.39 -45.98 -11.91
N ARG B 414 -2.09 -45.24 -11.08
CA ARG B 414 -1.58 -44.82 -9.77
C ARG B 414 -2.29 -43.55 -9.30
N LYS B 415 -1.47 -42.64 -8.81
CA LYS B 415 -1.92 -41.34 -8.28
C LYS B 415 -1.14 -40.20 -8.95
N LYS B 416 0.13 -40.13 -8.57
CA LYS B 416 1.05 -39.11 -9.09
C LYS B 416 1.09 -39.18 -10.62
N LYS B 417 2.21 -39.66 -11.11
CA LYS B 417 2.46 -39.80 -12.56
C LYS B 417 3.94 -40.14 -12.80
N GLY B 418 4.71 -39.12 -13.12
CA GLY B 418 6.15 -39.30 -13.38
C GLY B 418 6.51 -40.75 -13.03
N ILE B 419 7.59 -41.24 -13.63
CA ILE B 419 8.02 -42.62 -13.40
C ILE B 419 8.72 -42.81 -12.05
N ASP B 420 9.08 -44.04 -11.88
CA ASP B 420 9.75 -44.56 -10.68
C ASP B 420 10.19 -46.01 -10.95
N ALA B 421 10.37 -46.73 -9.88
CA ALA B 421 10.74 -48.15 -9.94
C ALA B 421 9.48 -48.99 -9.78
N ILE B 422 8.43 -48.29 -9.38
CA ILE B 422 7.10 -48.85 -9.13
C ILE B 422 6.55 -49.48 -10.41
N ASP B 423 6.78 -48.79 -11.51
CA ASP B 423 6.31 -49.20 -12.84
C ASP B 423 7.15 -50.38 -13.35
N LYS B 424 8.43 -50.34 -13.03
CA LYS B 424 9.37 -51.39 -13.44
C LYS B 424 8.88 -52.74 -12.93
N ALA B 425 8.37 -52.71 -11.71
CA ALA B 425 7.83 -53.90 -11.04
C ALA B 425 6.74 -54.52 -11.90
N PHE B 426 5.99 -53.63 -12.53
CA PHE B 426 4.89 -54.00 -13.44
C PHE B 426 5.45 -54.61 -14.72
N LEU B 427 6.52 -53.98 -15.17
CA LEU B 427 7.23 -54.40 -16.39
C LEU B 427 7.71 -55.85 -16.25
N LYS B 428 8.42 -56.09 -15.17
CA LYS B 428 8.96 -57.42 -14.87
C LYS B 428 7.82 -58.41 -14.59
N SER B 429 6.78 -57.88 -13.97
CA SER B 429 5.59 -58.66 -13.63
C SER B 429 5.04 -59.32 -14.89
N LEU B 430 4.82 -58.49 -15.89
CA LEU B 430 4.32 -58.94 -17.19
C LEU B 430 5.18 -60.10 -17.69
N LYS B 431 6.47 -59.87 -17.61
CA LYS B 431 7.49 -60.84 -18.01
C LYS B 431 7.16 -62.18 -17.35
N TYR B 432 7.01 -62.11 -16.04
CA TYR B 432 6.65 -63.28 -15.24
C TYR B 432 5.58 -64.05 -15.98
N TYR B 433 4.55 -63.31 -16.32
CA TYR B 433 3.43 -63.85 -17.07
C TYR B 433 4.00 -64.59 -18.28
N PRO B 434 3.57 -64.32 -19.51
CA PRO B 434 4.08 -65.04 -20.67
C PRO B 434 5.59 -64.90 -20.78
N ARG B 435 6.01 -63.98 -21.64
CA ARG B 435 7.46 -63.76 -21.90
C ARG B 435 7.66 -62.64 -22.94
N ALA B 436 6.55 -62.26 -23.54
CA ALA B 436 6.46 -61.26 -24.63
C ALA B 436 7.36 -60.03 -24.40
N LYS B 437 6.72 -58.89 -24.08
CA LYS B 437 7.47 -57.62 -23.98
C LYS B 437 6.77 -56.44 -23.27
N SER B 438 7.00 -55.34 -23.97
CA SER B 438 6.65 -53.91 -23.71
C SER B 438 5.37 -53.63 -22.92
N VAL B 439 4.25 -54.14 -23.38
CA VAL B 439 2.95 -53.85 -22.74
C VAL B 439 3.10 -52.68 -21.74
N LEU B 440 3.97 -52.87 -20.74
CA LEU B 440 4.22 -51.84 -19.71
C LEU B 440 4.39 -50.48 -20.40
N SER B 441 5.62 -50.19 -20.78
CA SER B 441 5.93 -48.95 -21.50
C SER B 441 5.35 -49.04 -22.91
N LYS B 442 4.36 -48.22 -23.21
CA LYS B 442 3.76 -48.25 -24.55
C LYS B 442 2.40 -47.56 -24.66
N TYR B 443 1.70 -48.12 -25.65
CA TYR B 443 0.34 -47.77 -26.08
C TYR B 443 0.26 -46.38 -26.72
N LYS B 444 -0.80 -46.29 -27.50
CA LYS B 444 -1.19 -45.08 -28.22
C LYS B 444 -2.42 -44.49 -27.55
N VAL B 445 -2.18 -43.41 -26.85
CA VAL B 445 -3.22 -42.68 -26.11
C VAL B 445 -3.40 -41.29 -26.72
N LEU B 446 -4.65 -40.97 -27.00
CA LEU B 446 -5.00 -39.69 -27.62
C LEU B 446 -6.05 -38.94 -26.79
N GLN B 447 -7.07 -39.68 -26.38
CA GLN B 447 -8.19 -39.11 -25.61
C GLN B 447 -8.18 -39.60 -24.17
N PHE B 448 -8.63 -38.70 -23.32
CA PHE B 448 -8.73 -38.92 -21.87
C PHE B 448 -10.04 -38.34 -21.35
N HIS B 449 -10.86 -39.21 -20.82
CA HIS B 449 -12.12 -38.79 -20.21
C HIS B 449 -11.80 -38.32 -18.79
N PRO B 450 -11.86 -37.02 -18.53
CA PRO B 450 -11.49 -36.49 -17.23
C PRO B 450 -12.33 -37.13 -16.17
N PHE B 451 -11.66 -37.53 -15.11
CA PHE B 451 -12.32 -38.20 -13.98
C PHE B 451 -13.47 -37.33 -13.46
N ASP B 452 -14.68 -37.80 -13.76
CA ASP B 452 -15.96 -37.18 -13.36
C ASP B 452 -16.41 -37.75 -12.01
N PRO B 453 -17.08 -36.92 -11.18
CA PRO B 453 -17.46 -37.29 -9.82
C PRO B 453 -18.36 -38.52 -9.68
N VAL B 454 -19.41 -38.61 -10.47
CA VAL B 454 -20.38 -39.73 -10.34
C VAL B 454 -19.66 -41.10 -10.25
N SER B 455 -19.26 -41.61 -11.40
CA SER B 455 -18.61 -42.94 -11.49
C SER B 455 -17.37 -43.05 -10.58
N LYS B 456 -16.79 -41.92 -10.30
CA LYS B 456 -15.58 -41.84 -9.47
C LYS B 456 -14.46 -42.67 -10.09
N LYS B 457 -13.84 -42.09 -11.10
CA LYS B 457 -12.77 -42.77 -11.82
C LYS B 457 -12.40 -42.04 -13.10
N VAL B 458 -11.13 -42.15 -13.42
CA VAL B 458 -10.58 -41.61 -14.65
C VAL B 458 -10.51 -42.74 -15.65
N VAL B 459 -10.23 -42.39 -16.87
CA VAL B 459 -10.13 -43.37 -17.94
C VAL B 459 -9.58 -42.70 -19.18
N ALA B 460 -9.01 -43.55 -20.01
CA ALA B 460 -8.41 -43.12 -21.27
C ALA B 460 -8.68 -44.15 -22.35
N VAL B 461 -9.22 -43.65 -23.43
CA VAL B 461 -9.52 -44.46 -24.60
C VAL B 461 -8.28 -44.52 -25.49
N VAL B 462 -7.70 -45.69 -25.52
CA VAL B 462 -6.50 -45.95 -26.31
C VAL B 462 -6.80 -47.01 -27.34
N GLU B 463 -6.03 -46.93 -28.41
CA GLU B 463 -6.15 -47.86 -29.52
C GLU B 463 -4.78 -48.30 -29.98
N SER B 464 -4.60 -49.61 -29.91
CA SER B 464 -3.36 -50.23 -30.38
C SER B 464 -3.32 -50.06 -31.88
N PRO B 465 -2.27 -50.42 -32.60
CA PRO B 465 -2.28 -50.26 -34.03
C PRO B 465 -3.44 -51.02 -34.58
N GLN B 466 -3.19 -52.30 -34.75
CA GLN B 466 -4.19 -53.26 -35.24
C GLN B 466 -4.77 -54.01 -34.04
N GLY B 467 -5.96 -53.61 -33.64
CA GLY B 467 -6.63 -54.24 -32.49
C GLY B 467 -8.11 -53.84 -32.44
N GLU B 468 -8.81 -54.53 -31.55
CA GLU B 468 -10.24 -54.31 -31.32
C GLU B 468 -10.46 -52.91 -30.74
N ARG B 469 -10.43 -52.85 -29.43
CA ARG B 469 -10.63 -51.60 -28.68
C ARG B 469 -10.33 -51.83 -27.21
N ILE B 470 -10.00 -50.76 -26.53
CA ILE B 470 -9.67 -50.81 -25.11
C ILE B 470 -9.75 -49.43 -24.46
N THR B 471 -10.23 -49.47 -23.24
CA THR B 471 -10.39 -48.30 -22.36
C THR B 471 -10.01 -48.72 -20.93
N CYS B 472 -8.94 -48.13 -20.46
CA CYS B 472 -8.40 -48.41 -19.12
C CYS B 472 -8.98 -47.42 -18.11
N VAL B 473 -9.30 -47.95 -16.95
CA VAL B 473 -9.88 -47.17 -15.86
C VAL B 473 -9.05 -47.31 -14.58
N LYS B 474 -9.08 -46.22 -13.84
CA LYS B 474 -8.39 -46.08 -12.55
C LYS B 474 -9.26 -45.22 -11.64
N GLY B 475 -9.15 -45.47 -10.35
CA GLY B 475 -9.92 -44.71 -9.34
C GLY B 475 -10.15 -45.55 -8.08
N ALA B 476 -10.95 -44.97 -7.20
CA ALA B 476 -11.32 -45.57 -5.91
C ALA B 476 -11.63 -47.05 -6.11
N PRO B 477 -11.23 -47.92 -5.16
CA PRO B 477 -11.46 -49.35 -5.29
C PRO B 477 -12.94 -49.68 -5.40
N LEU B 478 -13.62 -49.46 -4.30
CA LEU B 478 -15.06 -49.77 -4.11
C LEU B 478 -15.91 -49.56 -5.38
N PHE B 479 -16.02 -48.31 -5.79
CA PHE B 479 -16.86 -47.89 -6.93
C PHE B 479 -16.46 -48.58 -8.25
N VAL B 480 -15.18 -48.59 -8.52
CA VAL B 480 -14.64 -49.19 -9.75
C VAL B 480 -15.08 -50.65 -9.89
N LEU B 481 -14.77 -51.41 -8.85
CA LEU B 481 -15.05 -52.85 -8.80
C LEU B 481 -16.56 -53.12 -8.70
N LYS B 482 -17.32 -52.07 -8.45
CA LYS B 482 -18.78 -52.18 -8.37
C LYS B 482 -19.31 -52.54 -9.76
N THR B 483 -18.56 -52.08 -10.73
CA THR B 483 -18.84 -52.28 -12.15
C THR B 483 -18.33 -53.67 -12.56
N VAL B 484 -17.02 -53.71 -12.69
CA VAL B 484 -16.23 -54.90 -13.05
C VAL B 484 -17.10 -56.08 -13.49
N GLU B 485 -16.55 -56.75 -14.49
CA GLU B 485 -17.10 -57.98 -15.09
C GLU B 485 -15.94 -58.97 -15.29
N GLU B 486 -15.12 -58.62 -16.27
CA GLU B 486 -13.88 -59.36 -16.61
C GLU B 486 -14.16 -60.67 -17.36
N ASP B 487 -13.15 -61.07 -18.11
CA ASP B 487 -13.17 -62.31 -18.92
C ASP B 487 -14.22 -63.24 -18.36
N HIS B 488 -13.81 -64.03 -17.40
CA HIS B 488 -14.74 -64.94 -16.72
C HIS B 488 -15.67 -64.09 -15.86
N PRO B 489 -16.90 -64.53 -15.58
CA PRO B 489 -17.83 -63.72 -14.82
C PRO B 489 -17.26 -63.36 -13.47
N ILE B 490 -17.76 -62.25 -12.95
CA ILE B 490 -17.36 -61.69 -11.64
C ILE B 490 -17.87 -62.59 -10.50
N PRO B 491 -17.16 -63.68 -10.18
CA PRO B 491 -17.59 -64.56 -9.11
C PRO B 491 -17.63 -63.83 -7.80
N GLU B 492 -18.42 -64.38 -6.89
CA GLU B 492 -18.59 -63.82 -5.53
C GLU B 492 -17.23 -63.82 -4.83
N GLU B 493 -16.65 -65.00 -4.81
CA GLU B 493 -15.33 -65.23 -4.21
C GLU B 493 -14.37 -64.12 -4.61
N VAL B 494 -14.05 -64.13 -5.89
CA VAL B 494 -13.14 -63.16 -6.49
C VAL B 494 -13.40 -61.76 -5.91
N ASP B 495 -14.66 -61.39 -5.91
CA ASP B 495 -15.08 -60.09 -5.38
C ASP B 495 -14.65 -59.94 -3.93
N GLN B 496 -15.39 -60.63 -3.08
CA GLN B 496 -15.15 -60.63 -1.63
C GLN B 496 -13.66 -60.56 -1.31
N ALA B 497 -12.94 -61.52 -1.88
CA ALA B 497 -11.49 -61.64 -1.70
C ALA B 497 -10.79 -60.32 -1.99
N TYR B 498 -11.05 -59.80 -3.18
CA TYR B 498 -10.44 -58.55 -3.64
C TYR B 498 -10.57 -57.45 -2.58
N LYS B 499 -11.80 -57.22 -2.17
CA LYS B 499 -12.12 -56.20 -1.16
C LYS B 499 -11.23 -56.38 0.08
N ASN B 500 -11.52 -57.45 0.78
CA ASN B 500 -10.81 -57.83 2.01
C ASN B 500 -9.33 -57.42 1.97
N LYS B 501 -8.66 -57.89 0.93
CA LYS B 501 -7.21 -57.62 0.74
C LYS B 501 -6.93 -56.12 0.77
N VAL B 502 -7.67 -55.38 -0.05
CA VAL B 502 -7.51 -53.92 -0.15
C VAL B 502 -7.69 -53.29 1.24
N ALA B 503 -8.68 -53.80 1.94
CA ALA B 503 -9.00 -53.34 3.29
C ALA B 503 -7.80 -53.59 4.22
N GLU B 504 -7.34 -54.83 4.15
CA GLU B 504 -6.20 -55.30 4.93
C GLU B 504 -4.99 -54.38 4.71
N PHE B 505 -4.82 -54.04 3.44
CA PHE B 505 -3.72 -53.18 2.97
C PHE B 505 -3.83 -51.74 3.49
N ALA B 506 -5.03 -51.21 3.34
CA ALA B 506 -5.35 -49.80 3.64
C ALA B 506 -5.60 -49.49 5.13
N THR B 507 -5.58 -50.50 5.99
CA THR B 507 -5.84 -50.27 7.43
C THR B 507 -4.52 -50.11 8.19
N ARG B 508 -3.45 -50.16 7.44
CA ARG B 508 -2.08 -49.99 7.94
C ARG B 508 -1.26 -49.31 6.86
N GLY B 509 -2.00 -48.58 6.07
CA GLY B 509 -1.48 -47.84 4.93
C GLY B 509 -2.11 -48.36 3.65
N PHE B 510 -1.26 -48.59 2.67
CA PHE B 510 -1.70 -49.08 1.37
C PHE B 510 -2.62 -48.05 0.71
N ARG B 511 -2.21 -47.63 -0.47
CA ARG B 511 -2.94 -46.67 -1.30
C ARG B 511 -3.52 -47.40 -2.52
N SER B 512 -4.72 -47.90 -2.32
CA SER B 512 -5.44 -48.71 -3.31
C SER B 512 -5.87 -47.88 -4.53
N LEU B 513 -5.71 -48.55 -5.64
CA LEU B 513 -6.07 -48.09 -6.99
C LEU B 513 -6.94 -49.17 -7.62
N GLY B 514 -7.97 -48.83 -8.25
CA GLY B 514 -8.91 -49.74 -8.93
C GLY B 514 -8.71 -49.64 -10.44
N VAL B 515 -8.45 -50.80 -11.04
CA VAL B 515 -8.23 -50.88 -12.49
C VAL B 515 -9.12 -51.97 -13.10
N ALA B 516 -9.77 -51.57 -14.19
CA ALA B 516 -10.68 -52.44 -14.95
C ALA B 516 -10.31 -52.39 -16.45
N ARG B 517 -11.24 -51.89 -17.25
CA ARG B 517 -11.07 -51.76 -18.73
C ARG B 517 -12.42 -52.02 -19.42
N LYS B 518 -12.86 -51.09 -20.28
CA LYS B 518 -14.17 -51.21 -20.95
C LYS B 518 -14.20 -50.60 -22.38
N ARG B 519 -14.05 -49.28 -22.45
CA ARG B 519 -14.08 -48.55 -23.73
C ARG B 519 -14.62 -47.13 -23.52
N GLY B 520 -15.67 -47.11 -22.71
CA GLY B 520 -16.38 -45.87 -22.34
C GLY B 520 -16.30 -45.67 -20.82
N GLU B 521 -16.26 -46.81 -20.13
CA GLU B 521 -16.16 -46.84 -18.66
C GLU B 521 -17.32 -47.61 -18.03
N GLY B 522 -18.40 -47.72 -18.78
CA GLY B 522 -19.60 -48.44 -18.32
C GLY B 522 -19.23 -49.89 -18.01
N SER B 523 -18.70 -50.53 -19.04
CA SER B 523 -18.25 -51.92 -19.00
C SER B 523 -17.49 -52.18 -17.70
N TRP B 524 -17.44 -53.45 -17.33
CA TRP B 524 -16.73 -53.85 -16.11
C TRP B 524 -15.75 -55.01 -16.40
N GLU B 525 -14.53 -54.79 -15.92
CA GLU B 525 -13.41 -55.75 -16.06
C GLU B 525 -12.25 -55.37 -15.13
N ILE B 526 -12.33 -55.86 -13.91
CA ILE B 526 -11.28 -55.61 -12.89
C ILE B 526 -10.04 -56.42 -13.24
N LEU B 527 -8.92 -55.73 -13.26
CA LEU B 527 -7.61 -56.33 -13.57
C LEU B 527 -6.85 -56.61 -12.27
N GLY B 528 -6.74 -55.57 -11.46
CA GLY B 528 -6.04 -55.62 -10.17
C GLY B 528 -5.97 -54.21 -9.55
N ILE B 529 -5.22 -54.15 -8.45
CA ILE B 529 -4.99 -52.91 -7.68
C ILE B 529 -3.50 -52.83 -7.28
N MET B 530 -3.03 -51.61 -7.08
CA MET B 530 -1.60 -51.36 -6.73
C MET B 530 -1.46 -50.39 -5.54
N PRO B 531 -1.65 -50.85 -4.29
CA PRO B 531 -1.52 -50.01 -3.10
C PRO B 531 -0.11 -49.46 -2.89
N CYS B 532 0.10 -48.96 -1.66
CA CYS B 532 1.39 -48.38 -1.20
C CYS B 532 1.32 -47.99 0.31
N MET B 533 2.51 -47.72 0.86
CA MET B 533 2.72 -47.30 2.27
C MET B 533 4.05 -46.52 2.32
N ASP B 534 4.77 -46.53 3.45
CA ASP B 534 6.05 -45.78 3.49
C ASP B 534 6.62 -45.57 4.91
N PRO B 535 7.84 -46.09 5.19
CA PRO B 535 8.49 -45.87 6.47
C PRO B 535 8.75 -44.38 6.68
N PRO B 536 8.16 -43.73 7.72
CA PRO B 536 8.40 -42.31 7.95
C PRO B 536 9.88 -42.07 8.08
N ARG B 537 10.36 -41.94 9.31
CA ARG B 537 11.79 -41.78 9.49
C ARG B 537 12.23 -41.12 10.80
N HIS B 538 13.52 -40.88 10.76
CA HIS B 538 14.36 -40.32 11.81
C HIS B 538 13.76 -39.05 12.45
N ASP B 539 13.90 -37.93 11.74
CA ASP B 539 13.57 -36.60 12.25
C ASP B 539 12.12 -36.26 11.91
N THR B 540 11.47 -36.90 10.98
CA THR B 540 10.08 -36.57 10.61
C THR B 540 9.12 -36.93 11.75
N TYR B 541 9.30 -38.13 12.28
CA TYR B 541 8.45 -38.65 13.37
C TYR B 541 8.62 -37.80 14.63
N LYS B 542 9.85 -37.39 14.87
CA LYS B 542 10.18 -36.57 16.06
C LYS B 542 9.88 -35.09 15.76
N THR B 543 10.19 -34.71 14.54
CA THR B 543 9.98 -33.34 14.06
C THR B 543 8.50 -32.96 14.17
N VAL B 544 7.67 -33.95 13.92
CA VAL B 544 6.21 -33.80 13.99
C VAL B 544 5.79 -33.53 15.43
N CYS B 545 6.42 -34.28 16.33
CA CYS B 545 6.18 -34.17 17.78
C CYS B 545 6.56 -32.77 18.25
N GLU B 546 7.66 -32.31 17.69
CA GLU B 546 8.22 -30.98 17.99
C GLU B 546 7.23 -29.90 17.53
N ALA B 547 6.65 -30.16 16.37
CA ALA B 547 5.68 -29.27 15.73
C ALA B 547 4.53 -28.95 16.69
N LYS B 548 3.98 -30.01 17.26
CA LYS B 548 2.86 -29.93 18.20
C LYS B 548 3.25 -29.14 19.45
N THR B 549 4.44 -29.43 19.93
CA THR B 549 5.00 -28.79 21.12
C THR B 549 5.30 -27.32 20.86
N LEU B 550 5.43 -27.00 19.57
CA LEU B 550 5.75 -25.64 19.11
C LEU B 550 4.46 -24.96 18.70
N GLY B 551 3.41 -25.73 18.56
CA GLY B 551 2.06 -25.23 18.19
C GLY B 551 1.83 -25.35 16.67
N LEU B 552 2.94 -25.35 15.95
CA LEU B 552 2.93 -25.45 14.48
C LEU B 552 2.04 -26.60 14.02
N SER B 553 1.16 -26.27 13.09
CA SER B 553 0.22 -27.23 12.49
C SER B 553 0.76 -27.70 11.14
N ILE B 554 0.85 -29.01 11.02
CA ILE B 554 1.36 -29.67 9.81
C ILE B 554 0.23 -30.40 9.08
N LYS B 555 0.11 -30.04 7.81
CA LYS B 555 -0.90 -30.62 6.91
C LYS B 555 -0.20 -31.39 5.79
N MET B 556 -0.70 -32.59 5.57
CA MET B 556 -0.15 -33.47 4.53
C MET B 556 -1.09 -33.54 3.33
N LEU B 557 -0.46 -33.37 2.18
CA LEU B 557 -1.13 -33.44 0.88
C LEU B 557 -0.55 -34.63 0.11
N THR B 558 -1.38 -35.63 -0.08
CA THR B 558 -0.97 -36.86 -0.77
C THR B 558 -1.98 -37.27 -1.84
N GLY B 559 -1.54 -38.22 -2.64
CA GLY B 559 -2.32 -38.78 -3.75
C GLY B 559 -2.85 -40.17 -3.38
N ASP B 560 -2.93 -40.39 -2.09
CA ASP B 560 -3.45 -41.64 -1.52
C ASP B 560 -4.88 -41.41 -1.04
N ALA B 561 -5.61 -42.50 -0.91
CA ALA B 561 -7.01 -42.45 -0.46
C ALA B 561 -7.08 -42.04 1.02
N VAL B 562 -8.22 -41.48 1.38
CA VAL B 562 -8.48 -41.00 2.74
C VAL B 562 -8.18 -42.12 3.75
N GLY B 563 -8.67 -43.30 3.42
CA GLY B 563 -8.50 -44.50 4.24
C GLY B 563 -7.03 -44.68 4.62
N ILE B 564 -6.21 -44.75 3.59
CA ILE B 564 -4.76 -44.94 3.72
C ILE B 564 -4.13 -43.69 4.34
N ALA B 565 -4.52 -42.55 3.80
CA ALA B 565 -4.03 -41.23 4.25
C ALA B 565 -4.02 -41.17 5.78
N ARG B 566 -5.19 -41.44 6.33
CA ARG B 566 -5.41 -41.43 7.78
C ARG B 566 -4.45 -42.41 8.47
N GLU B 567 -4.18 -43.48 7.76
CA GLU B 567 -3.29 -44.55 8.23
C GLU B 567 -1.85 -44.02 8.35
N THR B 568 -1.44 -43.32 7.30
CA THR B 568 -0.11 -42.71 7.23
C THR B 568 0.01 -41.64 8.31
N SER B 569 -1.04 -40.85 8.39
CA SER B 569 -1.14 -39.76 9.37
C SER B 569 -0.95 -40.31 10.78
N ARG B 570 -1.61 -41.43 11.00
CA ARG B 570 -1.58 -42.15 12.28
C ARG B 570 -0.20 -42.75 12.52
N GLN B 571 0.37 -43.24 11.44
CA GLN B 571 1.69 -43.90 11.45
C GLN B 571 2.78 -42.89 11.86
N LEU B 572 2.78 -41.76 11.18
CA LEU B 572 3.77 -40.70 11.40
C LEU B 572 3.65 -40.13 12.82
N GLY B 573 2.45 -39.72 13.16
CA GLY B 573 2.17 -39.14 14.47
C GLY B 573 1.22 -37.95 14.33
N LEU B 574 1.06 -37.49 13.09
CA LEU B 574 0.13 -36.39 12.79
C LEU B 574 -1.13 -36.65 13.58
N GLY B 575 -1.80 -37.63 13.06
CA GLY B 575 -2.95 -38.23 13.69
C GLY B 575 -2.42 -39.45 14.41
N THR B 576 -2.66 -39.51 15.69
CA THR B 576 -2.16 -40.62 16.51
C THR B 576 -2.61 -41.95 15.91
N ASN B 577 -3.26 -42.74 16.74
CA ASN B 577 -3.73 -44.07 16.35
C ASN B 577 -5.25 -44.09 16.26
N ILE B 578 -5.85 -43.04 16.78
CA ILE B 578 -7.31 -42.89 16.82
C ILE B 578 -7.88 -42.64 15.41
N TYR B 579 -8.57 -43.65 14.91
CA TYR B 579 -9.25 -43.54 13.60
C TYR B 579 -10.32 -42.48 13.73
N ASN B 580 -10.23 -41.53 12.84
CA ASN B 580 -11.12 -40.38 12.88
C ASN B 580 -12.24 -40.50 11.86
N ALA B 581 -12.24 -39.51 11.02
CA ALA B 581 -13.24 -39.31 9.98
C ALA B 581 -13.77 -37.89 10.15
N GLU B 582 -13.21 -37.28 11.17
CA GLU B 582 -13.52 -35.90 11.57
C GLU B 582 -12.56 -34.93 10.91
N ARG B 583 -11.28 -35.29 10.91
CA ARG B 583 -10.26 -34.44 10.29
C ARG B 583 -8.83 -34.95 10.56
N LEU B 584 -8.53 -35.16 11.83
CA LEU B 584 -7.20 -35.61 12.25
C LEU B 584 -6.93 -37.05 11.81
N GLY B 585 -6.01 -37.16 10.87
CA GLY B 585 -5.59 -38.46 10.32
C GLY B 585 -6.40 -38.78 9.05
N LEU B 586 -7.69 -38.93 9.26
CA LEU B 586 -8.64 -39.22 8.18
C LEU B 586 -8.70 -38.01 7.25
N GLY B 587 -9.32 -36.98 7.77
CA GLY B 587 -9.40 -35.70 7.07
C GLY B 587 -10.58 -35.63 6.12
N GLY B 588 -10.25 -35.44 4.85
CA GLY B 588 -11.24 -35.32 3.78
C GLY B 588 -10.68 -35.86 2.47
N GLY B 589 -11.53 -35.80 1.48
CA GLY B 589 -11.20 -36.25 0.13
C GLY B 589 -11.75 -35.26 -0.89
N GLY B 590 -10.82 -34.52 -1.47
CA GLY B 590 -11.15 -33.54 -2.52
C GLY B 590 -11.85 -34.28 -3.64
N ASP B 591 -12.82 -35.05 -3.21
CA ASP B 591 -13.59 -35.94 -4.09
C ASP B 591 -14.99 -35.39 -4.38
N MET B 592 -15.46 -35.89 -5.50
CA MET B 592 -16.79 -35.61 -6.04
C MET B 592 -17.82 -36.08 -5.02
N PRO B 593 -18.23 -37.35 -5.10
CA PRO B 593 -19.16 -37.90 -4.13
C PRO B 593 -18.54 -37.81 -2.76
N GLY B 594 -17.98 -36.64 -2.51
CA GLY B 594 -17.31 -36.31 -1.23
C GLY B 594 -17.13 -34.80 -1.12
N SER B 595 -17.58 -34.13 -2.18
CA SER B 595 -17.53 -32.67 -2.32
C SER B 595 -17.54 -31.97 -0.95
N GLU B 596 -18.52 -32.32 -0.16
CA GLU B 596 -18.71 -31.75 1.19
C GLU B 596 -17.43 -31.90 2.01
N VAL B 597 -16.41 -32.37 1.32
CA VAL B 597 -15.09 -32.63 1.90
C VAL B 597 -14.33 -31.32 2.15
N TYR B 598 -14.87 -30.23 1.64
CA TYR B 598 -14.24 -28.91 1.80
C TYR B 598 -14.34 -28.47 3.26
N ASP B 599 -15.06 -29.28 4.02
CA ASP B 599 -15.23 -29.07 5.46
C ASP B 599 -14.36 -30.07 6.21
N PHE B 600 -14.11 -31.15 5.49
CA PHE B 600 -13.26 -32.25 5.98
C PHE B 600 -11.81 -31.94 5.66
N VAL B 601 -11.62 -31.33 4.49
CA VAL B 601 -10.29 -30.88 4.04
C VAL B 601 -9.70 -30.05 5.16
N GLU B 602 -10.45 -28.99 5.44
CA GLU B 602 -10.13 -28.10 6.55
C GLU B 602 -10.48 -28.85 7.82
N ALA B 603 -9.87 -30.01 7.88
CA ALA B 603 -9.99 -30.94 9.00
C ALA B 603 -8.78 -30.77 9.89
N ALA B 604 -8.01 -29.75 9.54
CA ALA B 604 -6.80 -29.34 10.27
C ALA B 604 -5.62 -30.25 9.98
N ASP B 605 -5.46 -30.61 8.71
CA ASP B 605 -4.34 -31.47 8.31
C ASP B 605 -4.63 -32.21 7.00
N GLY B 606 -4.78 -33.50 7.19
CA GLY B 606 -4.99 -34.51 6.14
C GLY B 606 -5.95 -34.07 5.02
N PHE B 607 -5.38 -34.13 3.83
CA PHE B 607 -6.05 -33.85 2.55
C PHE B 607 -5.55 -34.87 1.52
N ALA B 608 -6.49 -35.62 0.99
CA ALA B 608 -6.18 -36.68 0.02
C ALA B 608 -7.15 -36.68 -1.16
N GLU B 609 -6.57 -36.47 -2.34
CA GLU B 609 -7.32 -36.48 -3.59
C GLU B 609 -8.07 -35.16 -3.79
N VAL B 610 -7.33 -34.13 -4.18
CA VAL B 610 -7.89 -32.77 -4.42
C VAL B 610 -7.52 -32.29 -5.84
N PHE B 611 -8.14 -31.17 -6.24
CA PHE B 611 -8.02 -30.63 -7.62
C PHE B 611 -7.39 -29.22 -7.69
N PRO B 612 -7.42 -28.63 -8.91
CA PRO B 612 -6.83 -27.31 -9.21
C PRO B 612 -7.49 -26.16 -8.46
N GLN B 613 -7.86 -25.19 -9.28
CA GLN B 613 -8.50 -23.89 -8.91
C GLN B 613 -9.06 -23.82 -7.49
N HIS B 614 -8.87 -24.86 -6.70
CA HIS B 614 -9.39 -24.85 -5.33
C HIS B 614 -8.30 -24.43 -4.34
N LYS B 615 -7.06 -24.64 -4.76
CA LYS B 615 -5.90 -24.23 -3.97
C LYS B 615 -6.08 -22.77 -3.59
N TYR B 616 -6.52 -22.06 -4.60
CA TYR B 616 -6.80 -20.62 -4.54
C TYR B 616 -7.65 -20.29 -3.32
N ASN B 617 -8.85 -20.83 -3.34
CA ASN B 617 -9.86 -20.61 -2.29
C ASN B 617 -9.40 -21.17 -0.94
N VAL B 618 -8.77 -22.33 -0.97
CA VAL B 618 -8.30 -23.00 0.25
C VAL B 618 -7.37 -22.07 1.04
N VAL B 619 -6.44 -21.46 0.34
CA VAL B 619 -5.48 -20.54 0.97
C VAL B 619 -6.22 -19.29 1.50
N GLU B 620 -7.10 -18.80 0.66
CA GLU B 620 -7.92 -17.62 0.99
C GLU B 620 -8.70 -17.88 2.27
N ILE B 621 -9.35 -19.02 2.26
CA ILE B 621 -10.21 -19.49 3.37
C ILE B 621 -9.39 -19.75 4.64
N LEU B 622 -8.25 -20.38 4.48
CA LEU B 622 -7.37 -20.70 5.61
C LEU B 622 -6.80 -19.42 6.23
N GLN B 623 -6.46 -18.49 5.35
CA GLN B 623 -5.90 -17.19 5.74
C GLN B 623 -6.95 -16.37 6.50
N GLN B 624 -8.19 -16.61 6.13
CA GLN B 624 -9.34 -15.92 6.71
C GLN B 624 -9.45 -16.20 8.21
N ARG B 625 -8.67 -17.16 8.66
CA ARG B 625 -8.66 -17.56 10.08
C ARG B 625 -7.29 -17.26 10.70
N GLY B 626 -6.51 -16.50 9.96
CA GLY B 626 -5.17 -16.06 10.38
C GLY B 626 -4.19 -17.22 10.46
N TYR B 627 -4.31 -18.13 9.51
CA TYR B 627 -3.41 -19.28 9.44
C TYR B 627 -2.31 -18.99 8.44
N LEU B 628 -1.12 -18.92 8.98
CA LEU B 628 0.08 -18.71 8.18
C LEU B 628 0.37 -20.00 7.48
N VAL B 629 1.41 -20.03 6.68
CA VAL B 629 1.66 -21.26 5.98
C VAL B 629 2.96 -21.30 5.22
N ALA B 630 3.46 -22.51 5.31
CA ALA B 630 4.62 -23.00 4.60
C ALA B 630 4.08 -24.08 3.69
N MET B 631 4.11 -23.79 2.40
CA MET B 631 3.55 -24.69 1.40
C MET B 631 4.65 -25.28 0.50
N THR B 632 4.18 -26.24 -0.27
CA THR B 632 5.01 -26.96 -1.25
C THR B 632 4.34 -26.86 -2.63
N GLY B 633 5.11 -26.29 -3.54
CA GLY B 633 4.69 -26.04 -4.94
C GLY B 633 4.05 -27.29 -5.54
N ASP B 634 4.05 -27.30 -6.87
CA ASP B 634 3.49 -28.39 -7.65
C ASP B 634 3.17 -27.93 -9.09
N GLY B 635 1.90 -27.60 -9.32
CA GLY B 635 1.42 -27.22 -10.67
C GLY B 635 0.83 -25.79 -10.71
N VAL B 636 0.58 -25.41 -11.96
CA VAL B 636 0.02 -24.11 -12.35
C VAL B 636 -1.28 -23.81 -11.58
N ASN B 637 -1.99 -24.88 -11.31
CA ASN B 637 -3.29 -24.83 -10.63
C ASN B 637 -3.15 -24.36 -9.16
N ASP B 638 -1.95 -24.51 -8.63
CA ASP B 638 -1.67 -24.15 -7.22
C ASP B 638 -0.97 -22.79 -7.12
N ALA B 639 -0.61 -22.26 -8.27
CA ALA B 639 0.09 -20.98 -8.38
C ALA B 639 -0.62 -19.88 -7.59
N PRO B 640 -1.94 -19.68 -7.79
CA PRO B 640 -2.65 -18.61 -7.11
C PRO B 640 -2.56 -18.72 -5.60
N SER B 641 -2.75 -19.93 -5.10
CA SER B 641 -2.71 -20.20 -3.65
C SER B 641 -1.30 -19.91 -3.10
N LEU B 642 -0.32 -20.19 -3.93
CA LEU B 642 1.10 -20.01 -3.61
C LEU B 642 1.43 -18.53 -3.39
N LYS B 643 0.93 -17.72 -4.32
CA LYS B 643 1.14 -16.27 -4.28
C LYS B 643 0.39 -15.65 -3.10
N LYS B 644 -0.78 -16.22 -2.85
CA LYS B 644 -1.65 -15.78 -1.74
C LYS B 644 -0.93 -15.99 -0.40
N ALA B 645 -0.44 -17.19 -0.24
CA ALA B 645 0.30 -17.60 0.97
C ALA B 645 1.43 -16.61 1.22
N ASP B 646 2.39 -17.02 2.04
CA ASP B 646 3.53 -16.15 2.38
C ASP B 646 4.87 -16.88 2.28
N THR B 647 4.85 -18.18 2.55
CA THR B 647 6.08 -18.99 2.47
C THR B 647 5.92 -20.14 1.48
N GLY B 648 6.97 -20.25 0.67
CA GLY B 648 7.04 -21.28 -0.37
C GLY B 648 8.29 -22.14 -0.14
N ILE B 649 8.04 -23.41 0.05
CA ILE B 649 9.09 -24.41 0.26
C ILE B 649 9.11 -25.36 -0.93
N ALA B 650 10.18 -25.23 -1.70
CA ALA B 650 10.39 -26.05 -2.90
C ALA B 650 11.47 -27.08 -2.64
N VAL B 651 11.25 -28.24 -3.23
CA VAL B 651 12.19 -29.37 -3.14
C VAL B 651 13.41 -29.06 -4.00
N GLU B 652 14.56 -29.44 -3.48
CA GLU B 652 15.83 -29.23 -4.17
C GLU B 652 15.82 -29.91 -5.53
N GLY B 653 15.25 -31.11 -5.54
CA GLY B 653 15.15 -31.92 -6.76
C GLY B 653 13.85 -31.61 -7.50
N SER B 654 13.36 -30.40 -7.27
CA SER B 654 12.10 -29.92 -7.87
C SER B 654 12.32 -28.78 -8.86
N SER B 655 11.27 -27.97 -8.97
CA SER B 655 11.21 -26.80 -9.88
C SER B 655 11.68 -25.52 -9.20
N ASP B 656 12.32 -24.69 -10.00
CA ASP B 656 12.89 -23.40 -9.57
C ASP B 656 11.80 -22.34 -9.40
N ALA B 657 10.83 -22.39 -10.29
CA ALA B 657 9.70 -21.45 -10.29
C ALA B 657 9.12 -21.33 -8.87
N ALA B 658 8.87 -22.50 -8.30
CA ALA B 658 8.30 -22.62 -6.94
C ALA B 658 9.23 -21.95 -5.91
N ARG B 659 10.50 -22.22 -6.09
CA ARG B 659 11.57 -21.71 -5.20
C ARG B 659 11.62 -20.18 -5.24
N SER B 660 10.97 -19.62 -6.25
CA SER B 660 10.90 -18.17 -6.44
C SER B 660 9.74 -17.55 -5.65
N ALA B 661 8.58 -18.14 -5.85
CA ALA B 661 7.34 -17.70 -5.20
C ALA B 661 7.31 -18.16 -3.74
N ALA B 662 8.49 -18.57 -3.27
CA ALA B 662 8.67 -19.07 -1.90
C ALA B 662 9.73 -18.22 -1.17
N ASP B 663 10.36 -18.86 -0.19
CA ASP B 663 11.37 -18.19 0.65
C ASP B 663 12.45 -19.14 1.16
N ILE B 664 12.43 -20.36 0.65
CA ILE B 664 13.41 -21.36 1.08
C ILE B 664 13.30 -22.60 0.21
N VAL B 665 14.25 -23.50 0.44
CA VAL B 665 14.32 -24.75 -0.33
C VAL B 665 14.72 -25.92 0.54
N PHE B 666 14.16 -27.03 0.12
CA PHE B 666 14.36 -28.35 0.70
C PHE B 666 15.38 -29.14 -0.10
N LEU B 667 16.54 -29.32 0.45
CA LEU B 667 17.51 -30.19 -0.20
C LEU B 667 17.27 -31.56 0.40
N ALA B 668 17.38 -31.54 1.71
CA ALA B 668 17.05 -32.68 2.54
C ALA B 668 15.55 -32.83 2.39
N PRO B 669 15.13 -33.49 1.31
CA PRO B 669 13.72 -33.60 0.99
C PRO B 669 12.95 -34.23 2.12
N GLY B 670 13.33 -33.87 3.32
CA GLY B 670 12.70 -34.41 4.55
C GLY B 670 11.82 -33.38 5.23
N LEU B 671 10.82 -33.91 5.91
CA LEU B 671 9.82 -33.11 6.66
C LEU B 671 10.41 -32.67 8.00
N GLY B 672 11.16 -33.57 8.60
CA GLY B 672 11.80 -33.35 9.91
C GLY B 672 12.68 -32.10 9.87
N ALA B 673 13.18 -31.83 8.67
CA ALA B 673 14.08 -30.69 8.42
C ALA B 673 13.38 -29.36 8.72
N ILE B 674 12.13 -29.26 8.31
CA ILE B 674 11.34 -28.02 8.49
C ILE B 674 11.13 -27.71 9.97
N ILE B 675 10.78 -28.74 10.72
CA ILE B 675 10.53 -28.60 12.17
C ILE B 675 11.78 -28.06 12.86
N ASP B 676 12.93 -28.48 12.34
CA ASP B 676 14.24 -28.04 12.85
C ASP B 676 14.41 -26.56 12.57
N ALA B 677 14.01 -26.21 11.35
CA ALA B 677 14.09 -24.83 10.85
C ALA B 677 13.28 -23.91 11.76
N LEU B 678 12.04 -24.32 12.00
CA LEU B 678 11.10 -23.59 12.85
C LEU B 678 11.72 -23.39 14.24
N LYS B 679 12.48 -24.39 14.63
CA LYS B 679 13.17 -24.42 15.93
C LYS B 679 14.22 -23.31 16.01
N THR B 680 15.02 -23.24 14.97
CA THR B 680 16.10 -22.23 14.88
C THR B 680 15.51 -20.83 14.90
N SER B 681 14.50 -20.65 14.07
CA SER B 681 13.79 -19.37 13.94
C SER B 681 13.32 -18.88 15.31
N ARG B 682 12.69 -19.80 16.03
CA ARG B 682 12.16 -19.51 17.38
C ARG B 682 13.33 -19.20 18.31
N GLN B 683 14.43 -19.88 18.09
CA GLN B 683 15.65 -19.66 18.88
C GLN B 683 16.13 -18.22 18.68
N ILE B 684 16.12 -17.81 17.42
CA ILE B 684 16.59 -16.47 17.00
C ILE B 684 15.84 -15.34 17.72
N PHE B 685 14.53 -15.49 17.82
CA PHE B 685 13.69 -14.45 18.42
C PHE B 685 13.92 -14.29 19.93
N HIS B 686 13.75 -15.37 20.66
CA HIS B 686 13.92 -15.35 22.13
C HIS B 686 15.25 -14.68 22.48
N ARG B 687 16.30 -15.23 21.92
CA ARG B 687 17.67 -14.74 22.12
C ARG B 687 17.71 -13.23 21.95
N MET B 688 17.04 -12.77 20.90
CA MET B 688 16.98 -11.34 20.61
C MET B 688 16.35 -10.62 21.79
N TYR B 689 15.27 -11.20 22.28
CA TYR B 689 14.51 -10.64 23.41
C TYR B 689 15.39 -10.56 24.66
N ALA B 690 16.00 -11.68 24.98
CA ALA B 690 16.88 -11.79 26.16
C ALA B 690 17.99 -10.75 26.06
N TYR B 691 18.44 -10.57 24.84
CA TYR B 691 19.51 -9.62 24.52
C TYR B 691 19.07 -8.18 24.80
N VAL B 692 17.84 -7.89 24.40
CA VAL B 692 17.26 -6.55 24.56
C VAL B 692 16.99 -6.24 26.04
N VAL B 693 16.39 -7.20 26.71
CA VAL B 693 16.05 -7.04 28.14
C VAL B 693 17.28 -6.68 28.94
N TYR B 694 18.35 -7.44 28.73
CA TYR B 694 19.60 -7.21 29.45
C TYR B 694 20.11 -5.79 29.25
N ARG B 695 20.21 -5.44 27.98
CA ARG B 695 20.70 -4.12 27.56
C ARG B 695 19.87 -3.00 28.20
N ILE B 696 18.58 -3.02 27.87
CA ILE B 696 17.63 -2.01 28.32
C ILE B 696 17.47 -1.98 29.85
N ALA B 697 17.20 -3.13 30.42
CA ALA B 697 17.00 -3.25 31.88
C ALA B 697 18.18 -2.64 32.64
N LEU B 698 19.36 -3.17 32.32
CA LEU B 698 20.62 -2.77 32.96
C LEU B 698 20.93 -1.29 32.68
N SER B 699 20.64 -0.88 31.47
CA SER B 699 20.91 0.50 31.00
C SER B 699 20.00 1.52 31.68
N ILE B 700 18.76 1.13 31.94
CA ILE B 700 17.78 2.03 32.55
C ILE B 700 18.22 2.43 33.96
N HIS B 701 18.85 1.49 34.66
CA HIS B 701 19.30 1.76 36.03
C HIS B 701 20.34 2.88 36.01
N LEU B 702 21.26 2.82 35.07
CA LEU B 702 22.29 3.86 34.97
C LEU B 702 21.65 5.21 34.63
N GLU B 703 20.52 5.15 33.94
CA GLU B 703 19.79 6.34 33.49
C GLU B 703 19.39 7.22 34.68
N ILE B 704 18.71 6.62 35.64
CA ILE B 704 18.25 7.35 36.82
C ILE B 704 19.28 7.31 37.94
N PHE B 705 20.23 6.39 37.85
CA PHE B 705 21.29 6.36 38.87
C PHE B 705 22.06 7.66 38.80
N LEU B 706 22.26 8.08 37.57
CA LEU B 706 22.93 9.34 37.26
C LEU B 706 22.11 10.48 37.87
N GLY B 707 20.81 10.32 37.70
CA GLY B 707 19.81 11.27 38.18
C GLY B 707 19.86 11.38 39.71
N LEU B 708 19.86 10.23 40.35
CA LEU B 708 19.90 10.12 41.81
C LEU B 708 20.95 11.08 42.37
N TRP B 709 22.18 10.76 42.05
CA TRP B 709 23.34 11.55 42.48
C TRP B 709 23.11 13.02 42.13
N ILE B 710 22.50 13.23 40.97
CA ILE B 710 22.19 14.57 40.47
C ILE B 710 21.49 15.37 41.56
N ALA B 711 20.73 14.65 42.36
CA ALA B 711 19.94 15.24 43.45
C ALA B 711 20.63 15.08 44.81
N ILE B 712 21.21 13.90 45.03
CA ILE B 712 21.84 13.60 46.34
C ILE B 712 23.16 12.82 46.21
N LEU B 713 23.28 11.88 47.14
CA LEU B 713 24.41 10.95 47.29
C LEU B 713 25.68 11.72 47.71
N ASN B 714 26.60 11.89 46.79
CA ASN B 714 27.84 12.62 47.08
C ASN B 714 28.88 12.46 45.97
N ARG B 715 29.34 11.24 45.81
CA ARG B 715 30.39 10.92 44.82
C ARG B 715 30.05 11.55 43.47
N SER B 716 30.49 10.85 42.45
CA SER B 716 30.32 11.33 41.08
C SER B 716 30.51 10.21 40.07
N LEU B 717 30.24 10.65 38.87
CA LEU B 717 30.41 9.87 37.66
C LEU B 717 31.51 10.56 36.88
N ASN B 718 32.48 9.78 36.44
CA ASN B 718 33.61 10.35 35.73
C ASN B 718 34.20 9.35 34.72
N ILE B 719 34.61 9.97 33.64
CA ILE B 719 35.23 9.34 32.46
C ILE B 719 35.78 7.93 32.79
N GLU B 720 36.88 7.95 33.51
CA GLU B 720 37.62 6.74 33.91
C GLU B 720 36.72 5.51 34.09
N LEU B 721 36.40 5.25 35.35
CA LEU B 721 35.60 4.09 35.77
C LEU B 721 34.28 3.99 34.99
N VAL B 722 33.69 5.13 34.68
CA VAL B 722 32.43 5.16 33.92
C VAL B 722 32.64 4.55 32.54
N VAL B 723 33.66 5.04 31.87
CA VAL B 723 34.02 4.57 30.53
C VAL B 723 34.24 3.07 30.55
N PHE B 724 34.73 2.58 31.68
CA PHE B 724 35.01 1.15 31.86
C PHE B 724 33.72 0.35 31.78
N ILE B 725 32.78 0.69 32.65
CA ILE B 725 31.48 0.01 32.69
C ILE B 725 30.85 0.03 31.30
N ALA B 726 30.95 1.19 30.69
CA ALA B 726 30.39 1.44 29.35
C ALA B 726 30.96 0.44 28.33
N ILE B 727 32.26 0.21 28.44
CA ILE B 727 32.97 -0.68 27.50
C ILE B 727 32.63 -2.16 27.71
N PHE B 728 32.53 -2.55 28.96
CA PHE B 728 32.27 -3.96 29.31
C PHE B 728 30.76 -4.30 29.34
N ALA B 729 29.94 -3.28 29.35
CA ALA B 729 28.48 -3.46 29.49
C ALA B 729 27.70 -3.21 28.20
N ASP B 730 28.10 -2.20 27.46
CA ASP B 730 27.35 -1.79 26.25
C ASP B 730 27.96 -2.37 24.96
N VAL B 731 29.06 -3.11 25.09
CA VAL B 731 29.73 -3.72 23.92
C VAL B 731 29.13 -5.11 23.57
N ALA B 732 30.02 -6.10 23.60
CA ALA B 732 29.74 -7.52 23.25
C ALA B 732 28.45 -8.06 23.90
N THR B 733 28.34 -7.84 25.19
CA THR B 733 27.20 -8.31 25.99
C THR B 733 25.87 -8.18 25.22
N LEU B 734 25.40 -6.95 25.08
CA LEU B 734 24.13 -6.70 24.38
C LEU B 734 24.17 -7.50 23.06
N ALA B 735 25.39 -7.75 22.61
CA ALA B 735 25.68 -8.49 21.36
C ALA B 735 25.13 -9.96 21.39
N ILE B 736 25.86 -10.79 22.17
CA ILE B 736 25.75 -12.29 22.35
C ILE B 736 24.44 -12.93 21.85
N ALA B 737 24.57 -14.23 21.48
CA ALA B 737 23.45 -15.02 20.94
C ALA B 737 23.67 -16.53 21.14
N TYR B 738 22.54 -17.23 21.24
CA TYR B 738 22.52 -18.69 21.45
C TYR B 738 21.12 -19.26 21.21
N ASP B 739 21.16 -20.52 20.80
CA ASP B 739 19.95 -21.29 20.51
C ASP B 739 19.39 -21.89 21.81
N ASN B 740 18.09 -21.77 21.95
CA ASN B 740 17.36 -22.28 23.11
C ASN B 740 16.70 -23.61 22.75
N ALA B 741 17.10 -24.63 23.49
CA ALA B 741 16.64 -26.02 23.28
C ALA B 741 15.14 -26.17 23.55
N PRO B 742 14.62 -25.68 24.68
CA PRO B 742 13.19 -25.82 24.98
C PRO B 742 12.33 -25.12 23.96
N TYR B 743 12.74 -23.89 23.72
CA TYR B 743 12.12 -22.91 22.79
C TYR B 743 11.13 -23.53 21.80
N SER B 744 11.22 -24.82 21.61
CA SER B 744 10.31 -25.53 20.70
C SER B 744 9.07 -25.92 21.47
N GLN B 745 9.04 -25.36 22.66
CA GLN B 745 8.00 -25.58 23.64
C GLN B 745 7.11 -24.33 23.78
N THR B 746 7.33 -23.38 22.88
CA THR B 746 6.57 -22.13 22.88
C THR B 746 5.75 -21.97 21.61
N PRO B 747 4.48 -21.56 21.70
CA PRO B 747 3.67 -21.35 20.53
C PRO B 747 4.33 -20.31 19.66
N VAL B 748 3.95 -20.30 18.39
CA VAL B 748 4.49 -19.34 17.41
C VAL B 748 4.09 -17.92 17.80
N LYS B 749 4.98 -17.02 17.48
CA LYS B 749 4.77 -15.60 17.74
C LYS B 749 4.06 -14.96 16.57
N TRP B 750 3.20 -14.02 16.91
CA TRP B 750 2.48 -13.22 15.93
C TRP B 750 3.43 -12.09 15.51
N ASN B 751 3.59 -11.91 14.23
CA ASN B 751 4.50 -10.90 13.69
C ASN B 751 3.79 -9.57 13.47
N LEU B 752 3.59 -9.28 12.21
CA LEU B 752 2.93 -8.05 11.79
C LEU B 752 2.20 -7.42 12.99
N PRO B 753 1.06 -7.98 13.41
CA PRO B 753 0.29 -7.43 14.53
C PRO B 753 1.09 -7.33 15.84
N LYS B 754 1.52 -8.46 16.39
CA LYS B 754 2.24 -8.51 17.70
C LYS B 754 3.25 -7.35 17.84
N LEU B 755 3.19 -6.72 19.02
CA LEU B 755 4.09 -5.59 19.37
C LEU B 755 5.50 -6.12 19.71
N TRP B 756 6.49 -5.34 19.31
CA TRP B 756 7.92 -5.67 19.51
C TRP B 756 8.16 -6.05 20.97
N GLY B 757 9.34 -5.70 21.47
CA GLY B 757 9.63 -5.98 22.88
C GLY B 757 8.30 -5.99 23.60
N MET B 758 7.85 -7.20 23.91
CA MET B 758 6.55 -7.41 24.54
C MET B 758 6.44 -6.65 25.87
N SER B 759 5.19 -6.35 26.20
CA SER B 759 4.83 -5.64 27.42
C SER B 759 5.37 -6.39 28.63
N VAL B 760 5.19 -7.70 28.58
CA VAL B 760 5.66 -8.59 29.66
C VAL B 760 7.17 -8.44 29.80
N LEU B 761 7.81 -8.38 28.64
CA LEU B 761 9.26 -8.21 28.55
C LEU B 761 9.66 -6.85 29.15
N LEU B 762 8.85 -5.86 28.80
CA LEU B 762 9.04 -4.49 29.31
C LEU B 762 9.04 -4.55 30.83
N GLY B 763 8.18 -5.43 31.32
CA GLY B 763 8.01 -5.67 32.75
C GLY B 763 9.24 -6.37 33.31
N VAL B 764 9.75 -7.31 32.53
CA VAL B 764 10.92 -8.10 32.91
C VAL B 764 12.12 -7.20 33.13
N VAL B 765 12.32 -6.28 32.20
CA VAL B 765 13.45 -5.35 32.28
C VAL B 765 13.29 -4.42 33.48
N LEU B 766 12.12 -3.80 33.55
CA LEU B 766 11.82 -2.85 34.63
C LEU B 766 11.99 -3.52 36.00
N ALA B 767 11.54 -4.75 36.08
CA ALA B 767 11.63 -5.53 37.32
C ALA B 767 13.10 -5.71 37.73
N VAL B 768 13.83 -6.39 36.87
CA VAL B 768 15.26 -6.67 37.10
C VAL B 768 16.01 -5.36 37.33
N GLY B 769 15.70 -4.40 36.50
CA GLY B 769 16.30 -3.06 36.54
C GLY B 769 16.01 -2.39 37.89
N THR B 770 14.74 -2.16 38.13
CA THR B 770 14.27 -1.48 39.35
C THR B 770 14.96 -2.07 40.58
N TRP B 771 15.22 -3.36 40.54
CA TRP B 771 15.92 -3.98 41.66
C TRP B 771 17.29 -3.33 41.77
N ILE B 772 18.19 -3.77 40.90
CA ILE B 772 19.58 -3.29 40.91
C ILE B 772 19.65 -1.76 41.00
N THR B 773 18.72 -1.06 40.38
CA THR B 773 18.76 0.42 40.46
C THR B 773 18.68 0.83 41.92
N VAL B 774 17.69 0.29 42.60
CA VAL B 774 17.48 0.58 44.02
C VAL B 774 18.55 -0.10 44.86
N THR B 775 18.83 -1.34 44.48
CA THR B 775 19.82 -2.16 45.19
C THR B 775 21.19 -1.49 45.17
N THR B 776 21.27 -0.39 44.45
CA THR B 776 22.51 0.40 44.39
C THR B 776 22.51 1.43 45.51
N MET B 777 21.38 2.11 45.59
CA MET B 777 21.15 3.16 46.59
C MET B 777 21.32 2.62 48.00
N TYR B 778 20.93 1.37 48.19
CA TYR B 778 21.01 0.74 49.50
C TYR B 778 22.17 -0.26 49.56
N ALA B 779 22.89 -0.35 48.47
CA ALA B 779 24.05 -1.27 48.39
C ALA B 779 25.05 -0.90 49.50
N GLN B 780 25.21 0.40 49.66
CA GLN B 780 26.11 0.99 50.67
C GLN B 780 25.50 2.29 51.22
N GLY B 781 24.46 2.73 50.53
CA GLY B 781 23.70 3.97 50.84
C GLY B 781 23.05 3.85 52.23
N GLU B 782 23.49 2.82 52.90
CA GLU B 782 23.07 2.45 54.27
C GLU B 782 24.34 2.02 55.01
N ASN B 783 24.91 1.04 54.36
CA ASN B 783 26.17 0.37 54.70
C ASN B 783 26.78 0.85 56.02
N GLY B 784 27.72 1.80 55.89
CA GLY B 784 28.43 2.39 57.05
C GLY B 784 29.86 2.87 56.67
N GLY B 785 30.02 4.19 56.74
CA GLY B 785 31.29 4.90 56.45
C GLY B 785 31.63 5.82 57.64
N ILE B 786 32.92 6.12 57.81
CA ILE B 786 33.39 6.90 58.97
C ILE B 786 33.76 8.38 58.68
N VAL B 787 34.09 8.73 57.44
CA VAL B 787 34.56 10.13 57.17
C VAL B 787 33.67 10.96 56.22
N GLN B 788 32.84 10.30 55.43
CA GLN B 788 31.89 11.03 54.54
C GLN B 788 32.47 11.30 53.13
N ASN B 789 33.79 11.24 52.99
CA ASN B 789 34.44 11.44 51.68
C ASN B 789 34.59 10.06 51.00
N PHE B 790 33.84 9.94 49.91
CA PHE B 790 33.71 8.70 49.10
C PHE B 790 35.05 8.01 48.82
N GLY B 791 35.28 7.01 49.64
CA GLY B 791 36.46 6.14 49.58
C GLY B 791 36.02 4.69 49.74
N ASN B 792 34.71 4.54 49.80
CA ASN B 792 34.02 3.24 49.97
C ASN B 792 32.81 3.17 49.03
N MET B 793 32.14 4.31 48.94
CA MET B 793 30.94 4.46 48.11
C MET B 793 31.28 4.27 46.63
N ASP B 794 32.38 4.89 46.23
CA ASP B 794 32.86 4.83 44.85
C ASP B 794 33.35 3.42 44.49
N GLU B 795 34.29 2.97 45.30
CA GLU B 795 34.93 1.66 45.14
C GLU B 795 33.93 0.54 44.91
N VAL B 796 32.71 0.76 45.37
CA VAL B 796 31.65 -0.25 45.24
C VAL B 796 30.59 0.21 44.24
N LEU B 797 30.33 1.50 44.26
CA LEU B 797 29.33 2.08 43.35
C LEU B 797 29.63 1.63 41.92
N PHE B 798 30.90 1.46 41.66
CA PHE B 798 31.37 1.04 40.34
C PHE B 798 31.53 -0.48 40.25
N LEU B 799 32.09 -1.05 41.30
CA LEU B 799 32.32 -2.50 41.35
C LEU B 799 30.99 -3.25 41.28
N GLN B 800 30.00 -2.70 41.94
CA GLN B 800 28.66 -3.29 41.97
C GLN B 800 28.02 -3.21 40.59
N ILE B 801 28.00 -2.01 40.06
CA ILE B 801 27.39 -1.76 38.74
C ILE B 801 27.95 -2.75 37.72
N SER B 802 29.25 -2.89 37.76
CA SER B 802 29.97 -3.79 36.85
C SER B 802 29.52 -5.23 37.07
N LEU B 803 29.33 -5.58 38.33
CA LEU B 803 28.95 -6.95 38.73
C LEU B 803 27.49 -7.26 38.38
N THR B 804 26.60 -6.34 38.74
CA THR B 804 25.15 -6.53 38.48
C THR B 804 24.89 -6.77 37.01
N GLU B 805 25.12 -5.71 36.26
CA GLU B 805 24.96 -5.75 34.81
C GLU B 805 25.40 -7.13 34.32
N ASN B 806 26.44 -7.63 34.97
CA ASN B 806 26.97 -8.95 34.67
C ASN B 806 25.85 -9.93 34.83
N TRP B 807 25.20 -9.71 35.93
CA TRP B 807 24.08 -10.49 36.38
C TRP B 807 22.94 -10.39 35.37
N LEU B 808 22.56 -9.17 35.06
CA LEU B 808 21.45 -8.96 34.13
C LEU B 808 21.71 -9.69 32.81
N ILE B 809 22.91 -9.56 32.32
CA ILE B 809 23.28 -10.18 31.05
C ILE B 809 23.11 -11.70 31.10
N PHE B 810 22.95 -12.26 32.29
CA PHE B 810 22.76 -13.71 32.39
C PHE B 810 21.31 -14.04 32.61
N ILE B 811 20.51 -13.00 32.68
CA ILE B 811 19.06 -13.14 32.76
C ILE B 811 18.53 -12.93 31.36
N THR B 812 19.52 -12.86 30.46
CA THR B 812 19.30 -12.64 29.04
C THR B 812 19.49 -13.90 28.22
N ARG B 813 20.01 -14.93 28.84
CA ARG B 813 20.15 -16.20 28.14
C ARG B 813 18.75 -16.49 27.54
N ALA B 814 18.57 -17.68 27.01
CA ALA B 814 17.30 -18.11 26.35
C ALA B 814 16.04 -17.51 27.04
N ASN B 815 15.30 -16.73 26.25
CA ASN B 815 14.06 -16.03 26.69
C ASN B 815 12.95 -17.05 26.98
N GLY B 816 13.08 -18.21 26.37
CA GLY B 816 12.12 -19.31 26.55
C GLY B 816 12.45 -20.06 27.84
N PRO B 817 13.67 -20.61 27.95
CA PRO B 817 14.11 -21.33 29.15
C PRO B 817 14.12 -20.41 30.35
N PHE B 818 13.92 -21.01 31.52
CA PHE B 818 13.89 -20.28 32.80
C PHE B 818 14.82 -20.90 33.85
N TRP B 819 15.79 -20.11 34.32
CA TRP B 819 16.67 -20.55 35.42
C TRP B 819 18.00 -21.19 34.94
N SER B 820 18.79 -20.52 34.10
CA SER B 820 20.06 -21.13 33.62
C SER B 820 21.26 -20.17 33.70
N SER B 821 22.27 -20.62 34.45
CA SER B 821 23.53 -19.88 34.68
C SER B 821 24.75 -20.63 34.12
N ILE B 822 25.80 -19.87 33.91
CA ILE B 822 27.10 -20.35 33.40
C ILE B 822 26.96 -20.80 31.93
N PRO B 823 25.80 -20.56 31.29
CA PRO B 823 25.57 -20.93 29.90
C PRO B 823 26.49 -20.17 29.01
N SER B 824 25.97 -19.80 27.86
CA SER B 824 26.78 -19.04 26.92
C SER B 824 28.18 -19.13 27.46
N TRP B 825 29.00 -19.91 26.80
CA TRP B 825 30.37 -20.10 27.27
C TRP B 825 31.19 -18.83 27.06
N GLN B 826 31.11 -18.31 25.87
CA GLN B 826 31.83 -17.10 25.52
C GLN B 826 31.40 -15.96 26.45
N LEU B 827 30.10 -15.91 26.68
CA LEU B 827 29.52 -14.89 27.57
C LEU B 827 30.11 -15.00 28.97
N SER B 828 30.12 -16.23 29.47
CA SER B 828 30.64 -16.51 30.82
C SER B 828 32.12 -16.11 30.89
N GLY B 829 32.85 -16.51 29.88
CA GLY B 829 34.28 -16.20 29.77
C GLY B 829 34.48 -14.69 29.95
N ALA B 830 33.60 -13.96 29.29
CA ALA B 830 33.60 -12.50 29.32
C ALA B 830 33.33 -12.01 30.75
N ILE B 831 32.37 -12.66 31.37
CA ILE B 831 31.98 -12.29 32.75
C ILE B 831 33.19 -12.33 33.67
N PHE B 832 33.87 -13.45 33.65
CA PHE B 832 35.04 -13.64 34.51
C PHE B 832 36.09 -12.60 34.18
N LEU B 833 36.42 -12.50 32.91
CA LEU B 833 37.42 -11.53 32.49
C LEU B 833 37.00 -10.13 32.94
N VAL B 834 35.75 -9.80 32.65
CA VAL B 834 35.21 -8.48 33.00
C VAL B 834 35.32 -8.25 34.50
N ASP B 835 35.00 -9.28 35.25
CA ASP B 835 35.07 -9.21 36.70
C ASP B 835 36.50 -8.91 37.12
N ILE B 836 37.43 -9.51 36.42
CA ILE B 836 38.84 -9.34 36.71
C ILE B 836 39.23 -7.87 36.65
N LEU B 837 38.80 -7.21 35.58
CA LEU B 837 39.09 -5.78 35.39
C LEU B 837 38.69 -5.02 36.65
N ALA B 838 37.51 -5.37 37.12
CA ALA B 838 36.90 -4.74 38.30
C ALA B 838 37.79 -4.94 39.53
N THR B 839 38.22 -6.18 39.74
CA THR B 839 39.05 -6.51 40.91
C THR B 839 40.33 -5.68 40.89
N CYS B 840 41.03 -5.72 39.78
CA CYS B 840 42.28 -4.96 39.65
C CYS B 840 41.98 -3.48 39.84
N PHE B 841 40.90 -3.07 39.23
CA PHE B 841 40.45 -1.67 39.28
C PHE B 841 40.26 -1.23 40.73
N THR B 842 39.95 -2.20 41.58
CA THR B 842 39.72 -1.91 43.00
C THR B 842 40.95 -2.23 43.84
N ILE B 843 41.61 -3.31 43.51
CA ILE B 843 42.79 -3.76 44.26
C ILE B 843 43.82 -2.63 44.34
N TRP B 844 44.79 -2.72 43.44
CA TRP B 844 45.85 -1.72 43.37
C TRP B 844 45.42 -0.57 42.49
N GLY B 845 45.61 0.55 43.11
CA GLY B 845 45.22 1.86 42.68
C GLY B 845 44.44 2.43 43.86
N TRP B 846 43.55 1.57 44.35
CA TRP B 846 42.67 1.88 45.49
C TRP B 846 42.96 0.98 46.71
N PHE B 847 44.10 0.30 46.70
CA PHE B 847 44.46 -0.66 47.77
C PHE B 847 44.40 -0.06 49.19
N GLU B 848 44.53 1.25 49.31
CA GLU B 848 44.58 1.90 50.64
C GLU B 848 43.25 2.49 51.11
N HIS B 849 42.24 2.44 50.27
CA HIS B 849 40.96 3.05 50.64
C HIS B 849 39.80 2.06 50.63
N SER B 850 40.10 0.77 50.63
CA SER B 850 39.04 -0.25 50.60
C SER B 850 38.61 -0.63 52.04
N ASP B 851 37.30 -0.56 52.19
CA ASP B 851 36.57 -0.89 53.43
C ASP B 851 35.40 -1.81 53.11
N THR B 852 34.85 -1.55 51.92
CA THR B 852 33.68 -2.25 51.38
C THR B 852 34.04 -3.62 50.79
N SER B 853 35.33 -3.84 50.66
CA SER B 853 35.87 -5.07 50.03
C SER B 853 35.68 -6.33 50.91
N ILE B 854 35.45 -6.14 52.19
CA ILE B 854 35.33 -7.27 53.13
C ILE B 854 33.90 -7.82 53.23
N VAL B 855 32.94 -6.95 53.55
CA VAL B 855 31.56 -7.41 53.80
C VAL B 855 30.60 -6.68 52.85
N ALA B 856 31.14 -5.90 51.97
CA ALA B 856 30.37 -5.22 50.94
C ALA B 856 30.36 -6.11 49.70
N VAL B 857 31.50 -6.78 49.54
CA VAL B 857 31.72 -7.69 48.40
C VAL B 857 30.84 -8.92 48.51
N VAL B 858 30.80 -9.49 49.71
CA VAL B 858 29.99 -10.69 49.93
C VAL B 858 28.52 -10.41 49.63
N ARG B 859 28.10 -9.25 50.06
CA ARG B 859 26.73 -8.79 49.88
C ARG B 859 26.39 -8.78 48.39
N ILE B 860 27.39 -8.51 47.58
CA ILE B 860 27.18 -8.50 46.14
C ILE B 860 26.71 -9.87 45.67
N TRP B 861 27.48 -10.86 46.06
CA TRP B 861 27.21 -12.25 45.70
C TRP B 861 25.83 -12.68 46.18
N ILE B 862 25.52 -12.36 47.43
CA ILE B 862 24.26 -12.78 48.03
C ILE B 862 23.13 -12.17 47.20
N PHE B 863 23.35 -11.03 46.59
CA PHE B 863 22.30 -10.38 45.79
C PHE B 863 22.58 -10.50 44.31
N SER B 864 23.76 -10.98 44.01
CA SER B 864 24.13 -11.19 42.61
C SER B 864 23.40 -12.41 42.12
N PHE B 865 22.50 -12.87 42.93
CA PHE B 865 21.81 -14.07 42.60
C PHE B 865 20.33 -13.83 42.33
N GLY B 866 19.73 -13.03 43.18
CA GLY B 866 18.30 -12.72 43.10
C GLY B 866 17.88 -12.39 41.65
N ILE B 867 18.83 -11.91 40.87
CA ILE B 867 18.53 -11.52 39.48
C ILE B 867 18.21 -12.77 38.64
N PHE B 868 18.97 -13.81 38.89
CA PHE B 868 18.78 -15.08 38.18
C PHE B 868 17.43 -15.68 38.54
N CYS B 869 17.15 -15.69 39.82
CA CYS B 869 15.91 -16.25 40.36
C CYS B 869 14.69 -15.48 39.82
N ILE B 870 14.82 -14.17 39.75
CA ILE B 870 13.72 -13.33 39.27
C ILE B 870 13.31 -13.75 37.86
N MET B 871 14.31 -14.02 37.05
CA MET B 871 14.11 -14.42 35.65
C MET B 871 13.47 -15.82 35.59
N GLY B 872 14.02 -16.70 36.40
CA GLY B 872 13.57 -18.09 36.48
C GLY B 872 12.04 -18.16 36.60
N GLY B 873 11.50 -17.21 37.34
CA GLY B 873 10.06 -17.11 37.58
C GLY B 873 9.35 -16.59 36.34
N VAL B 874 9.92 -15.54 35.80
CA VAL B 874 9.39 -14.89 34.61
C VAL B 874 9.28 -15.91 33.47
N TYR B 875 10.34 -16.68 33.33
CA TYR B 875 10.51 -17.69 32.27
C TYR B 875 9.47 -18.84 32.35
N TYR B 876 8.98 -19.15 33.57
CA TYR B 876 8.11 -20.36 33.84
C TYR B 876 6.55 -20.14 33.62
N ILE B 877 6.09 -18.89 33.62
CA ILE B 877 4.66 -18.39 33.41
C ILE B 877 3.44 -19.41 33.33
N LEU B 878 2.37 -19.03 34.11
CA LEU B 878 1.05 -19.74 34.24
C LEU B 878 -0.11 -18.72 34.23
N GLN B 879 -1.08 -18.96 33.37
CA GLN B 879 -2.27 -18.08 33.22
C GLN B 879 -3.36 -18.50 34.21
N ASP B 880 -4.11 -17.49 34.64
CA ASP B 880 -5.24 -17.68 35.57
C ASP B 880 -6.52 -17.16 34.92
N SER B 881 -7.54 -18.00 34.96
CA SER B 881 -8.86 -17.65 34.43
C SER B 881 -9.88 -17.80 35.59
N VAL B 882 -10.87 -16.91 35.65
CA VAL B 882 -11.92 -17.00 36.70
C VAL B 882 -12.91 -18.13 36.30
N GLY B 883 -12.92 -19.10 37.18
CA GLY B 883 -13.67 -20.39 37.11
C GLY B 883 -14.96 -20.37 36.27
N PHE B 884 -15.28 -19.27 35.63
CA PHE B 884 -16.50 -19.21 34.80
C PHE B 884 -16.16 -19.49 33.31
N ASP B 885 -14.91 -19.15 32.95
CA ASP B 885 -14.36 -19.31 31.55
C ASP B 885 -14.29 -20.79 31.15
N ASN B 886 -13.77 -21.58 32.07
CA ASN B 886 -13.61 -23.03 31.87
C ASN B 886 -14.98 -23.73 31.83
N LEU B 887 -15.90 -23.14 32.56
CA LEU B 887 -17.28 -23.65 32.69
C LEU B 887 -17.97 -23.68 31.32
N MET B 888 -17.81 -22.58 30.60
CA MET B 888 -18.37 -22.41 29.26
C MET B 888 -17.91 -23.57 28.41
N HIS B 889 -16.76 -24.00 28.76
CA HIS B 889 -16.14 -25.11 28.10
C HIS B 889 -16.93 -26.37 28.42
N GLY B 890 -17.41 -26.41 29.66
CA GLY B 890 -18.20 -27.53 30.16
C GLY B 890 -19.45 -27.69 29.29
N LYS B 891 -19.79 -26.58 28.67
CA LYS B 891 -20.96 -26.46 27.80
C LYS B 891 -20.61 -26.89 26.38
N SER B 892 -19.50 -26.36 25.90
CA SER B 892 -19.01 -26.72 24.58
C SER B 892 -19.28 -28.21 24.41
N PRO B 893 -19.13 -29.00 25.50
CA PRO B 893 -19.42 -30.43 25.46
C PRO B 893 -20.85 -30.61 25.00
N LYS B 894 -20.92 -31.31 23.88
CA LYS B 894 -22.14 -31.56 23.07
C LYS B 894 -22.20 -30.40 22.08
N GLY B 895 -22.87 -30.59 20.98
CA GLY B 895 -22.87 -29.57 19.95
C GLY B 895 -21.51 -29.67 19.26
N ASN B 896 -20.54 -29.97 20.11
CA ASN B 896 -19.16 -30.27 19.69
C ASN B 896 -19.18 -31.72 19.23
N GLN B 897 -19.80 -32.49 20.09
CA GLN B 897 -20.06 -33.92 19.90
C GLN B 897 -21.12 -34.08 18.83
N LYS B 898 -22.13 -33.24 18.97
CA LYS B 898 -23.27 -33.19 18.03
C LYS B 898 -22.77 -32.88 16.62
N GLN B 899 -21.94 -31.86 16.56
CA GLN B 899 -21.34 -31.38 15.31
C GLN B 899 -20.55 -32.51 14.67
N ARG B 900 -19.73 -33.14 15.49
CA ARG B 900 -18.86 -34.25 15.06
C ARG B 900 -19.70 -35.39 14.48
N SER B 901 -20.74 -35.72 15.23
CA SER B 901 -21.67 -36.80 14.85
C SER B 901 -22.31 -36.49 13.49
N LEU B 902 -22.78 -35.25 13.38
CA LEU B 902 -23.42 -34.76 12.15
C LEU B 902 -22.45 -34.87 10.99
N GLU B 903 -21.27 -34.29 11.20
CA GLU B 903 -20.21 -34.35 10.20
C GLU B 903 -20.05 -35.80 9.74
N ASP B 904 -19.96 -36.65 10.74
CA ASP B 904 -19.80 -38.09 10.56
C ASP B 904 -20.99 -38.65 9.76
N PHE B 905 -22.21 -38.34 10.21
CA PHE B 905 -23.39 -38.80 9.47
C PHE B 905 -23.12 -38.60 7.97
N VAL B 906 -23.20 -37.35 7.53
CA VAL B 906 -22.95 -37.00 6.11
C VAL B 906 -21.64 -37.58 5.67
N VAL B 907 -20.67 -37.37 6.51
CA VAL B 907 -19.37 -37.97 6.19
C VAL B 907 -19.53 -39.47 5.94
N SER B 908 -20.67 -40.01 6.46
CA SER B 908 -21.00 -41.44 6.35
C SER B 908 -21.60 -41.72 4.97
N LEU B 909 -22.44 -40.80 4.51
CA LEU B 909 -23.09 -40.90 3.20
C LEU B 909 -22.02 -40.94 2.11
N GLN B 910 -20.99 -40.15 2.33
CA GLN B 910 -19.88 -39.94 1.39
C GLN B 910 -19.02 -41.21 1.20
N ARG B 911 -19.19 -42.16 2.10
CA ARG B 911 -18.44 -43.43 2.03
C ARG B 911 -19.00 -44.30 0.89
N VAL B 912 -20.21 -43.98 0.49
CA VAL B 912 -20.95 -44.74 -0.55
C VAL B 912 -22.01 -43.86 -1.21
N SER B 913 -21.54 -42.84 -1.89
CA SER B 913 -22.43 -41.87 -2.55
C SER B 913 -23.35 -42.58 -3.54
N THR B 914 -22.81 -43.42 -4.38
CA THR B 914 -23.59 -44.01 -5.49
C THR B 914 -24.72 -44.92 -4.96
N GLN B 915 -24.43 -45.78 -4.00
CA GLN B 915 -25.39 -46.74 -3.45
C GLN B 915 -26.69 -46.01 -3.13
N HIS B 916 -26.45 -45.03 -2.26
CA HIS B 916 -27.41 -44.08 -1.67
C HIS B 916 -28.30 -43.47 -2.74
N GLU B 917 -27.63 -42.93 -3.74
CA GLU B 917 -28.29 -42.30 -4.89
C GLU B 917 -29.23 -43.33 -5.52
N LYS B 918 -28.67 -44.50 -5.77
CA LYS B 918 -29.39 -45.62 -6.39
C LYS B 918 -30.63 -45.97 -5.54
N SER B 919 -30.41 -46.08 -4.24
CA SER B 919 -31.47 -46.38 -3.28
C SER B 919 -32.55 -45.30 -3.37
N GLN B 920 -32.16 -44.06 -3.31
CA GLN B 920 -33.08 -42.92 -3.38
C GLN B 920 -33.91 -43.00 -4.67
#